data_1LF6
#
_entry.id   1LF6
#
_cell.length_a   81.186
_cell.length_b   102.513
_cell.length_c   164.820
_cell.angle_alpha   90.00
_cell.angle_beta   90.00
_cell.angle_gamma   90.00
#
_symmetry.space_group_name_H-M   'P 21 21 21'
#
loop_
_entity.id
_entity.type
_entity.pdbx_description
1 polymer glucoamylase
2 non-polymer 'SULFATE ION'
3 water water
#
_entity_poly.entity_id   1
_entity_poly.type   'polypeptide(L)'
_entity_poly.pdbx_seq_one_letter_code
;VLSGCSNNVSSIKIDRFNNISAVNGPGEEDTWASAQKQGVGTANNYVSKVWFTLANGAISEVYYPTIDTADVKEIKFIVT
DGKSFVPDETKDAISKVEKFTDKSLGYKLVNTDKKGRYRITKDIFTDVKRNSLIMKAKFEALEGSIHDYKLYLAYDPHIK
NQGSYNEGYVIKANNNEMLMAKRDNVYTALSSNIGWKGYSIGYYKVNDIMTDLDENKQMTKHYDSARGNIIEGAEIDLTK
NSEFEIVLSFGQSDSEAAKTALETLGEDYNNLKNNYIDEWTKYCNTLNNFNGKANSLYYNSMMILKASEDKTNKGAYIAS
LSIPWGDGQRDDNTGGYHLVWSRDLYHVANAFIAAGDVDSANRSLDYLAKVVKDNGMIPQNTWISGKPYWTGIQLDEQAD
PIILSYRLKRYDLYDSLVKPLADFIIKIGPKTGQERWEEIGGYSPATMAAEVAGLTCAAYIAEQNKDYESAQKYQEKADN
WQKLIDNLTYTENGPLGNGQYYIRIAGLSDPDADFMINIANGGGVYDQKEIVDPSFLELVRLGVKSADDPKILNTLKVVD
STIKVDTPKGPSWYRYNHDGYGEPSKTELYHGAGKGRLWPLLTGERGMYEIAAGKDATPYVKAMEKFANEGGIISEQVWE
DTGLPTDSASPLNWAHAEYVILFASNIEHKVLDMPDIVYKRYVA
;
_entity_poly.pdbx_strand_id   A,B
#
# COMPACT_ATOMS: atom_id res chain seq x y z
N SER A 11 -52.81 22.26 -21.17
CA SER A 11 -52.31 21.38 -20.08
C SER A 11 -52.42 22.08 -18.72
N ILE A 12 -51.55 23.06 -18.49
CA ILE A 12 -51.54 23.81 -17.24
C ILE A 12 -51.39 25.30 -17.51
N LYS A 13 -51.88 26.12 -16.60
CA LYS A 13 -51.78 27.57 -16.74
C LYS A 13 -50.98 28.16 -15.59
N ILE A 14 -49.67 28.29 -15.79
CA ILE A 14 -48.79 28.85 -14.78
C ILE A 14 -48.47 30.32 -15.07
N ASP A 15 -48.68 31.17 -14.06
CA ASP A 15 -48.41 32.59 -14.20
C ASP A 15 -47.38 33.03 -13.16
N ARG A 16 -46.26 33.57 -13.62
CA ARG A 16 -45.21 34.03 -12.73
C ARG A 16 -45.27 35.55 -12.59
N PHE A 17 -44.87 36.05 -11.44
CA PHE A 17 -44.89 37.49 -11.19
C PHE A 17 -43.76 37.91 -10.26
N ASN A 18 -43.14 39.04 -10.57
CA ASN A 18 -42.06 39.57 -9.76
C ASN A 18 -42.44 40.98 -9.31
N ASN A 19 -43.33 41.03 -8.33
CA ASN A 19 -43.83 42.29 -7.81
C ASN A 19 -42.85 42.98 -6.86
N ILE A 20 -42.23 42.19 -5.98
CA ILE A 20 -41.29 42.74 -5.01
C ILE A 20 -40.14 41.75 -4.74
N SER A 21 -38.92 42.19 -5.00
CA SER A 21 -37.75 41.34 -4.77
C SER A 21 -37.18 41.58 -3.38
N ALA A 22 -36.63 40.54 -2.79
CA ALA A 22 -36.03 40.66 -1.45
C ALA A 22 -34.82 41.58 -1.56
N VAL A 23 -34.45 42.20 -0.45
CA VAL A 23 -33.32 43.13 -0.46
C VAL A 23 -32.20 42.73 0.49
N ASN A 24 -31.01 43.28 0.24
CA ASN A 24 -29.83 43.03 1.05
C ASN A 24 -29.41 41.56 1.12
N GLY A 25 -29.36 40.91 -0.04
CA GLY A 25 -28.96 39.52 -0.08
C GLY A 25 -27.45 39.42 -0.01
N PRO A 26 -26.88 38.22 -0.22
CA PRO A 26 -27.56 36.96 -0.53
C PRO A 26 -27.93 36.20 0.74
N GLY A 27 -27.74 36.83 1.88
CA GLY A 27 -28.05 36.19 3.14
C GLY A 27 -26.82 35.52 3.73
N GLU A 28 -26.90 35.15 4.99
CA GLU A 28 -25.81 34.50 5.69
C GLU A 28 -25.75 33.01 5.35
N GLU A 29 -24.60 32.38 5.60
CA GLU A 29 -24.35 30.98 5.31
C GLU A 29 -25.08 30.16 6.37
N ASP A 30 -25.36 28.99 5.90
CA ASP A 30 -26.27 28.06 6.60
C ASP A 30 -25.49 26.77 6.82
N THR A 31 -26.16 25.77 7.30
CA THR A 31 -25.64 24.52 7.77
C THR A 31 -26.66 23.43 7.53
N TRP A 32 -26.29 22.18 7.58
CA TRP A 32 -27.33 21.14 7.44
C TRP A 32 -27.98 20.90 8.78
N ALA A 33 -28.99 20.04 8.77
CA ALA A 33 -29.70 19.66 9.99
C ALA A 33 -28.98 18.59 10.80
N SER A 34 -29.39 18.44 12.06
CA SER A 34 -28.82 17.46 12.95
C SER A 34 -28.89 16.09 12.28
N ALA A 35 -27.81 15.32 12.41
CA ALA A 35 -27.74 13.98 11.81
C ALA A 35 -28.53 12.93 12.58
N GLN A 36 -28.99 13.26 13.78
CA GLN A 36 -29.78 12.34 14.58
C GLN A 36 -31.20 12.42 14.00
N LYS A 37 -31.64 11.33 13.39
CA LYS A 37 -32.95 11.31 12.75
C LYS A 37 -34.03 10.55 13.49
N GLN A 38 -35.22 11.12 13.51
CA GLN A 38 -36.38 10.50 14.14
C GLN A 38 -36.98 9.50 13.16
N GLY A 39 -36.67 9.69 11.88
CA GLY A 39 -37.18 8.81 10.87
C GLY A 39 -36.66 9.12 9.49
N VAL A 40 -36.77 8.14 8.59
CA VAL A 40 -36.35 8.29 7.22
C VAL A 40 -37.36 7.52 6.36
N GLY A 41 -37.59 7.97 5.14
CA GLY A 41 -38.55 7.26 4.31
C GLY A 41 -38.51 7.58 2.83
N THR A 42 -39.25 6.78 2.07
CA THR A 42 -39.35 6.92 0.64
C THR A 42 -40.36 5.87 0.20
N ALA A 43 -40.99 6.07 -0.95
CA ALA A 43 -41.96 5.11 -1.44
C ALA A 43 -41.19 3.84 -1.78
N ASN A 44 -41.81 2.69 -1.55
CA ASN A 44 -41.18 1.42 -1.84
C ASN A 44 -41.33 1.03 -3.32
N ASN A 45 -40.83 1.90 -4.20
CA ASN A 45 -40.85 1.68 -5.63
C ASN A 45 -39.82 2.59 -6.27
N TYR A 46 -39.49 2.34 -7.54
CA TYR A 46 -38.48 3.14 -8.22
C TYR A 46 -38.99 4.37 -8.94
N VAL A 47 -40.31 4.49 -9.04
CA VAL A 47 -40.94 5.62 -9.72
C VAL A 47 -40.80 6.91 -8.90
N SER A 48 -41.25 6.87 -7.65
CA SER A 48 -41.18 8.04 -6.77
C SER A 48 -39.76 8.23 -6.26
N LYS A 49 -39.00 9.08 -6.93
CA LYS A 49 -37.63 9.34 -6.56
C LYS A 49 -37.45 10.49 -5.57
N VAL A 50 -38.06 10.33 -4.40
CA VAL A 50 -38.00 11.31 -3.33
C VAL A 50 -37.77 10.61 -1.99
N TRP A 51 -36.81 11.10 -1.23
CA TRP A 51 -36.50 10.54 0.10
C TRP A 51 -36.60 11.67 1.11
N PHE A 52 -37.05 11.37 2.32
CA PHE A 52 -37.15 12.38 3.36
C PHE A 52 -36.57 11.87 4.67
N THR A 53 -36.20 12.80 5.55
CA THR A 53 -35.67 12.46 6.87
C THR A 53 -36.34 13.41 7.85
N LEU A 54 -36.46 12.97 9.11
CA LEU A 54 -37.08 13.77 10.16
C LEU A 54 -36.08 14.00 11.29
N ALA A 55 -36.11 15.18 11.88
CA ALA A 55 -35.22 15.52 12.98
C ALA A 55 -35.79 16.70 13.76
N ASN A 56 -35.69 16.64 15.08
CA ASN A 56 -36.18 17.69 15.94
C ASN A 56 -37.63 18.08 15.67
N GLY A 57 -38.47 17.07 15.42
CA GLY A 57 -39.88 17.31 15.18
C GLY A 57 -40.25 17.88 13.84
N ALA A 58 -39.31 17.90 12.89
CA ALA A 58 -39.61 18.44 11.59
C ALA A 58 -38.85 17.78 10.46
N ILE A 59 -39.38 17.92 9.26
CA ILE A 59 -38.76 17.36 8.08
C ILE A 59 -37.39 18.02 7.96
N SER A 60 -36.35 17.22 7.80
CA SER A 60 -35.01 17.76 7.62
C SER A 60 -34.64 17.60 6.15
N GLU A 61 -33.52 16.97 5.85
CA GLU A 61 -33.12 16.80 4.45
C GLU A 61 -34.12 16.00 3.62
N VAL A 62 -34.31 16.42 2.38
CA VAL A 62 -35.19 15.75 1.44
C VAL A 62 -34.36 15.56 0.18
N TYR A 63 -34.41 14.36 -0.39
CA TYR A 63 -33.61 14.02 -1.55
C TYR A 63 -34.39 13.78 -2.84
N TYR A 64 -33.81 14.22 -3.96
CA TYR A 64 -34.38 14.07 -5.30
C TYR A 64 -33.38 14.59 -6.32
N PRO A 65 -33.23 13.89 -7.46
CA PRO A 65 -33.92 12.66 -7.84
C PRO A 65 -33.11 11.41 -7.49
N THR A 66 -31.98 11.61 -6.82
CA THR A 66 -31.11 10.51 -6.42
C THR A 66 -30.92 10.58 -4.92
N ILE A 67 -30.58 9.45 -4.31
CA ILE A 67 -30.40 9.40 -2.87
C ILE A 67 -29.19 10.18 -2.34
N ASP A 68 -28.36 10.71 -3.23
CA ASP A 68 -27.21 11.50 -2.80
C ASP A 68 -27.38 12.97 -3.20
N THR A 69 -28.59 13.34 -3.57
CA THR A 69 -28.88 14.71 -3.96
C THR A 69 -29.90 15.34 -3.00
N ALA A 70 -29.38 15.98 -1.96
CA ALA A 70 -30.24 16.64 -0.98
C ALA A 70 -30.62 17.98 -1.58
N ASP A 71 -31.87 18.37 -1.43
CA ASP A 71 -32.36 19.62 -2.00
C ASP A 71 -33.00 20.50 -0.94
N VAL A 72 -33.25 19.92 0.23
CA VAL A 72 -33.90 20.65 1.31
C VAL A 72 -33.14 20.50 2.63
N LYS A 73 -33.10 21.57 3.41
CA LYS A 73 -32.42 21.53 4.69
C LYS A 73 -33.46 21.27 5.78
N GLU A 74 -34.58 21.99 5.69
CA GLU A 74 -35.66 21.85 6.65
C GLU A 74 -36.99 22.43 6.17
N ILE A 75 -38.05 22.02 6.87
CA ILE A 75 -39.41 22.49 6.62
C ILE A 75 -40.02 22.42 8.02
N LYS A 76 -40.13 23.59 8.67
CA LYS A 76 -40.66 23.63 10.02
C LYS A 76 -41.72 24.69 10.23
N PHE A 77 -42.42 24.57 11.36
CA PHE A 77 -43.47 25.52 11.72
C PHE A 77 -43.00 26.48 12.79
N ILE A 78 -43.46 27.72 12.69
CA ILE A 78 -43.13 28.75 13.68
C ILE A 78 -44.47 29.31 14.13
N VAL A 79 -44.66 29.40 15.44
CA VAL A 79 -45.91 29.92 15.99
C VAL A 79 -45.68 31.12 16.89
N THR A 80 -46.64 32.03 16.89
CA THR A 80 -46.56 33.23 17.71
C THR A 80 -47.96 33.69 18.09
N ASP A 81 -48.04 34.62 19.03
CA ASP A 81 -49.32 35.17 19.47
C ASP A 81 -49.51 36.53 18.81
N GLY A 82 -48.53 36.93 18.00
CA GLY A 82 -48.59 38.21 17.32
C GLY A 82 -48.32 39.35 18.26
N LYS A 83 -47.94 39.02 19.49
CA LYS A 83 -47.68 40.03 20.51
C LYS A 83 -46.29 39.94 21.14
N SER A 84 -45.96 38.79 21.70
CA SER A 84 -44.66 38.63 22.34
C SER A 84 -43.83 37.41 21.96
N PHE A 85 -44.20 36.24 22.47
CA PHE A 85 -43.44 35.01 22.20
C PHE A 85 -43.45 34.53 20.74
N VAL A 86 -42.35 33.87 20.37
CA VAL A 86 -42.17 33.33 19.03
C VAL A 86 -41.38 32.02 19.11
N PRO A 87 -42.08 30.89 19.33
CA PRO A 87 -41.39 29.60 19.43
C PRO A 87 -41.19 28.84 18.11
N ASP A 88 -40.00 28.27 17.98
CA ASP A 88 -39.61 27.47 16.82
C ASP A 88 -39.83 26.04 17.29
N GLU A 89 -40.77 25.34 16.65
CA GLU A 89 -41.10 23.97 17.05
C GLU A 89 -39.87 23.05 17.15
N THR A 90 -38.89 23.25 16.27
CA THR A 90 -37.71 22.41 16.28
C THR A 90 -36.81 22.58 17.50
N LYS A 91 -37.12 23.56 18.35
CA LYS A 91 -36.31 23.76 19.55
C LYS A 91 -37.10 24.16 20.79
N ASP A 92 -38.32 24.65 20.60
CA ASP A 92 -39.13 25.08 21.74
C ASP A 92 -40.30 24.15 22.03
N ALA A 93 -40.28 22.95 21.45
CA ALA A 93 -41.35 21.99 21.67
C ALA A 93 -40.79 20.58 21.80
N ILE A 94 -41.51 19.72 22.51
CA ILE A 94 -41.08 18.33 22.69
C ILE A 94 -41.73 17.51 21.59
N SER A 95 -40.93 16.74 20.87
CA SER A 95 -41.44 15.92 19.78
C SER A 95 -41.51 14.44 20.11
N LYS A 96 -42.60 13.81 19.71
CA LYS A 96 -42.82 12.39 19.93
C LYS A 96 -43.03 11.80 18.54
N VAL A 97 -42.30 10.74 18.22
CA VAL A 97 -42.45 10.12 16.92
C VAL A 97 -42.96 8.68 17.00
N GLU A 98 -43.73 8.27 16.01
CA GLU A 98 -44.25 6.92 15.92
C GLU A 98 -44.59 6.68 14.46
N LYS A 99 -44.42 5.44 13.98
CA LYS A 99 -44.73 5.14 12.58
C LYS A 99 -46.20 4.80 12.43
N PHE A 100 -46.72 4.92 11.21
CA PHE A 100 -48.13 4.60 10.94
C PHE A 100 -48.39 3.18 11.40
N THR A 101 -47.49 2.27 11.02
CA THR A 101 -47.56 0.86 11.40
C THR A 101 -46.13 0.34 11.53
N ASP A 102 -45.98 -0.87 12.04
CA ASP A 102 -44.68 -1.49 12.20
C ASP A 102 -44.12 -1.99 10.87
N LYS A 103 -44.89 -1.87 9.80
CA LYS A 103 -44.42 -2.33 8.50
C LYS A 103 -44.53 -1.26 7.43
N SER A 104 -44.30 -0.02 7.83
CA SER A 104 -44.35 1.12 6.90
C SER A 104 -43.48 2.28 7.42
N LEU A 105 -42.77 2.93 6.50
CA LEU A 105 -41.92 4.05 6.87
C LEU A 105 -42.67 5.37 6.77
N GLY A 106 -43.87 5.38 7.34
CA GLY A 106 -44.71 6.57 7.35
C GLY A 106 -44.65 7.03 8.80
N TYR A 107 -44.62 8.34 9.02
CA TYR A 107 -44.51 8.83 10.38
C TYR A 107 -45.54 9.86 10.85
N LYS A 108 -45.78 9.83 12.16
CA LYS A 108 -46.67 10.74 12.83
C LYS A 108 -45.82 11.44 13.87
N LEU A 109 -45.88 12.76 13.89
CA LEU A 109 -45.11 13.54 14.85
C LEU A 109 -46.06 14.39 15.69
N VAL A 110 -45.84 14.41 16.99
CA VAL A 110 -46.65 15.20 17.89
C VAL A 110 -45.69 16.12 18.62
N ASN A 111 -45.73 17.41 18.29
CA ASN A 111 -44.86 18.37 18.93
C ASN A 111 -45.66 19.21 19.92
N THR A 112 -45.29 19.10 21.19
CA THR A 112 -45.97 19.82 22.25
C THR A 112 -45.12 20.95 22.81
N ASP A 113 -45.60 22.18 22.64
CA ASP A 113 -44.92 23.38 23.12
C ASP A 113 -44.41 23.17 24.55
N LYS A 114 -43.15 23.50 24.77
CA LYS A 114 -42.56 23.35 26.10
C LYS A 114 -43.30 24.18 27.14
N LYS A 115 -43.98 25.22 26.68
CA LYS A 115 -44.73 26.08 27.59
C LYS A 115 -46.21 25.70 27.60
N GLY A 116 -46.52 24.58 26.94
CA GLY A 116 -47.88 24.07 26.89
C GLY A 116 -48.95 25.00 26.34
N ARG A 117 -48.60 25.77 25.31
CA ARG A 117 -49.56 26.69 24.72
C ARG A 117 -50.18 26.12 23.45
N TYR A 118 -49.39 25.33 22.71
CA TYR A 118 -49.87 24.73 21.47
C TYR A 118 -49.39 23.30 21.27
N ARG A 119 -49.89 22.68 20.22
CA ARG A 119 -49.53 21.32 19.86
C ARG A 119 -49.71 21.16 18.36
N ILE A 120 -48.70 20.62 17.69
CA ILE A 120 -48.78 20.42 16.26
C ILE A 120 -48.60 18.92 15.96
N THR A 121 -49.52 18.36 15.20
CA THR A 121 -49.46 16.95 14.85
C THR A 121 -49.24 16.81 13.35
N LYS A 122 -48.29 15.95 12.96
CA LYS A 122 -47.99 15.77 11.55
C LYS A 122 -48.07 14.32 11.05
N ASP A 123 -48.37 14.18 9.77
CA ASP A 123 -48.45 12.90 9.10
C ASP A 123 -47.57 13.10 7.89
N ILE A 124 -46.46 12.36 7.82
CA ILE A 124 -45.51 12.52 6.73
C ILE A 124 -45.20 11.25 5.95
N PHE A 125 -45.19 11.38 4.63
CA PHE A 125 -44.91 10.26 3.72
C PHE A 125 -44.83 10.83 2.32
N THR A 126 -44.62 9.98 1.33
CA THR A 126 -44.53 10.45 -0.05
C THR A 126 -45.61 9.87 -0.95
N ASP A 127 -45.74 10.45 -2.14
CA ASP A 127 -46.71 10.02 -3.14
C ASP A 127 -46.06 8.87 -3.91
N VAL A 128 -46.64 7.67 -3.77
CA VAL A 128 -46.10 6.49 -4.44
C VAL A 128 -46.04 6.61 -5.96
N LYS A 129 -46.89 7.47 -6.54
CA LYS A 129 -46.94 7.63 -7.99
C LYS A 129 -46.10 8.74 -8.58
N ARG A 130 -45.78 9.76 -7.79
CA ARG A 130 -45.00 10.88 -8.31
C ARG A 130 -44.04 11.48 -7.29
N ASN A 131 -43.15 12.35 -7.74
CA ASN A 131 -42.15 12.98 -6.88
C ASN A 131 -42.65 14.11 -5.98
N SER A 132 -43.37 13.76 -4.93
CA SER A 132 -43.88 14.76 -4.01
C SER A 132 -43.87 14.27 -2.56
N LEU A 133 -43.51 15.17 -1.65
CA LEU A 133 -43.49 14.86 -0.23
C LEU A 133 -44.75 15.46 0.37
N ILE A 134 -45.44 14.69 1.21
CA ILE A 134 -46.68 15.14 1.80
C ILE A 134 -46.60 15.26 3.32
N MET A 135 -47.19 16.32 3.86
CA MET A 135 -47.24 16.53 5.29
C MET A 135 -48.59 17.09 5.70
N LYS A 136 -49.39 16.26 6.35
CA LYS A 136 -50.68 16.73 6.83
C LYS A 136 -50.37 17.24 8.23
N ALA A 137 -50.91 18.40 8.57
CA ALA A 137 -50.66 18.98 9.88
C ALA A 137 -51.93 19.61 10.43
N LYS A 138 -52.01 19.66 11.75
CA LYS A 138 -53.14 20.26 12.44
C LYS A 138 -52.60 21.00 13.65
N PHE A 139 -53.10 22.21 13.87
CA PHE A 139 -52.67 23.02 14.99
C PHE A 139 -53.71 23.01 16.10
N GLU A 140 -53.27 22.88 17.33
CA GLU A 140 -54.18 22.88 18.47
C GLU A 140 -53.76 23.89 19.53
N ALA A 141 -54.70 24.73 19.94
CA ALA A 141 -54.42 25.71 20.97
C ALA A 141 -54.67 25.04 22.33
N LEU A 142 -53.59 24.75 23.06
CA LEU A 142 -53.71 24.11 24.36
C LEU A 142 -54.26 25.09 25.40
N GLU A 143 -53.74 26.30 25.41
CA GLU A 143 -54.23 27.31 26.33
C GLU A 143 -54.76 28.47 25.51
N GLY A 144 -55.88 29.04 25.94
CA GLY A 144 -56.46 30.16 25.22
C GLY A 144 -57.20 29.69 23.99
N SER A 145 -57.35 30.58 23.01
CA SER A 145 -58.06 30.25 21.79
C SER A 145 -57.13 30.18 20.58
N ILE A 146 -57.57 29.45 19.56
CA ILE A 146 -56.77 29.31 18.35
C ILE A 146 -56.60 30.64 17.66
N HIS A 147 -57.63 31.49 17.71
CA HIS A 147 -57.58 32.80 17.08
C HIS A 147 -56.55 33.70 17.74
N ASP A 148 -55.96 33.23 18.83
CA ASP A 148 -54.95 34.00 19.54
C ASP A 148 -53.55 33.64 19.08
N TYR A 149 -53.48 32.77 18.07
CA TYR A 149 -52.18 32.31 17.56
C TYR A 149 -52.02 32.49 16.06
N LYS A 150 -50.77 32.55 15.62
CA LYS A 150 -50.44 32.68 14.20
C LYS A 150 -49.50 31.53 13.89
N LEU A 151 -49.70 30.89 12.75
CA LEU A 151 -48.86 29.76 12.36
C LEU A 151 -48.15 30.04 11.05
N TYR A 152 -46.83 29.91 11.05
CA TYR A 152 -46.04 30.15 9.85
C TYR A 152 -45.19 28.94 9.49
N LEU A 153 -45.03 28.73 8.19
CA LEU A 153 -44.24 27.62 7.68
C LEU A 153 -42.97 28.18 7.04
N ALA A 154 -41.82 27.64 7.44
CA ALA A 154 -40.53 28.09 6.91
C ALA A 154 -39.85 26.96 6.15
N TYR A 155 -39.76 27.12 4.84
CA TYR A 155 -39.14 26.14 3.96
C TYR A 155 -37.75 26.61 3.57
N ASP A 156 -36.73 25.81 3.85
CA ASP A 156 -35.35 26.18 3.50
C ASP A 156 -34.78 25.29 2.42
N PRO A 157 -34.81 25.76 1.17
CA PRO A 157 -34.26 24.94 0.08
C PRO A 157 -32.74 25.01 -0.03
N HIS A 158 -32.12 23.86 -0.22
CA HIS A 158 -30.67 23.74 -0.42
C HIS A 158 -30.53 22.85 -1.63
N ILE A 159 -31.06 23.31 -2.75
CA ILE A 159 -31.03 22.55 -3.99
C ILE A 159 -29.65 22.09 -4.42
N LYS A 160 -29.58 20.83 -4.81
CA LYS A 160 -28.34 20.20 -5.25
C LYS A 160 -27.20 20.31 -4.23
N ASN A 161 -27.50 19.92 -3.00
CA ASN A 161 -26.51 19.92 -1.91
C ASN A 161 -25.85 21.23 -1.51
N GLN A 162 -26.54 22.36 -1.67
CA GLN A 162 -25.94 23.63 -1.26
C GLN A 162 -27.02 24.64 -0.90
N GLY A 163 -26.81 25.32 0.22
CA GLY A 163 -27.78 26.31 0.67
C GLY A 163 -27.64 27.67 0.04
N SER A 164 -26.46 27.96 -0.51
CA SER A 164 -26.21 29.25 -1.13
C SER A 164 -26.73 29.29 -2.56
N TYR A 165 -26.92 30.50 -3.05
CA TYR A 165 -27.41 30.75 -4.41
C TYR A 165 -28.64 29.95 -4.82
N ASN A 166 -29.63 29.90 -3.95
CA ASN A 166 -30.89 29.22 -4.25
C ASN A 166 -31.84 30.29 -4.76
N GLU A 167 -32.37 30.10 -5.96
CA GLU A 167 -33.29 31.07 -6.54
C GLU A 167 -34.72 30.77 -6.13
N GLY A 168 -35.36 31.73 -5.45
CA GLY A 168 -36.72 31.55 -5.01
C GLY A 168 -37.66 32.56 -5.65
N TYR A 169 -38.89 32.11 -5.92
CA TYR A 169 -39.91 32.97 -6.51
C TYR A 169 -41.30 32.36 -6.32
N VAL A 170 -42.32 33.09 -6.73
CA VAL A 170 -43.69 32.62 -6.57
C VAL A 170 -44.46 32.61 -7.90
N ILE A 171 -45.27 31.58 -8.08
CA ILE A 171 -46.08 31.46 -9.29
C ILE A 171 -47.49 31.07 -8.89
N LYS A 172 -48.32 30.84 -9.89
CA LYS A 172 -49.70 30.44 -9.67
C LYS A 172 -50.02 29.40 -10.73
N ALA A 173 -50.31 28.19 -10.28
CA ALA A 173 -50.64 27.10 -11.19
C ALA A 173 -52.11 26.74 -10.96
N ASN A 174 -52.93 26.98 -11.98
CA ASN A 174 -54.36 26.70 -11.89
C ASN A 174 -54.93 27.28 -10.60
N ASN A 175 -54.70 28.58 -10.41
CA ASN A 175 -55.20 29.29 -9.23
C ASN A 175 -54.63 28.76 -7.93
N ASN A 176 -53.46 28.15 -8.00
CA ASN A 176 -52.80 27.61 -6.81
C ASN A 176 -51.47 28.33 -6.61
N GLU A 177 -51.35 29.04 -5.49
CA GLU A 177 -50.12 29.76 -5.19
C GLU A 177 -49.05 28.82 -4.67
N MET A 178 -47.98 28.67 -5.43
CA MET A 178 -46.88 27.79 -5.05
C MET A 178 -45.56 28.54 -4.94
N LEU A 179 -44.83 28.27 -3.86
CA LEU A 179 -43.52 28.89 -3.65
C LEU A 179 -42.53 28.01 -4.41
N MET A 180 -41.83 28.60 -5.36
CA MET A 180 -40.88 27.84 -6.17
C MET A 180 -39.42 28.10 -5.79
N ALA A 181 -38.58 27.12 -6.07
CA ALA A 181 -37.14 27.21 -5.79
C ALA A 181 -36.42 26.43 -6.88
N LYS A 182 -35.26 26.92 -7.31
CA LYS A 182 -34.52 26.24 -8.35
C LYS A 182 -33.03 26.48 -8.30
N ARG A 183 -32.30 25.58 -8.94
CA ARG A 183 -30.86 25.64 -9.06
C ARG A 183 -30.52 24.59 -10.09
N ASP A 184 -29.95 25.04 -11.21
CA ASP A 184 -29.63 24.14 -12.31
C ASP A 184 -30.92 23.49 -12.82
N ASN A 185 -30.89 22.18 -12.99
CA ASN A 185 -32.04 21.45 -13.50
C ASN A 185 -33.01 20.95 -12.42
N VAL A 186 -32.85 21.42 -11.19
CA VAL A 186 -33.73 20.97 -10.11
C VAL A 186 -34.68 22.04 -9.61
N TYR A 187 -35.98 21.77 -9.68
CA TYR A 187 -37.01 22.70 -9.23
C TYR A 187 -37.88 22.09 -8.15
N THR A 188 -38.32 22.92 -7.21
CA THR A 188 -39.20 22.47 -6.15
C THR A 188 -40.41 23.41 -6.11
N ALA A 189 -41.55 22.84 -5.75
CA ALA A 189 -42.80 23.60 -5.68
C ALA A 189 -43.48 23.29 -4.35
N LEU A 190 -43.68 24.34 -3.55
CA LEU A 190 -44.33 24.18 -2.25
C LEU A 190 -45.78 24.66 -2.38
N SER A 191 -46.73 23.81 -2.00
CA SER A 191 -48.14 24.16 -2.10
C SER A 191 -48.95 23.81 -0.86
N SER A 192 -50.15 24.36 -0.77
CA SER A 192 -51.05 24.11 0.36
C SER A 192 -52.44 23.78 -0.20
N ASN A 193 -53.12 22.80 0.39
CA ASN A 193 -54.44 22.43 -0.07
C ASN A 193 -55.43 23.56 0.21
N ILE A 194 -55.10 24.41 1.18
CA ILE A 194 -55.95 25.53 1.53
C ILE A 194 -55.27 26.85 1.15
N GLY A 195 -54.16 26.75 0.43
CA GLY A 195 -53.44 27.94 0.01
C GLY A 195 -52.71 28.62 1.16
N TRP A 196 -52.23 29.84 0.91
CA TRP A 196 -51.50 30.59 1.94
C TRP A 196 -52.21 31.88 2.30
N LYS A 197 -52.06 32.31 3.55
CA LYS A 197 -52.66 33.54 4.02
C LYS A 197 -51.70 34.67 3.64
N GLY A 198 -50.50 34.27 3.22
CA GLY A 198 -49.47 35.22 2.85
C GLY A 198 -48.15 34.50 2.65
N TYR A 199 -47.27 35.07 1.83
CA TYR A 199 -45.97 34.46 1.57
C TYR A 199 -44.84 35.49 1.51
N SER A 200 -43.61 35.00 1.59
CA SER A 200 -42.43 35.86 1.53
C SER A 200 -41.15 35.05 1.39
N ILE A 201 -40.33 35.42 0.42
CA ILE A 201 -39.06 34.74 0.19
C ILE A 201 -37.96 35.72 0.57
N GLY A 202 -37.34 35.49 1.73
CA GLY A 202 -36.29 36.37 2.20
C GLY A 202 -34.93 35.72 2.36
N TYR A 203 -33.94 36.52 2.72
CA TYR A 203 -32.58 36.04 2.91
C TYR A 203 -32.31 35.62 4.35
N TYR A 204 -31.68 34.46 4.49
CA TYR A 204 -31.37 33.89 5.80
C TYR A 204 -30.65 34.86 6.74
N LYS A 205 -31.24 35.06 7.92
CA LYS A 205 -30.70 35.95 8.94
C LYS A 205 -30.68 37.43 8.56
N VAL A 206 -31.39 37.77 7.49
CA VAL A 206 -31.47 39.15 7.03
C VAL A 206 -32.91 39.63 7.10
N ASN A 207 -33.74 39.11 6.21
CA ASN A 207 -35.15 39.47 6.18
C ASN A 207 -36.03 38.24 5.92
N ASP A 208 -35.59 37.10 6.43
CA ASP A 208 -36.34 35.85 6.28
C ASP A 208 -37.52 35.86 7.24
N ILE A 209 -38.44 34.92 7.03
CA ILE A 209 -39.63 34.83 7.86
C ILE A 209 -39.30 34.76 9.36
N MET A 210 -38.28 33.99 9.73
CA MET A 210 -37.90 33.85 11.13
C MET A 210 -37.45 35.18 11.74
N THR A 211 -36.65 35.93 10.99
CA THR A 211 -36.16 37.22 11.48
C THR A 211 -37.30 38.23 11.56
N ASP A 212 -38.18 38.18 10.57
CA ASP A 212 -39.32 39.09 10.51
C ASP A 212 -40.19 38.96 11.76
N LEU A 213 -40.36 37.72 12.22
CA LEU A 213 -41.17 37.42 13.40
C LEU A 213 -40.48 37.81 14.71
N ASP A 214 -39.15 37.67 14.75
CA ASP A 214 -38.40 38.02 15.95
C ASP A 214 -38.52 39.51 16.26
N GLU A 215 -38.79 40.29 15.22
CA GLU A 215 -38.91 41.74 15.35
C GLU A 215 -40.35 42.24 15.37
N ASN A 216 -41.20 41.62 14.55
CA ASN A 216 -42.60 42.02 14.48
C ASN A 216 -43.56 40.96 15.01
N LYS A 217 -43.11 39.72 15.07
CA LYS A 217 -43.93 38.62 15.55
C LYS A 217 -45.15 38.49 14.65
N GLN A 218 -44.94 38.83 13.38
CA GLN A 218 -45.96 38.76 12.35
C GLN A 218 -45.29 39.14 11.03
N MET A 219 -45.77 38.59 9.93
CA MET A 219 -45.19 38.88 8.62
C MET A 219 -45.35 40.34 8.21
N THR A 220 -44.22 40.99 7.96
CA THR A 220 -44.19 42.38 7.56
C THR A 220 -43.80 42.46 6.08
N LYS A 221 -42.86 41.61 5.68
CA LYS A 221 -42.41 41.57 4.30
C LYS A 221 -43.12 40.47 3.53
N HIS A 222 -43.31 40.70 2.24
CA HIS A 222 -43.96 39.72 1.38
C HIS A 222 -43.25 39.62 0.04
N TYR A 223 -41.94 39.41 0.10
CA TYR A 223 -41.12 39.29 -1.09
C TYR A 223 -41.52 38.06 -1.91
N ASP A 224 -41.44 38.18 -3.23
CA ASP A 224 -41.79 37.06 -4.10
C ASP A 224 -40.62 36.68 -5.00
N SER A 225 -39.43 37.12 -4.62
CA SER A 225 -38.22 36.85 -5.39
C SER A 225 -36.96 37.04 -4.55
N ALA A 226 -35.99 36.15 -4.73
CA ALA A 226 -34.73 36.22 -4.00
C ALA A 226 -33.76 35.15 -4.50
N ARG A 227 -32.46 35.36 -4.28
CA ARG A 227 -31.46 34.38 -4.70
C ARG A 227 -30.25 34.39 -3.78
N GLY A 228 -29.98 33.23 -3.19
CA GLY A 228 -28.86 33.07 -2.28
C GLY A 228 -29.29 32.10 -1.18
N ASN A 229 -28.90 32.38 0.05
CA ASN A 229 -29.32 31.54 1.17
C ASN A 229 -30.68 32.06 1.57
N ILE A 230 -31.72 31.50 0.96
CA ILE A 230 -33.07 31.95 1.21
C ILE A 230 -33.93 31.04 2.08
N ILE A 231 -35.07 31.58 2.48
CA ILE A 231 -36.04 30.87 3.31
C ILE A 231 -37.43 31.25 2.77
N GLU A 232 -38.16 30.26 2.29
CA GLU A 232 -39.48 30.50 1.74
C GLU A 232 -40.51 30.33 2.85
N GLY A 233 -40.99 31.46 3.37
CA GLY A 233 -41.95 31.44 4.45
C GLY A 233 -43.37 31.72 4.01
N ALA A 234 -44.33 31.26 4.81
CA ALA A 234 -45.73 31.46 4.50
C ALA A 234 -46.56 31.32 5.78
N GLU A 235 -47.66 32.07 5.84
CA GLU A 235 -48.54 32.01 6.98
C GLU A 235 -49.72 31.11 6.64
N ILE A 236 -50.15 30.31 7.60
CA ILE A 236 -51.27 29.41 7.42
C ILE A 236 -52.52 30.08 7.97
N ASP A 237 -53.56 30.18 7.16
CA ASP A 237 -54.81 30.80 7.59
C ASP A 237 -55.54 29.83 8.52
N LEU A 238 -55.30 29.96 9.82
CA LEU A 238 -55.93 29.08 10.80
C LEU A 238 -57.45 29.22 10.82
N THR A 239 -57.93 30.44 10.71
CA THR A 239 -59.38 30.67 10.73
C THR A 239 -60.06 29.94 9.58
N LYS A 240 -59.28 29.53 8.58
CA LYS A 240 -59.86 28.80 7.45
C LYS A 240 -59.91 27.29 7.73
N ASN A 241 -58.91 26.82 8.47
CA ASN A 241 -58.84 25.40 8.85
C ASN A 241 -57.59 25.16 9.69
N SER A 242 -57.75 24.56 10.86
CA SER A 242 -56.62 24.28 11.74
C SER A 242 -55.87 23.04 11.26
N GLU A 243 -56.46 22.32 10.32
CA GLU A 243 -55.84 21.11 9.76
C GLU A 243 -55.72 21.30 8.25
N PHE A 244 -54.51 21.04 7.73
CA PHE A 244 -54.25 21.24 6.31
C PHE A 244 -53.19 20.28 5.76
N GLU A 245 -52.99 20.33 4.45
CA GLU A 245 -52.02 19.47 3.78
C GLU A 245 -50.95 20.29 3.04
N ILE A 246 -49.69 20.05 3.37
CA ILE A 246 -48.58 20.74 2.72
C ILE A 246 -47.93 19.76 1.75
N VAL A 247 -47.74 20.19 0.51
CA VAL A 247 -47.13 19.34 -0.49
C VAL A 247 -45.90 19.98 -1.14
N LEU A 248 -44.82 19.21 -1.22
CA LEU A 248 -43.59 19.66 -1.83
C LEU A 248 -43.27 18.72 -2.98
N SER A 249 -43.29 19.28 -4.20
CA SER A 249 -43.02 18.48 -5.38
C SER A 249 -41.71 18.89 -6.05
N PHE A 250 -41.18 17.99 -6.88
CA PHE A 250 -39.93 18.21 -7.57
C PHE A 250 -40.08 17.98 -9.08
N GLY A 251 -39.21 18.63 -9.85
CA GLY A 251 -39.25 18.49 -11.30
C GLY A 251 -38.01 19.09 -11.92
N GLN A 252 -37.84 18.87 -13.22
CA GLN A 252 -36.68 19.42 -13.94
C GLN A 252 -37.06 20.73 -14.61
N SER A 253 -38.24 21.24 -14.25
CA SER A 253 -38.76 22.48 -14.80
C SER A 253 -39.89 22.99 -13.93
N ASP A 254 -40.26 24.26 -14.13
CA ASP A 254 -41.35 24.86 -13.37
C ASP A 254 -42.67 24.15 -13.59
N SER A 255 -42.96 23.86 -14.86
CA SER A 255 -44.20 23.18 -15.21
C SER A 255 -44.30 21.79 -14.61
N GLU A 256 -43.20 21.04 -14.66
CA GLU A 256 -43.19 19.69 -14.12
C GLU A 256 -43.46 19.71 -12.61
N ALA A 257 -42.69 20.51 -11.88
CA ALA A 257 -42.86 20.61 -10.43
C ALA A 257 -44.29 20.98 -10.06
N ALA A 258 -44.80 22.05 -10.68
CA ALA A 258 -46.15 22.52 -10.40
C ALA A 258 -47.20 21.48 -10.74
N LYS A 259 -47.09 20.88 -11.92
CA LYS A 259 -48.02 19.85 -12.35
C LYS A 259 -48.05 18.68 -11.38
N THR A 260 -46.87 18.29 -10.90
CA THR A 260 -46.76 17.18 -9.97
C THR A 260 -47.45 17.52 -8.64
N ALA A 261 -47.29 18.75 -8.18
CA ALA A 261 -47.92 19.18 -6.94
C ALA A 261 -49.43 19.16 -7.10
N LEU A 262 -49.91 19.59 -8.26
CA LEU A 262 -51.34 19.60 -8.53
C LEU A 262 -51.91 18.19 -8.56
N GLU A 263 -51.15 17.25 -9.12
CA GLU A 263 -51.64 15.87 -9.19
C GLU A 263 -51.72 15.27 -7.78
N THR A 264 -50.70 15.51 -6.97
CA THR A 264 -50.70 14.99 -5.61
C THR A 264 -51.87 15.59 -4.81
N LEU A 265 -52.03 16.91 -4.90
CA LEU A 265 -53.12 17.59 -4.19
C LEU A 265 -54.49 17.09 -4.65
N GLY A 266 -54.60 16.77 -5.93
CA GLY A 266 -55.87 16.30 -6.46
C GLY A 266 -56.23 14.91 -6.00
N GLU A 267 -55.25 14.18 -5.48
CA GLU A 267 -55.50 12.82 -5.01
C GLU A 267 -56.11 12.82 -3.62
N ASP A 268 -56.83 11.75 -3.28
CA ASP A 268 -57.46 11.64 -1.97
C ASP A 268 -56.40 11.28 -0.92
N TYR A 269 -56.30 12.12 0.10
CA TYR A 269 -55.31 11.92 1.16
C TYR A 269 -55.22 10.50 1.70
N ASN A 270 -56.31 9.98 2.27
CA ASN A 270 -56.31 8.64 2.82
C ASN A 270 -55.87 7.60 1.81
N ASN A 271 -56.21 7.82 0.54
CA ASN A 271 -55.84 6.89 -0.51
C ASN A 271 -54.33 6.87 -0.69
N LEU A 272 -53.73 8.06 -0.78
CA LEU A 272 -52.28 8.18 -0.93
C LEU A 272 -51.56 7.55 0.25
N LYS A 273 -52.04 7.86 1.44
CA LYS A 273 -51.46 7.34 2.66
C LYS A 273 -51.55 5.82 2.72
N ASN A 274 -52.74 5.28 2.47
CA ASN A 274 -52.91 3.85 2.51
C ASN A 274 -52.05 3.15 1.44
N ASN A 275 -51.94 3.76 0.27
CA ASN A 275 -51.14 3.18 -0.81
C ASN A 275 -49.67 3.14 -0.40
N TYR A 276 -49.23 4.18 0.30
CA TYR A 276 -47.85 4.27 0.76
C TYR A 276 -47.59 3.13 1.73
N ILE A 277 -48.48 2.99 2.71
CA ILE A 277 -48.39 1.96 3.73
C ILE A 277 -48.46 0.55 3.15
N ASP A 278 -49.43 0.30 2.26
CA ASP A 278 -49.60 -1.01 1.66
C ASP A 278 -48.34 -1.48 0.91
N GLU A 279 -47.72 -0.56 0.18
CA GLU A 279 -46.53 -0.90 -0.58
C GLU A 279 -45.42 -1.39 0.34
N TRP A 280 -45.24 -0.68 1.46
CA TRP A 280 -44.22 -1.04 2.43
C TRP A 280 -44.58 -2.31 3.18
N THR A 281 -45.86 -2.49 3.48
CA THR A 281 -46.32 -3.67 4.19
C THR A 281 -46.11 -4.90 3.32
N LYS A 282 -46.38 -4.75 2.03
CA LYS A 282 -46.20 -5.83 1.07
C LYS A 282 -44.76 -6.33 1.12
N TYR A 283 -43.82 -5.39 1.19
CA TYR A 283 -42.42 -5.76 1.24
C TYR A 283 -42.07 -6.48 2.53
N CYS A 284 -42.54 -5.96 3.66
CA CYS A 284 -42.25 -6.59 4.95
C CYS A 284 -42.75 -8.01 5.00
N ASN A 285 -43.94 -8.25 4.45
CA ASN A 285 -44.53 -9.58 4.47
C ASN A 285 -43.86 -10.55 3.52
N THR A 286 -42.88 -10.06 2.78
CA THR A 286 -42.16 -10.92 1.85
C THR A 286 -40.92 -11.45 2.58
N LEU A 287 -40.63 -10.87 3.74
CA LEU A 287 -39.46 -11.24 4.55
C LEU A 287 -39.75 -12.35 5.56
N ASN A 288 -38.69 -13.06 5.94
CA ASN A 288 -38.83 -14.13 6.94
C ASN A 288 -39.30 -13.50 8.25
N ASN A 289 -40.23 -14.16 8.93
CA ASN A 289 -40.75 -13.66 10.19
C ASN A 289 -40.24 -14.50 11.34
N PHE A 290 -39.42 -15.49 11.01
CA PHE A 290 -38.85 -16.40 12.00
C PHE A 290 -39.91 -16.98 12.94
N ASN A 291 -40.86 -17.69 12.35
CA ASN A 291 -41.94 -18.31 13.11
C ASN A 291 -42.65 -17.32 14.02
N GLY A 292 -42.85 -16.11 13.52
CA GLY A 292 -43.54 -15.09 14.30
C GLY A 292 -42.70 -14.37 15.34
N LYS A 293 -41.39 -14.55 15.30
CA LYS A 293 -40.51 -13.90 16.27
C LYS A 293 -40.07 -12.51 15.79
N ALA A 294 -40.10 -12.31 14.48
CA ALA A 294 -39.70 -11.02 13.90
C ALA A 294 -40.36 -9.88 14.67
N ASN A 295 -39.56 -8.90 15.10
CA ASN A 295 -40.08 -7.78 15.87
C ASN A 295 -40.07 -6.46 15.11
N SER A 296 -40.50 -5.40 15.76
CA SER A 296 -40.56 -4.09 15.12
C SER A 296 -39.21 -3.56 14.65
N LEU A 297 -38.18 -3.70 15.48
CA LEU A 297 -36.87 -3.20 15.10
C LEU A 297 -36.34 -3.95 13.89
N TYR A 298 -36.69 -5.23 13.79
CA TYR A 298 -36.26 -6.05 12.66
C TYR A 298 -36.86 -5.48 11.37
N TYR A 299 -38.18 -5.29 11.37
CA TYR A 299 -38.85 -4.74 10.20
C TYR A 299 -38.39 -3.30 9.95
N ASN A 300 -38.27 -2.52 11.01
CA ASN A 300 -37.83 -1.13 10.87
C ASN A 300 -36.47 -1.11 10.18
N SER A 301 -35.54 -1.93 10.68
CA SER A 301 -34.21 -1.99 10.11
C SER A 301 -34.23 -2.39 8.63
N MET A 302 -35.01 -3.41 8.30
CA MET A 302 -35.08 -3.86 6.91
C MET A 302 -35.65 -2.83 5.94
N MET A 303 -36.62 -2.03 6.40
CA MET A 303 -37.21 -1.01 5.55
C MET A 303 -36.20 0.11 5.32
N ILE A 304 -35.51 0.48 6.40
CA ILE A 304 -34.50 1.52 6.33
C ILE A 304 -33.44 1.13 5.30
N LEU A 305 -33.00 -0.13 5.35
CA LEU A 305 -31.99 -0.60 4.40
C LEU A 305 -32.59 -0.55 3.00
N LYS A 306 -33.79 -1.09 2.86
CA LYS A 306 -34.48 -1.11 1.59
C LYS A 306 -34.60 0.31 1.02
N ALA A 307 -34.85 1.27 1.90
CA ALA A 307 -34.99 2.67 1.51
C ALA A 307 -33.66 3.39 1.30
N SER A 308 -32.54 2.68 1.44
CA SER A 308 -31.22 3.31 1.29
C SER A 308 -30.56 3.05 -0.06
N GLU A 309 -31.34 2.51 -1.00
CA GLU A 309 -30.84 2.23 -2.34
C GLU A 309 -31.19 3.39 -3.27
N ASP A 310 -30.29 3.74 -4.18
CA ASP A 310 -30.61 4.79 -5.13
C ASP A 310 -31.64 4.15 -6.05
N LYS A 311 -32.53 4.95 -6.62
CA LYS A 311 -33.56 4.40 -7.49
C LYS A 311 -33.19 4.43 -8.97
N THR A 312 -32.02 4.99 -9.29
CA THR A 312 -31.57 5.07 -10.66
C THR A 312 -30.40 4.08 -10.82
N ASN A 313 -29.44 4.16 -9.91
CA ASN A 313 -28.30 3.25 -9.92
C ASN A 313 -28.64 2.18 -8.90
N LYS A 314 -29.40 1.18 -9.34
CA LYS A 314 -29.82 0.10 -8.45
C LYS A 314 -28.64 -0.69 -7.90
N GLY A 315 -28.76 -1.09 -6.63
CA GLY A 315 -27.68 -1.83 -6.00
C GLY A 315 -26.79 -0.90 -5.21
N ALA A 316 -26.91 0.40 -5.49
CA ALA A 316 -26.10 1.40 -4.80
C ALA A 316 -26.71 1.75 -3.43
N TYR A 317 -26.27 1.06 -2.39
CA TYR A 317 -26.76 1.32 -1.04
C TYR A 317 -25.78 2.23 -0.31
N ILE A 318 -26.28 3.33 0.24
CA ILE A 318 -25.41 4.27 0.94
C ILE A 318 -25.19 3.91 2.41
N ALA A 319 -24.22 4.57 3.02
CA ALA A 319 -23.86 4.33 4.41
C ALA A 319 -24.85 4.89 5.42
N SER A 320 -25.40 6.05 5.13
CA SER A 320 -26.37 6.69 6.02
C SER A 320 -27.05 7.87 5.33
N LEU A 321 -28.37 7.98 5.50
CA LEU A 321 -29.09 9.08 4.89
C LEU A 321 -29.07 10.29 5.82
N SER A 322 -27.87 10.70 6.22
CA SER A 322 -27.72 11.84 7.10
C SER A 322 -26.39 12.54 6.83
N ILE A 323 -26.21 13.70 7.44
CA ILE A 323 -24.98 14.46 7.32
C ILE A 323 -24.46 14.71 8.73
N PRO A 324 -23.69 13.76 9.27
CA PRO A 324 -23.13 13.86 10.63
C PRO A 324 -22.65 15.24 11.05
N TRP A 325 -23.04 15.63 12.25
CA TRP A 325 -22.67 16.93 12.80
C TRP A 325 -22.98 18.03 11.80
N GLY A 326 -24.06 17.82 11.04
CA GLY A 326 -24.47 18.79 10.03
C GLY A 326 -24.63 20.19 10.59
N ASP A 327 -25.02 20.28 11.85
CA ASP A 327 -25.20 21.56 12.52
C ASP A 327 -23.93 22.39 12.42
N GLY A 328 -22.79 21.71 12.45
CA GLY A 328 -21.51 22.40 12.37
C GLY A 328 -20.89 22.32 10.98
N GLN A 329 -21.58 21.69 10.04
CA GLN A 329 -21.06 21.57 8.68
C GLN A 329 -21.60 22.69 7.78
N ARG A 330 -20.71 23.31 7.02
CA ARG A 330 -21.11 24.39 6.12
C ARG A 330 -21.99 23.78 5.03
N ASP A 331 -22.99 24.55 4.61
CA ASP A 331 -23.96 24.11 3.61
C ASP A 331 -23.52 23.74 2.19
N ASP A 332 -22.24 23.94 1.85
CA ASP A 332 -21.82 23.62 0.48
C ASP A 332 -21.30 22.19 0.27
N ASN A 333 -21.85 21.55 -0.76
CA ASN A 333 -21.52 20.19 -1.17
C ASN A 333 -21.17 19.22 -0.04
N THR A 334 -22.20 18.58 0.54
CA THR A 334 -21.98 17.61 1.61
C THR A 334 -22.73 16.30 1.36
N GLY A 335 -22.03 15.19 1.57
CA GLY A 335 -22.60 13.87 1.39
C GLY A 335 -21.56 12.79 1.60
N GLY A 336 -20.84 12.89 2.72
CA GLY A 336 -19.82 11.90 3.03
C GLY A 336 -20.38 10.50 3.16
N TYR A 337 -21.45 10.34 3.93
CA TYR A 337 -22.05 9.03 4.12
C TYR A 337 -23.00 8.66 2.97
N HIS A 338 -23.13 9.55 2.00
CA HIS A 338 -24.00 9.28 0.85
C HIS A 338 -23.19 8.63 -0.26
N LEU A 339 -22.13 7.92 0.14
CA LEU A 339 -21.28 7.23 -0.80
C LEU A 339 -21.49 5.73 -0.63
N VAL A 340 -20.97 4.95 -1.56
CA VAL A 340 -21.11 3.50 -1.50
C VAL A 340 -19.80 2.86 -1.12
N TRP A 341 -19.80 2.12 -0.03
CA TRP A 341 -18.62 1.40 0.45
C TRP A 341 -18.88 -0.09 0.28
N SER A 342 -17.94 -0.76 -0.34
CA SER A 342 -18.04 -2.19 -0.55
C SER A 342 -18.29 -2.91 0.77
N ARG A 343 -17.61 -2.45 1.83
CA ARG A 343 -17.74 -3.06 3.16
C ARG A 343 -19.17 -2.93 3.67
N ASP A 344 -19.66 -1.70 3.76
CA ASP A 344 -21.03 -1.48 4.24
C ASP A 344 -22.05 -2.22 3.38
N LEU A 345 -21.88 -2.15 2.06
CA LEU A 345 -22.80 -2.81 1.14
C LEU A 345 -22.84 -4.31 1.40
N TYR A 346 -21.67 -4.89 1.63
CA TYR A 346 -21.51 -6.30 1.93
C TYR A 346 -22.35 -6.70 3.14
N HIS A 347 -22.22 -5.91 4.20
CA HIS A 347 -22.96 -6.17 5.43
C HIS A 347 -24.46 -5.99 5.22
N VAL A 348 -24.83 -4.95 4.49
CA VAL A 348 -26.23 -4.68 4.20
C VAL A 348 -26.79 -5.88 3.40
N ALA A 349 -26.03 -6.34 2.41
CA ALA A 349 -26.43 -7.47 1.61
C ALA A 349 -26.65 -8.72 2.48
N ASN A 350 -25.81 -8.89 3.49
CA ASN A 350 -25.94 -10.03 4.38
C ASN A 350 -27.25 -9.97 5.16
N ALA A 351 -27.68 -8.76 5.51
CA ALA A 351 -28.94 -8.58 6.23
C ALA A 351 -30.09 -8.94 5.28
N PHE A 352 -30.01 -8.47 4.04
CA PHE A 352 -31.05 -8.79 3.07
C PHE A 352 -31.15 -10.31 2.91
N ILE A 353 -29.99 -10.97 2.87
CA ILE A 353 -29.97 -12.43 2.73
C ILE A 353 -30.67 -13.08 3.91
N ALA A 354 -30.26 -12.68 5.12
CA ALA A 354 -30.82 -13.21 6.35
C ALA A 354 -32.33 -12.97 6.44
N ALA A 355 -32.79 -11.87 5.85
CA ALA A 355 -34.20 -11.51 5.87
C ALA A 355 -35.00 -12.18 4.75
N GLY A 356 -34.32 -12.76 3.78
CA GLY A 356 -35.02 -13.42 2.69
C GLY A 356 -35.14 -12.60 1.42
N ASP A 357 -34.65 -11.36 1.45
CA ASP A 357 -34.70 -10.51 0.26
C ASP A 357 -33.42 -10.71 -0.53
N VAL A 358 -33.32 -11.86 -1.17
CA VAL A 358 -32.16 -12.21 -1.97
C VAL A 358 -31.96 -11.28 -3.16
N ASP A 359 -33.05 -10.83 -3.76
CA ASP A 359 -32.99 -9.92 -4.92
C ASP A 359 -32.19 -8.66 -4.62
N SER A 360 -32.44 -8.07 -3.46
CA SER A 360 -31.73 -6.86 -3.08
C SER A 360 -30.23 -7.10 -2.92
N ALA A 361 -29.87 -8.25 -2.34
CA ALA A 361 -28.46 -8.58 -2.16
C ALA A 361 -27.79 -8.76 -3.52
N ASN A 362 -28.48 -9.44 -4.45
CA ASN A 362 -27.93 -9.66 -5.78
C ASN A 362 -27.76 -8.36 -6.56
N ARG A 363 -28.69 -7.43 -6.39
CA ARG A 363 -28.59 -6.16 -7.07
C ARG A 363 -27.36 -5.42 -6.55
N SER A 364 -27.11 -5.51 -5.25
CA SER A 364 -25.95 -4.84 -4.68
C SER A 364 -24.68 -5.50 -5.20
N LEU A 365 -24.71 -6.82 -5.37
CA LEU A 365 -23.53 -7.53 -5.89
C LEU A 365 -23.30 -7.11 -7.33
N ASP A 366 -24.37 -7.05 -8.12
CA ASP A 366 -24.25 -6.65 -9.51
C ASP A 366 -23.75 -5.21 -9.65
N TYR A 367 -24.04 -4.38 -8.65
CA TYR A 367 -23.56 -3.00 -8.66
C TYR A 367 -22.03 -3.06 -8.56
N LEU A 368 -21.54 -3.87 -7.62
CA LEU A 368 -20.11 -4.02 -7.40
C LEU A 368 -19.40 -4.61 -8.62
N ALA A 369 -20.09 -5.52 -9.31
CA ALA A 369 -19.54 -6.14 -10.51
C ALA A 369 -19.31 -5.06 -11.56
N LYS A 370 -20.21 -4.09 -11.59
CA LYS A 370 -20.12 -2.97 -12.53
C LYS A 370 -18.92 -2.10 -12.15
N VAL A 371 -18.70 -1.94 -10.85
CA VAL A 371 -17.57 -1.14 -10.39
C VAL A 371 -16.25 -1.79 -10.81
N VAL A 372 -16.14 -3.10 -10.62
CA VAL A 372 -14.93 -3.81 -10.98
C VAL A 372 -14.71 -3.78 -12.50
N LYS A 373 -15.80 -3.83 -13.25
CA LYS A 373 -15.68 -3.79 -14.70
C LYS A 373 -15.04 -2.48 -15.17
N ASP A 374 -15.43 -1.37 -14.55
CA ASP A 374 -14.88 -0.07 -14.93
C ASP A 374 -13.58 0.34 -14.22
N ASN A 375 -13.24 -0.33 -13.12
CA ASN A 375 -12.02 0.03 -12.39
C ASN A 375 -10.99 -1.09 -12.25
N GLY A 376 -11.44 -2.33 -12.39
CA GLY A 376 -10.51 -3.45 -12.27
C GLY A 376 -10.19 -3.72 -10.81
N MET A 377 -10.95 -3.08 -9.93
CA MET A 377 -10.75 -3.23 -8.49
C MET A 377 -11.79 -2.40 -7.76
N ILE A 378 -11.83 -2.51 -6.44
CA ILE A 378 -12.79 -1.74 -5.65
C ILE A 378 -12.14 -0.51 -5.03
N PRO A 379 -12.54 0.69 -5.45
CA PRO A 379 -11.93 1.89 -4.86
C PRO A 379 -12.44 2.09 -3.43
N GLN A 380 -11.72 2.88 -2.63
CA GLN A 380 -12.10 3.12 -1.23
C GLN A 380 -13.62 3.22 -1.13
N ASN A 381 -14.20 4.05 -1.99
CA ASN A 381 -15.64 4.22 -2.05
C ASN A 381 -15.98 4.87 -3.39
N THR A 382 -17.26 4.85 -3.74
CA THR A 382 -17.69 5.43 -5.01
C THR A 382 -18.99 6.21 -4.84
N TRP A 383 -19.27 7.08 -5.79
CA TRP A 383 -20.52 7.82 -5.78
C TRP A 383 -21.53 6.76 -6.19
N ILE A 384 -22.81 7.02 -5.98
CA ILE A 384 -23.82 6.04 -6.36
C ILE A 384 -23.77 5.73 -7.85
N SER A 385 -23.23 6.66 -8.64
CA SER A 385 -23.11 6.47 -10.08
C SER A 385 -22.13 5.35 -10.38
N GLY A 386 -21.27 5.05 -9.42
CA GLY A 386 -20.27 4.01 -9.61
C GLY A 386 -18.88 4.60 -9.80
N LYS A 387 -18.81 5.92 -9.96
CA LYS A 387 -17.53 6.59 -10.16
C LYS A 387 -16.73 6.61 -8.86
N PRO A 388 -15.42 6.35 -8.94
CA PRO A 388 -14.60 6.35 -7.73
C PRO A 388 -14.52 7.73 -7.07
N TYR A 389 -14.50 7.73 -5.74
CA TYR A 389 -14.41 8.96 -4.97
C TYR A 389 -13.04 8.99 -4.31
N TRP A 390 -12.93 8.42 -3.11
CA TRP A 390 -11.64 8.37 -2.43
C TRP A 390 -10.78 7.27 -3.06
N THR A 391 -9.47 7.39 -2.93
CA THR A 391 -8.57 6.43 -3.54
C THR A 391 -7.74 5.60 -2.57
N GLY A 392 -8.25 5.40 -1.37
CA GLY A 392 -7.53 4.59 -0.41
C GLY A 392 -7.61 3.13 -0.84
N ILE A 393 -6.63 2.33 -0.43
CA ILE A 393 -6.59 0.92 -0.78
C ILE A 393 -6.95 0.05 0.42
N GLN A 394 -8.18 -0.48 0.43
CA GLN A 394 -8.64 -1.33 1.52
C GLN A 394 -8.81 -2.76 1.02
N LEU A 395 -7.95 -3.66 1.47
CA LEU A 395 -8.01 -5.04 1.04
C LEU A 395 -9.30 -5.74 1.42
N ASP A 396 -9.84 -5.43 2.60
CA ASP A 396 -11.07 -6.06 3.02
C ASP A 396 -12.17 -5.74 2.03
N GLU A 397 -12.09 -4.55 1.42
CA GLU A 397 -13.10 -4.17 0.44
C GLU A 397 -12.95 -4.89 -0.91
N GLN A 398 -11.78 -5.46 -1.17
CA GLN A 398 -11.56 -6.20 -2.41
C GLN A 398 -12.09 -7.62 -2.21
N ALA A 399 -12.04 -8.07 -0.96
CA ALA A 399 -12.46 -9.42 -0.60
C ALA A 399 -13.96 -9.64 -0.41
N ASP A 400 -14.63 -8.70 0.25
CA ASP A 400 -16.05 -8.84 0.53
C ASP A 400 -16.95 -9.16 -0.65
N PRO A 401 -16.74 -8.47 -1.79
CA PRO A 401 -17.61 -8.81 -2.92
C PRO A 401 -17.43 -10.26 -3.38
N ILE A 402 -16.24 -10.82 -3.18
CA ILE A 402 -15.98 -12.21 -3.55
C ILE A 402 -16.76 -13.12 -2.60
N ILE A 403 -16.69 -12.80 -1.31
CA ILE A 403 -17.38 -13.59 -0.30
C ILE A 403 -18.88 -13.58 -0.55
N LEU A 404 -19.41 -12.41 -0.96
CA LEU A 404 -20.82 -12.28 -1.24
C LEU A 404 -21.19 -13.09 -2.50
N SER A 405 -20.32 -13.08 -3.50
CA SER A 405 -20.55 -13.84 -4.72
C SER A 405 -20.72 -15.31 -4.36
N TYR A 406 -19.91 -15.76 -3.40
CA TYR A 406 -19.96 -17.15 -2.96
C TYR A 406 -21.27 -17.48 -2.26
N ARG A 407 -21.68 -16.64 -1.32
CA ARG A 407 -22.91 -16.89 -0.57
C ARG A 407 -24.15 -16.82 -1.46
N LEU A 408 -24.11 -15.97 -2.48
CA LEU A 408 -25.24 -15.85 -3.40
C LEU A 408 -25.11 -16.87 -4.52
N LYS A 409 -24.06 -17.69 -4.46
CA LYS A 409 -23.80 -18.71 -5.46
C LYS A 409 -23.80 -18.14 -6.87
N ARG A 410 -23.27 -16.92 -7.00
CA ARG A 410 -23.19 -16.25 -8.28
C ARG A 410 -21.87 -16.57 -8.96
N TYR A 411 -21.74 -17.82 -9.38
CA TYR A 411 -20.53 -18.29 -10.05
C TYR A 411 -20.39 -17.71 -11.44
N ASP A 412 -21.43 -17.04 -11.89
CA ASP A 412 -21.44 -16.41 -13.21
C ASP A 412 -20.60 -15.13 -13.21
N LEU A 413 -20.24 -14.66 -12.02
CA LEU A 413 -19.45 -13.43 -11.91
C LEU A 413 -17.95 -13.69 -11.76
N TYR A 414 -17.53 -14.93 -11.96
CA TYR A 414 -16.13 -15.30 -11.82
C TYR A 414 -15.18 -14.47 -12.69
N ASP A 415 -15.47 -14.37 -13.98
CA ASP A 415 -14.62 -13.62 -14.91
C ASP A 415 -14.63 -12.11 -14.70
N SER A 416 -15.80 -11.54 -14.45
CA SER A 416 -15.91 -10.10 -14.29
C SER A 416 -15.71 -9.55 -12.88
N LEU A 417 -15.86 -10.40 -11.86
CA LEU A 417 -15.73 -9.94 -10.48
C LEU A 417 -14.70 -10.68 -9.63
N VAL A 418 -14.89 -11.99 -9.47
CA VAL A 418 -14.03 -12.80 -8.64
C VAL A 418 -12.56 -12.85 -9.04
N LYS A 419 -12.28 -13.27 -10.27
CA LYS A 419 -10.89 -13.36 -10.74
C LYS A 419 -10.14 -12.04 -10.68
N PRO A 420 -10.70 -10.95 -11.22
CA PRO A 420 -9.94 -9.69 -11.15
C PRO A 420 -9.64 -9.24 -9.72
N LEU A 421 -10.59 -9.40 -8.80
CA LEU A 421 -10.37 -8.99 -7.41
C LEU A 421 -9.40 -9.92 -6.71
N ALA A 422 -9.53 -11.22 -6.95
CA ALA A 422 -8.64 -12.20 -6.34
C ALA A 422 -7.21 -11.95 -6.80
N ASP A 423 -7.04 -11.70 -8.10
CA ASP A 423 -5.71 -11.45 -8.66
C ASP A 423 -5.15 -10.14 -8.12
N PHE A 424 -6.02 -9.16 -7.90
CA PHE A 424 -5.57 -7.88 -7.38
C PHE A 424 -5.08 -8.04 -5.94
N ILE A 425 -5.83 -8.79 -5.14
CA ILE A 425 -5.47 -9.03 -3.75
C ILE A 425 -4.12 -9.76 -3.62
N ILE A 426 -3.90 -10.76 -4.47
CA ILE A 426 -2.66 -11.52 -4.42
C ILE A 426 -1.47 -10.67 -4.84
N LYS A 427 -1.74 -9.63 -5.61
CA LYS A 427 -0.71 -8.73 -6.09
C LYS A 427 -0.22 -7.77 -5.01
N ILE A 428 -1.12 -7.32 -4.13
CA ILE A 428 -0.71 -6.38 -3.10
C ILE A 428 -0.82 -6.83 -1.65
N GLY A 429 -1.64 -7.86 -1.39
CA GLY A 429 -1.78 -8.34 -0.03
C GLY A 429 -0.53 -9.05 0.50
N PRO A 430 -0.52 -9.47 1.77
CA PRO A 430 -1.63 -9.32 2.72
C PRO A 430 -1.71 -7.95 3.40
N LYS A 431 -0.68 -7.11 3.23
CA LYS A 431 -0.69 -5.79 3.85
C LYS A 431 -1.75 -4.94 3.16
N THR A 432 -2.31 -3.98 3.90
CA THR A 432 -3.35 -3.13 3.34
C THR A 432 -3.01 -1.63 3.49
N GLY A 433 -3.54 -0.82 2.58
CA GLY A 433 -3.29 0.61 2.61
C GLY A 433 -3.95 1.19 3.85
N GLN A 434 -5.12 0.66 4.17
CA GLN A 434 -5.85 1.09 5.35
C GLN A 434 -6.81 -0.01 5.77
N GLU A 435 -7.05 -0.11 7.08
CA GLU A 435 -7.96 -1.10 7.63
C GLU A 435 -9.37 -0.53 7.53
N ARG A 436 -10.36 -1.23 8.07
CA ARG A 436 -11.73 -0.78 7.89
C ARG A 436 -12.16 0.60 8.44
N TRP A 437 -11.37 1.19 9.33
CA TRP A 437 -11.74 2.51 9.83
C TRP A 437 -11.19 3.57 8.87
N GLU A 438 -10.51 3.11 7.82
CA GLU A 438 -9.95 3.96 6.77
C GLU A 438 -8.89 4.96 7.25
N GLU A 439 -8.07 4.56 8.21
CA GLU A 439 -7.08 5.48 8.75
C GLU A 439 -5.61 5.11 8.71
N ILE A 440 -5.32 3.82 8.76
CA ILE A 440 -3.92 3.40 8.79
C ILE A 440 -3.68 2.10 8.06
N GLY A 441 -2.46 1.93 7.56
CA GLY A 441 -2.11 0.72 6.84
C GLY A 441 -1.21 -0.23 7.62
N GLY A 442 -1.01 -1.42 7.06
CA GLY A 442 -0.17 -2.41 7.70
C GLY A 442 -0.87 -3.75 7.73
N TYR A 443 -0.50 -4.58 8.70
CA TYR A 443 -1.10 -5.90 8.85
C TYR A 443 -2.18 -5.82 9.91
N SER A 444 -3.42 -6.01 9.47
CA SER A 444 -4.60 -5.95 10.34
C SER A 444 -5.29 -7.30 10.44
N PRO A 445 -5.57 -7.76 11.67
CA PRO A 445 -6.25 -9.06 11.75
C PRO A 445 -7.60 -9.07 11.04
N ALA A 446 -8.36 -7.99 11.17
CA ALA A 446 -9.67 -7.90 10.52
C ALA A 446 -9.51 -7.94 9.00
N THR A 447 -8.60 -7.13 8.47
CA THR A 447 -8.35 -7.09 7.03
C THR A 447 -7.82 -8.43 6.52
N MET A 448 -6.84 -9.00 7.21
CA MET A 448 -6.29 -10.29 6.80
C MET A 448 -7.35 -11.40 6.87
N ALA A 449 -8.28 -11.29 7.82
CA ALA A 449 -9.34 -12.28 7.93
C ALA A 449 -10.19 -12.23 6.67
N ALA A 450 -10.49 -11.01 6.23
CA ALA A 450 -11.28 -10.80 5.02
C ALA A 450 -10.54 -11.32 3.79
N GLU A 451 -9.23 -11.13 3.75
CA GLU A 451 -8.41 -11.58 2.63
C GLU A 451 -8.35 -13.11 2.53
N VAL A 452 -8.24 -13.77 3.69
CA VAL A 452 -8.20 -15.23 3.72
C VAL A 452 -9.56 -15.81 3.28
N ALA A 453 -10.63 -15.26 3.84
CA ALA A 453 -11.98 -15.69 3.49
C ALA A 453 -12.25 -15.46 2.00
N GLY A 454 -11.89 -14.27 1.53
CA GLY A 454 -12.11 -13.92 0.14
C GLY A 454 -11.38 -14.80 -0.87
N LEU A 455 -10.13 -15.13 -0.58
CA LEU A 455 -9.35 -15.98 -1.48
C LEU A 455 -9.85 -17.42 -1.43
N THR A 456 -10.34 -17.85 -0.27
CA THR A 456 -10.87 -19.19 -0.12
C THR A 456 -12.16 -19.29 -0.95
N CYS A 457 -13.01 -18.27 -0.86
CA CYS A 457 -14.26 -18.26 -1.63
C CYS A 457 -13.94 -18.14 -3.12
N ALA A 458 -12.87 -17.42 -3.44
CA ALA A 458 -12.46 -17.24 -4.83
C ALA A 458 -12.02 -18.58 -5.41
N ALA A 459 -11.33 -19.37 -4.59
CA ALA A 459 -10.86 -20.67 -5.01
C ALA A 459 -12.04 -21.59 -5.27
N TYR A 460 -13.05 -21.50 -4.42
CA TYR A 460 -14.26 -22.31 -4.56
C TYR A 460 -14.96 -21.99 -5.86
N ILE A 461 -15.14 -20.70 -6.13
CA ILE A 461 -15.80 -20.26 -7.35
C ILE A 461 -14.96 -20.61 -8.58
N ALA A 462 -13.65 -20.54 -8.46
CA ALA A 462 -12.77 -20.87 -9.58
C ALA A 462 -12.99 -22.34 -9.95
N GLU A 463 -13.13 -23.18 -8.94
CA GLU A 463 -13.35 -24.61 -9.16
C GLU A 463 -14.68 -24.86 -9.86
N GLN A 464 -15.71 -24.09 -9.48
CA GLN A 464 -17.03 -24.23 -10.08
C GLN A 464 -16.92 -23.90 -11.57
N ASN A 465 -15.98 -23.03 -11.91
CA ASN A 465 -15.77 -22.62 -13.29
C ASN A 465 -14.68 -23.47 -13.93
N LYS A 466 -14.26 -24.52 -13.21
CA LYS A 466 -13.24 -25.43 -13.67
C LYS A 466 -11.87 -24.80 -13.94
N ASP A 467 -11.58 -23.70 -13.24
CA ASP A 467 -10.29 -23.02 -13.38
C ASP A 467 -9.45 -23.52 -12.21
N TYR A 468 -9.11 -24.80 -12.27
CA TYR A 468 -8.33 -25.44 -11.21
C TYR A 468 -6.98 -24.79 -10.94
N GLU A 469 -6.38 -24.22 -11.97
CA GLU A 469 -5.08 -23.56 -11.81
C GLU A 469 -5.22 -22.38 -10.85
N SER A 470 -6.21 -21.53 -11.11
CA SER A 470 -6.43 -20.35 -10.25
C SER A 470 -6.89 -20.81 -8.87
N ALA A 471 -7.76 -21.82 -8.84
CA ALA A 471 -8.27 -22.35 -7.59
C ALA A 471 -7.13 -22.70 -6.64
N GLN A 472 -6.17 -23.49 -7.13
CA GLN A 472 -5.03 -23.90 -6.33
C GLN A 472 -4.20 -22.70 -5.88
N LYS A 473 -3.98 -21.77 -6.79
CA LYS A 473 -3.21 -20.56 -6.52
C LYS A 473 -3.85 -19.73 -5.39
N TYR A 474 -5.16 -19.50 -5.49
CA TYR A 474 -5.88 -18.74 -4.49
C TYR A 474 -5.83 -19.38 -3.12
N GLN A 475 -6.16 -20.67 -3.05
CA GLN A 475 -6.16 -21.39 -1.77
C GLN A 475 -4.79 -21.44 -1.11
N GLU A 476 -3.75 -21.68 -1.91
CA GLU A 476 -2.40 -21.74 -1.37
C GLU A 476 -2.05 -20.42 -0.70
N LYS A 477 -2.41 -19.31 -1.35
CA LYS A 477 -2.15 -17.99 -0.83
C LYS A 477 -2.93 -17.82 0.48
N ALA A 478 -4.22 -18.16 0.43
CA ALA A 478 -5.10 -18.05 1.59
C ALA A 478 -4.54 -18.82 2.79
N ASP A 479 -4.09 -20.05 2.56
CA ASP A 479 -3.54 -20.88 3.61
C ASP A 479 -2.27 -20.25 4.19
N ASN A 480 -1.44 -19.70 3.31
CA ASN A 480 -0.19 -19.07 3.73
C ASN A 480 -0.47 -17.86 4.61
N TRP A 481 -1.32 -16.96 4.12
CA TRP A 481 -1.67 -15.77 4.88
C TRP A 481 -2.37 -16.12 6.19
N GLN A 482 -3.19 -17.17 6.16
CA GLN A 482 -3.89 -17.59 7.36
C GLN A 482 -2.90 -18.02 8.43
N LYS A 483 -1.85 -18.72 8.02
CA LYS A 483 -0.82 -19.18 8.95
C LYS A 483 0.07 -18.04 9.44
N LEU A 484 0.05 -16.91 8.74
CA LEU A 484 0.87 -15.76 9.12
C LEU A 484 0.16 -14.71 9.97
N ILE A 485 -1.17 -14.78 10.04
CA ILE A 485 -1.93 -13.82 10.82
C ILE A 485 -1.34 -13.64 12.22
N ASP A 486 -1.12 -14.74 12.92
CA ASP A 486 -0.58 -14.70 14.27
C ASP A 486 0.81 -14.08 14.31
N ASN A 487 1.69 -14.55 13.45
CA ASN A 487 3.06 -14.02 13.46
C ASN A 487 3.15 -12.56 13.07
N LEU A 488 2.16 -12.05 12.35
CA LEU A 488 2.19 -10.65 11.95
C LEU A 488 1.39 -9.70 12.83
N THR A 489 0.38 -10.19 13.53
CA THR A 489 -0.47 -9.30 14.32
C THR A 489 -0.64 -9.60 15.81
N TYR A 490 -0.20 -10.77 16.23
CA TYR A 490 -0.32 -11.16 17.63
C TYR A 490 0.94 -10.83 18.45
N THR A 491 0.85 -9.84 19.32
CA THR A 491 2.01 -9.48 20.13
C THR A 491 2.04 -10.32 21.41
N GLU A 492 3.24 -10.53 21.92
CA GLU A 492 3.45 -11.28 23.14
C GLU A 492 4.32 -10.40 24.02
N ASN A 493 4.53 -9.17 23.56
CA ASN A 493 5.36 -8.20 24.26
C ASN A 493 4.62 -6.87 24.41
N GLY A 494 3.30 -6.92 24.56
CA GLY A 494 2.51 -5.71 24.70
C GLY A 494 2.44 -5.18 26.12
N PRO A 495 2.25 -3.86 26.30
CA PRO A 495 2.17 -3.22 27.61
C PRO A 495 0.84 -3.47 28.33
N LEU A 496 -0.17 -3.89 27.59
CA LEU A 496 -1.48 -4.12 28.18
C LEU A 496 -1.65 -5.51 28.78
N GLY A 497 -2.40 -5.58 29.88
CA GLY A 497 -2.66 -6.85 30.55
C GLY A 497 -1.47 -7.77 30.64
N ASN A 498 -1.69 -9.04 30.27
CA ASN A 498 -0.65 -10.04 30.30
C ASN A 498 0.31 -9.93 29.11
N GLY A 499 0.17 -8.86 28.33
CA GLY A 499 1.04 -8.63 27.19
C GLY A 499 0.83 -9.50 25.95
N GLN A 500 -0.20 -10.35 25.99
CA GLN A 500 -0.50 -11.23 24.88
C GLN A 500 -1.86 -10.92 24.26
N TYR A 501 -1.86 -10.50 23.00
CA TYR A 501 -3.11 -10.14 22.31
C TYR A 501 -2.89 -9.67 20.88
N TYR A 502 -3.94 -9.76 20.07
CA TYR A 502 -3.87 -9.25 18.70
C TYR A 502 -3.91 -7.73 18.85
N ILE A 503 -3.09 -7.02 18.09
CA ILE A 503 -3.11 -5.57 18.17
C ILE A 503 -3.98 -5.05 17.03
N ARG A 504 -4.27 -3.76 17.03
CA ARG A 504 -5.11 -3.19 15.97
C ARG A 504 -4.45 -3.38 14.61
N ILE A 505 -3.19 -2.99 14.52
CA ILE A 505 -2.49 -3.13 13.25
C ILE A 505 -0.97 -3.02 13.44
N ALA A 506 -0.25 -3.90 12.76
CA ALA A 506 1.21 -3.93 12.82
C ALA A 506 1.80 -3.22 11.62
N GLY A 507 2.84 -2.42 11.84
CA GLY A 507 3.46 -1.69 10.74
C GLY A 507 4.58 -2.46 10.07
N LEU A 508 5.22 -3.35 10.82
CA LEU A 508 6.32 -4.16 10.31
C LEU A 508 5.89 -5.62 10.27
N SER A 509 6.85 -6.51 10.07
CA SER A 509 6.59 -7.94 10.02
C SER A 509 6.80 -8.59 11.37
N ASP A 510 6.81 -7.78 12.43
CA ASP A 510 7.01 -8.30 13.78
C ASP A 510 6.19 -7.49 14.79
N PRO A 511 5.09 -8.08 15.27
CA PRO A 511 4.18 -7.45 16.24
C PRO A 511 4.80 -7.20 17.62
N ASP A 512 5.98 -7.77 17.87
CA ASP A 512 6.62 -7.56 19.16
C ASP A 512 7.57 -6.37 19.11
N ALA A 513 7.93 -5.95 17.91
CA ALA A 513 8.84 -4.82 17.75
C ALA A 513 8.16 -3.50 18.06
N ASP A 514 8.98 -2.47 18.28
CA ASP A 514 8.50 -1.14 18.56
C ASP A 514 8.24 -0.48 17.21
N PHE A 515 7.17 0.30 17.12
CA PHE A 515 6.81 0.98 15.88
C PHE A 515 5.73 1.98 16.24
N MET A 516 6.03 3.26 16.07
CA MET A 516 5.10 4.34 16.39
C MET A 516 4.11 4.60 15.27
N ILE A 517 2.84 4.75 15.64
CA ILE A 517 1.81 5.03 14.65
C ILE A 517 1.10 6.33 15.01
N ASN A 518 0.53 6.98 13.99
CA ASN A 518 -0.16 8.23 14.19
C ASN A 518 -1.66 8.00 14.13
N ILE A 519 -2.33 8.25 15.25
CA ILE A 519 -3.79 8.06 15.32
C ILE A 519 -4.47 9.23 14.62
N ALA A 520 -5.45 8.91 13.79
CA ALA A 520 -6.18 9.91 13.04
C ALA A 520 -7.01 10.82 13.95
N ASN A 521 -7.61 11.85 13.36
CA ASN A 521 -8.45 12.78 14.10
C ASN A 521 -7.79 13.31 15.38
N GLY A 522 -6.51 13.66 15.29
CA GLY A 522 -5.79 14.19 16.44
C GLY A 522 -5.61 13.26 17.61
N GLY A 523 -5.79 11.96 17.38
CA GLY A 523 -5.66 10.98 18.44
C GLY A 523 -4.32 10.88 19.15
N GLY A 524 -3.24 11.28 18.49
CA GLY A 524 -1.92 11.21 19.11
C GLY A 524 -0.98 10.19 18.49
N VAL A 525 0.20 10.04 19.08
CA VAL A 525 1.20 9.10 18.60
C VAL A 525 1.47 8.05 19.66
N TYR A 526 1.33 6.78 19.29
CA TYR A 526 1.56 5.67 20.22
C TYR A 526 2.28 4.51 19.55
N ASP A 527 2.76 3.57 20.37
CA ASP A 527 3.42 2.39 19.86
C ASP A 527 2.30 1.43 19.43
N GLN A 528 2.49 0.73 18.32
CA GLN A 528 1.49 -0.19 17.80
C GLN A 528 0.93 -1.16 18.84
N LYS A 529 1.78 -1.58 19.78
CA LYS A 529 1.38 -2.53 20.82
C LYS A 529 0.45 -1.96 21.88
N GLU A 530 0.28 -0.63 21.91
CA GLU A 530 -0.60 0.01 22.88
C GLU A 530 -2.03 0.07 22.37
N ILE A 531 -2.21 -0.21 21.08
CA ILE A 531 -3.54 -0.10 20.47
C ILE A 531 -4.27 -1.40 20.15
N VAL A 532 -5.43 -1.59 20.77
CA VAL A 532 -6.24 -2.77 20.51
C VAL A 532 -7.53 -2.32 19.84
N ASP A 533 -8.17 -3.22 19.11
CA ASP A 533 -9.37 -2.92 18.33
C ASP A 533 -10.28 -4.16 18.30
N PRO A 534 -11.57 -4.00 18.67
CA PRO A 534 -12.47 -5.15 18.67
C PRO A 534 -12.67 -5.79 17.30
N SER A 535 -12.20 -5.12 16.26
CA SER A 535 -12.32 -5.63 14.89
C SER A 535 -11.64 -6.98 14.71
N PHE A 536 -10.74 -7.32 15.63
CA PHE A 536 -10.06 -8.60 15.52
C PHE A 536 -11.07 -9.74 15.55
N LEU A 537 -12.25 -9.47 16.11
CA LEU A 537 -13.29 -10.50 16.19
C LEU A 537 -13.74 -10.91 14.80
N GLU A 538 -13.30 -10.18 13.79
CA GLU A 538 -13.64 -10.51 12.40
C GLU A 538 -13.02 -11.87 12.06
N LEU A 539 -11.94 -12.20 12.76
CA LEU A 539 -11.24 -13.45 12.57
C LEU A 539 -12.20 -14.62 12.80
N VAL A 540 -12.97 -14.54 13.88
CA VAL A 540 -13.93 -15.59 14.21
C VAL A 540 -15.22 -15.46 13.37
N ARG A 541 -15.68 -14.23 13.19
CA ARG A 541 -16.87 -13.94 12.40
C ARG A 541 -16.78 -14.57 11.00
N LEU A 542 -15.59 -14.49 10.41
CA LEU A 542 -15.38 -15.02 9.06
C LEU A 542 -14.95 -16.49 9.00
N GLY A 543 -14.82 -17.12 10.16
CA GLY A 543 -14.42 -18.53 10.21
C GLY A 543 -12.95 -18.79 9.98
N VAL A 544 -12.13 -17.77 10.23
CA VAL A 544 -10.69 -17.87 10.04
C VAL A 544 -10.02 -18.38 11.31
N LYS A 545 -10.56 -18.01 12.47
CA LYS A 545 -10.06 -18.46 13.76
C LYS A 545 -11.22 -19.01 14.58
N SER A 546 -10.93 -19.93 15.50
CA SER A 546 -11.98 -20.52 16.35
C SER A 546 -12.34 -19.58 17.48
N ALA A 547 -13.63 -19.52 17.82
CA ALA A 547 -14.09 -18.65 18.89
C ALA A 547 -13.41 -18.96 20.23
N ASP A 548 -12.94 -20.18 20.42
CA ASP A 548 -12.27 -20.54 21.67
C ASP A 548 -10.75 -20.57 21.58
N ASP A 549 -10.21 -20.02 20.51
CA ASP A 549 -8.76 -19.95 20.34
C ASP A 549 -8.22 -19.11 21.49
N PRO A 550 -7.26 -19.64 22.27
CA PRO A 550 -6.71 -18.87 23.38
C PRO A 550 -6.19 -17.47 23.01
N LYS A 551 -5.80 -17.27 21.76
CA LYS A 551 -5.31 -15.95 21.35
C LYS A 551 -6.48 -14.99 21.29
N ILE A 552 -7.64 -15.50 20.90
CA ILE A 552 -8.86 -14.69 20.84
C ILE A 552 -9.28 -14.32 22.26
N LEU A 553 -9.28 -15.31 23.15
CA LEU A 553 -9.67 -15.07 24.54
C LEU A 553 -8.75 -14.07 25.22
N ASN A 554 -7.45 -14.18 24.96
CA ASN A 554 -6.47 -13.26 25.55
C ASN A 554 -6.74 -11.83 25.09
N THR A 555 -7.06 -11.67 23.82
CA THR A 555 -7.32 -10.36 23.25
C THR A 555 -8.57 -9.78 23.89
N LEU A 556 -9.59 -10.63 24.03
CA LEU A 556 -10.86 -10.24 24.63
C LEU A 556 -10.63 -9.60 26.02
N LYS A 557 -9.73 -10.18 26.80
CA LYS A 557 -9.44 -9.67 28.14
C LYS A 557 -8.89 -8.24 28.08
N VAL A 558 -7.97 -8.01 27.15
CA VAL A 558 -7.38 -6.68 27.01
C VAL A 558 -8.38 -5.68 26.46
N VAL A 559 -9.17 -6.11 25.49
CA VAL A 559 -10.18 -5.24 24.90
C VAL A 559 -11.22 -4.81 25.93
N ASP A 560 -11.74 -5.75 26.70
CA ASP A 560 -12.74 -5.41 27.71
C ASP A 560 -12.19 -4.60 28.88
N SER A 561 -10.89 -4.75 29.13
CA SER A 561 -10.27 -4.00 30.24
C SER A 561 -9.92 -2.59 29.81
N THR A 562 -9.83 -2.33 28.52
CA THR A 562 -9.45 -1.01 28.05
C THR A 562 -10.48 -0.19 27.28
N ILE A 563 -11.31 -0.85 26.48
CA ILE A 563 -12.28 -0.10 25.68
C ILE A 563 -13.71 -0.58 25.73
N LYS A 564 -14.08 -1.24 26.82
CA LYS A 564 -15.45 -1.69 27.00
C LYS A 564 -16.09 -0.76 28.02
N VAL A 565 -17.34 -0.39 27.79
CA VAL A 565 -18.06 0.47 28.72
C VAL A 565 -19.48 -0.05 28.90
N ASP A 566 -19.88 -0.26 30.15
CA ASP A 566 -21.23 -0.71 30.46
C ASP A 566 -22.11 0.53 30.64
N THR A 567 -22.86 0.90 29.61
CA THR A 567 -23.74 2.06 29.72
C THR A 567 -25.04 1.65 30.38
N PRO A 568 -25.86 2.63 30.79
CA PRO A 568 -27.12 2.24 31.42
C PRO A 568 -28.10 1.59 30.44
N LYS A 569 -27.68 1.43 29.19
CA LYS A 569 -28.49 0.81 28.15
C LYS A 569 -27.90 -0.56 27.81
N GLY A 570 -26.72 -0.82 28.34
CA GLY A 570 -26.04 -2.08 28.07
C GLY A 570 -24.58 -1.84 27.70
N PRO A 571 -23.85 -2.90 27.34
CA PRO A 571 -22.44 -2.72 27.00
C PRO A 571 -22.18 -2.34 25.55
N SER A 572 -21.10 -1.58 25.35
CA SER A 572 -20.66 -1.20 24.02
C SER A 572 -19.15 -0.99 24.09
N TRP A 573 -18.51 -0.86 22.93
CA TRP A 573 -17.07 -0.70 22.87
C TRP A 573 -16.65 0.45 21.97
N TYR A 574 -15.44 0.98 22.20
CA TYR A 574 -14.86 2.03 21.35
C TYR A 574 -14.24 1.23 20.20
N ARG A 575 -13.93 1.89 19.10
CA ARG A 575 -13.31 1.22 17.95
C ARG A 575 -11.88 0.81 18.30
N TYR A 576 -11.22 1.59 19.14
CA TYR A 576 -9.84 1.35 19.59
C TYR A 576 -9.44 2.45 20.56
N ASN A 577 -8.40 2.21 21.36
CA ASN A 577 -7.97 3.22 22.33
C ASN A 577 -7.48 4.48 21.64
N HIS A 578 -7.85 5.62 22.21
CA HIS A 578 -7.46 6.94 21.71
C HIS A 578 -8.14 7.38 20.41
N ASP A 579 -9.25 6.72 20.09
CA ASP A 579 -10.00 7.06 18.90
C ASP A 579 -10.47 8.51 19.08
N GLY A 580 -10.29 9.34 18.05
CA GLY A 580 -10.70 10.73 18.18
C GLY A 580 -11.89 11.10 17.31
N TYR A 581 -12.42 10.15 16.57
CA TYR A 581 -13.55 10.42 15.68
C TYR A 581 -14.89 10.56 16.41
N GLY A 582 -15.12 11.73 17.01
CA GLY A 582 -16.36 11.97 17.72
C GLY A 582 -16.38 13.29 18.47
N GLU A 583 -17.51 13.62 19.10
CA GLU A 583 -17.62 14.88 19.86
C GLU A 583 -16.56 14.99 20.95
N PRO A 584 -15.84 16.13 20.97
CA PRO A 584 -14.79 16.36 21.96
C PRO A 584 -15.35 16.45 23.37
N SER A 585 -16.52 17.06 23.49
CA SER A 585 -17.18 17.21 24.77
C SER A 585 -18.67 17.06 24.55
N LYS A 586 -19.42 17.13 25.63
CA LYS A 586 -20.87 16.99 25.57
C LYS A 586 -21.52 18.21 24.90
N THR A 587 -20.83 19.35 24.91
CA THR A 587 -21.37 20.57 24.33
C THR A 587 -20.72 21.00 23.02
N GLU A 588 -19.83 20.17 22.47
CA GLU A 588 -19.16 20.52 21.22
C GLU A 588 -19.34 19.46 20.14
N LEU A 589 -19.50 19.92 18.90
CA LEU A 589 -19.68 19.04 17.76
C LEU A 589 -18.33 18.65 17.15
N TYR A 590 -18.31 17.53 16.45
CA TYR A 590 -17.09 17.04 15.81
C TYR A 590 -16.75 17.86 14.56
N HIS A 591 -15.54 18.41 14.52
CA HIS A 591 -15.09 19.21 13.39
C HIS A 591 -13.73 18.76 12.87
N GLY A 592 -13.31 17.56 13.26
CA GLY A 592 -12.03 17.05 12.81
C GLY A 592 -11.17 16.44 13.90
N ALA A 593 -11.31 16.94 15.12
CA ALA A 593 -10.52 16.44 16.26
C ALA A 593 -11.35 16.49 17.55
N GLY A 594 -11.69 15.30 18.06
CA GLY A 594 -12.47 15.22 19.29
C GLY A 594 -12.23 13.92 20.03
N LYS A 595 -13.31 13.19 20.34
CA LYS A 595 -13.18 11.94 21.08
C LYS A 595 -14.18 10.90 20.56
N GLY A 596 -13.66 9.79 20.04
CA GLY A 596 -14.51 8.73 19.54
C GLY A 596 -15.38 8.15 20.63
N ARG A 597 -16.64 7.87 20.33
CA ARG A 597 -17.53 7.34 21.34
C ARG A 597 -17.86 5.86 21.12
N LEU A 598 -18.89 5.37 21.80
CA LEU A 598 -19.30 3.97 21.70
C LEU A 598 -20.11 3.65 20.46
N TRP A 599 -19.82 2.51 19.84
CA TRP A 599 -20.52 2.10 18.64
C TRP A 599 -21.46 0.93 18.85
N PRO A 600 -22.78 1.17 18.78
CA PRO A 600 -23.68 0.02 18.98
C PRO A 600 -23.32 -1.07 17.96
N LEU A 601 -22.72 -0.68 16.85
CA LEU A 601 -22.31 -1.64 15.82
C LEU A 601 -21.40 -2.68 16.47
N LEU A 602 -20.48 -2.23 17.31
CA LEU A 602 -19.55 -3.14 17.97
C LEU A 602 -20.22 -3.97 19.06
N THR A 603 -21.37 -3.51 19.54
CA THR A 603 -22.12 -4.27 20.53
C THR A 603 -22.69 -5.47 19.78
N GLY A 604 -23.18 -5.20 18.57
CA GLY A 604 -23.73 -6.25 17.73
C GLY A 604 -22.67 -7.24 17.32
N GLU A 605 -21.49 -6.75 16.95
CA GLU A 605 -20.41 -7.65 16.54
C GLU A 605 -19.96 -8.55 17.69
N ARG A 606 -19.96 -8.02 18.92
CA ARG A 606 -19.56 -8.83 20.07
C ARG A 606 -20.62 -9.90 20.29
N GLY A 607 -21.88 -9.53 20.10
CA GLY A 607 -22.96 -10.48 20.27
C GLY A 607 -22.80 -11.63 19.29
N MET A 608 -22.40 -11.29 18.07
CA MET A 608 -22.20 -12.31 17.05
C MET A 608 -21.05 -13.23 17.45
N TYR A 609 -20.02 -12.66 18.06
CA TYR A 609 -18.92 -13.50 18.51
C TYR A 609 -19.39 -14.43 19.61
N GLU A 610 -20.20 -13.91 20.53
CA GLU A 610 -20.70 -14.71 21.62
C GLU A 610 -21.46 -15.93 21.11
N ILE A 611 -22.22 -15.76 20.04
CA ILE A 611 -22.96 -16.87 19.46
C ILE A 611 -21.95 -17.91 18.98
N ALA A 612 -20.92 -17.45 18.29
CA ALA A 612 -19.86 -18.34 17.81
C ALA A 612 -19.25 -19.11 18.98
N ALA A 613 -19.20 -18.46 20.14
CA ALA A 613 -18.65 -19.07 21.34
C ALA A 613 -19.66 -19.96 22.06
N GLY A 614 -20.82 -20.18 21.43
CA GLY A 614 -21.84 -21.01 22.03
C GLY A 614 -22.57 -20.43 23.23
N LYS A 615 -22.62 -19.10 23.32
CA LYS A 615 -23.28 -18.46 24.45
C LYS A 615 -24.49 -17.65 24.02
N ASP A 616 -25.34 -17.31 24.99
CA ASP A 616 -26.55 -16.53 24.71
C ASP A 616 -26.15 -15.12 24.32
N ALA A 617 -26.77 -14.61 23.27
CA ALA A 617 -26.47 -13.26 22.80
C ALA A 617 -27.64 -12.30 23.02
N THR A 618 -28.69 -12.80 23.65
CA THR A 618 -29.88 -11.99 23.92
C THR A 618 -29.56 -10.63 24.53
N PRO A 619 -28.66 -10.58 25.53
CA PRO A 619 -28.35 -9.27 26.13
C PRO A 619 -27.75 -8.28 25.12
N TYR A 620 -27.10 -8.80 24.08
CA TYR A 620 -26.53 -7.94 23.05
C TYR A 620 -27.64 -7.50 22.11
N VAL A 621 -28.62 -8.38 21.91
CA VAL A 621 -29.75 -8.01 21.06
C VAL A 621 -30.50 -6.91 21.82
N LYS A 622 -30.77 -7.14 23.09
CA LYS A 622 -31.49 -6.17 23.92
C LYS A 622 -30.76 -4.84 24.03
N ALA A 623 -29.43 -4.89 24.11
CA ALA A 623 -28.64 -3.66 24.21
C ALA A 623 -28.81 -2.82 22.93
N MET A 624 -28.71 -3.47 21.77
CA MET A 624 -28.86 -2.75 20.52
C MET A 624 -30.25 -2.12 20.43
N GLU A 625 -31.26 -2.84 20.93
CA GLU A 625 -32.64 -2.33 20.89
C GLU A 625 -32.78 -1.07 21.72
N LYS A 626 -32.14 -1.05 22.88
CA LYS A 626 -32.22 0.12 23.75
C LYS A 626 -31.38 1.27 23.21
N PHE A 627 -30.34 0.96 22.42
CA PHE A 627 -29.50 2.00 21.85
C PHE A 627 -30.25 2.75 20.75
N ALA A 628 -31.23 2.09 20.14
CA ALA A 628 -32.01 2.71 19.09
C ALA A 628 -32.85 3.81 19.73
N ASN A 629 -33.16 4.85 18.96
CA ASN A 629 -33.97 5.95 19.48
C ASN A 629 -35.46 5.63 19.38
N GLU A 630 -36.28 6.64 19.67
CA GLU A 630 -37.73 6.52 19.63
C GLU A 630 -38.24 6.09 18.26
N GLY A 631 -37.55 6.50 17.21
CA GLY A 631 -37.96 6.13 15.86
C GLY A 631 -37.42 4.78 15.42
N GLY A 632 -36.74 4.08 16.32
CA GLY A 632 -36.18 2.78 15.99
C GLY A 632 -34.91 2.91 15.16
N ILE A 633 -34.32 4.10 15.18
CA ILE A 633 -33.11 4.37 14.42
C ILE A 633 -31.87 4.26 15.28
N ILE A 634 -30.89 3.50 14.79
CA ILE A 634 -29.63 3.28 15.50
C ILE A 634 -28.56 4.19 14.90
N SER A 635 -27.90 4.94 15.78
CA SER A 635 -26.85 5.83 15.34
C SER A 635 -25.52 5.10 15.28
N GLU A 636 -24.54 5.76 14.66
CA GLU A 636 -23.20 5.22 14.56
C GLU A 636 -22.56 5.18 15.94
N GLN A 637 -22.82 6.21 16.74
CA GLN A 637 -22.24 6.32 18.07
C GLN A 637 -23.20 6.78 19.16
N VAL A 638 -22.93 6.36 20.40
CA VAL A 638 -23.73 6.75 21.57
C VAL A 638 -22.79 7.18 22.70
N TRP A 639 -23.29 8.02 23.60
CA TRP A 639 -22.51 8.50 24.74
C TRP A 639 -22.27 7.42 25.79
N GLU A 640 -21.13 7.50 26.48
CA GLU A 640 -20.80 6.52 27.51
C GLU A 640 -21.65 6.63 28.76
N ASP A 641 -22.00 7.86 29.15
CA ASP A 641 -22.77 8.06 30.38
C ASP A 641 -24.27 7.74 30.29
N THR A 642 -24.90 8.03 29.16
CA THR A 642 -26.34 7.78 29.03
C THR A 642 -26.71 6.72 28.00
N GLY A 643 -25.77 6.40 27.12
CA GLY A 643 -26.06 5.42 26.09
C GLY A 643 -26.95 6.03 25.03
N LEU A 644 -27.16 7.34 25.11
CA LEU A 644 -27.99 8.06 24.14
C LEU A 644 -27.15 8.41 22.92
N PRO A 645 -27.79 8.62 21.75
CA PRO A 645 -27.08 8.97 20.51
C PRO A 645 -26.29 10.27 20.58
N THR A 646 -25.15 10.30 19.90
CA THR A 646 -24.36 11.53 19.83
C THR A 646 -24.88 12.16 18.55
N ASP A 647 -24.19 13.15 18.00
CA ASP A 647 -24.67 13.74 16.77
C ASP A 647 -24.04 13.05 15.55
N SER A 648 -23.58 11.83 15.77
CA SER A 648 -22.95 11.05 14.71
C SER A 648 -24.01 10.64 13.70
N ALA A 649 -23.58 10.04 12.60
CA ALA A 649 -24.49 9.61 11.56
C ALA A 649 -25.58 8.69 12.10
N SER A 650 -26.77 8.82 11.53
CA SER A 650 -27.92 7.97 11.88
C SER A 650 -28.99 8.21 10.83
N PRO A 651 -29.63 7.14 10.35
CA PRO A 651 -29.35 5.75 10.74
C PRO A 651 -28.05 5.23 10.12
N LEU A 652 -27.27 4.47 10.90
CA LEU A 652 -26.04 3.88 10.36
C LEU A 652 -26.52 2.55 9.80
N ASN A 653 -26.64 2.47 8.49
CA ASN A 653 -27.12 1.27 7.82
C ASN A 653 -26.42 -0.03 8.20
N TRP A 654 -25.10 0.05 8.36
CA TRP A 654 -24.32 -1.12 8.73
C TRP A 654 -24.75 -1.63 10.12
N ALA A 655 -25.06 -0.69 11.03
CA ALA A 655 -25.48 -1.07 12.38
C ALA A 655 -26.86 -1.75 12.35
N HIS A 656 -27.75 -1.26 11.49
CA HIS A 656 -29.07 -1.87 11.39
C HIS A 656 -28.95 -3.25 10.76
N ALA A 657 -28.01 -3.39 9.84
CA ALA A 657 -27.77 -4.67 9.18
C ALA A 657 -27.22 -5.63 10.24
N GLU A 658 -26.33 -5.13 11.08
CA GLU A 658 -25.75 -5.95 12.13
C GLU A 658 -26.84 -6.39 13.10
N TYR A 659 -27.77 -5.49 13.44
CA TYR A 659 -28.85 -5.85 14.35
C TYR A 659 -29.71 -6.97 13.76
N VAL A 660 -30.06 -6.83 12.48
CA VAL A 660 -30.86 -7.84 11.81
C VAL A 660 -30.18 -9.20 11.86
N ILE A 661 -28.90 -9.24 11.48
CA ILE A 661 -28.14 -10.49 11.48
C ILE A 661 -27.99 -11.08 12.88
N LEU A 662 -27.80 -10.22 13.88
CA LEU A 662 -27.65 -10.68 15.27
C LEU A 662 -28.97 -11.23 15.79
N PHE A 663 -30.04 -10.46 15.56
CA PHE A 663 -31.38 -10.85 15.97
C PHE A 663 -31.71 -12.24 15.44
N ALA A 664 -31.51 -12.44 14.15
CA ALA A 664 -31.78 -13.72 13.49
C ALA A 664 -30.82 -14.81 13.96
N SER A 665 -29.54 -14.46 14.09
CA SER A 665 -28.53 -15.42 14.52
C SER A 665 -28.80 -15.92 15.93
N ASN A 666 -29.25 -15.02 16.81
CA ASN A 666 -29.54 -15.38 18.18
C ASN A 666 -30.73 -16.34 18.26
N ILE A 667 -31.57 -16.33 17.24
CA ILE A 667 -32.74 -17.21 17.20
C ILE A 667 -32.35 -18.59 16.66
N GLU A 668 -31.52 -18.61 15.62
CA GLU A 668 -31.06 -19.86 15.02
C GLU A 668 -29.95 -20.51 15.83
N HIS A 669 -29.29 -19.71 16.67
CA HIS A 669 -28.20 -20.19 17.50
C HIS A 669 -26.94 -20.44 16.67
N LYS A 670 -26.73 -19.62 15.65
CA LYS A 670 -25.56 -19.74 14.79
C LYS A 670 -25.30 -18.47 14.00
N VAL A 671 -24.05 -18.28 13.60
CA VAL A 671 -23.64 -17.11 12.83
C VAL A 671 -24.11 -17.27 11.40
N LEU A 672 -25.26 -16.67 11.10
CA LEU A 672 -25.88 -16.75 9.79
C LEU A 672 -25.13 -16.18 8.59
N ASP A 673 -24.20 -15.25 8.81
CA ASP A 673 -23.47 -14.69 7.67
C ASP A 673 -22.03 -15.19 7.50
N MET A 674 -21.65 -16.25 8.21
CA MET A 674 -20.29 -16.79 8.08
C MET A 674 -20.21 -17.77 6.90
N PRO A 675 -19.25 -17.56 6.00
CA PRO A 675 -19.10 -18.46 4.84
C PRO A 675 -18.61 -19.83 5.33
N ASP A 676 -19.44 -20.85 5.17
CA ASP A 676 -19.14 -22.18 5.64
C ASP A 676 -17.83 -22.83 5.19
N ILE A 677 -17.44 -22.62 3.94
CA ILE A 677 -16.20 -23.23 3.47
C ILE A 677 -14.98 -22.67 4.17
N VAL A 678 -15.04 -21.42 4.59
CA VAL A 678 -13.92 -20.82 5.28
C VAL A 678 -13.86 -21.45 6.68
N TYR A 679 -15.00 -21.46 7.35
CA TYR A 679 -15.09 -22.03 8.69
C TYR A 679 -14.64 -23.49 8.70
N LYS A 680 -15.14 -24.27 7.74
CA LYS A 680 -14.79 -25.68 7.67
C LYS A 680 -13.30 -25.93 7.46
N ARG A 681 -12.64 -25.06 6.74
CA ARG A 681 -11.22 -25.23 6.47
C ARG A 681 -10.29 -24.77 7.60
N TYR A 682 -10.67 -23.71 8.31
CA TYR A 682 -9.81 -23.17 9.34
C TYR A 682 -10.27 -23.25 10.79
N VAL A 683 -11.59 -23.14 11.01
CA VAL A 683 -12.12 -23.16 12.37
C VAL A 683 -12.84 -24.43 12.80
N ALA A 684 -13.31 -25.22 11.85
CA ALA A 684 -14.01 -26.46 12.18
C ALA A 684 -13.15 -27.36 13.06
N SER B 11 36.69 -43.81 -20.59
CA SER B 11 36.54 -42.33 -20.75
C SER B 11 37.38 -41.58 -19.73
N ILE B 12 37.52 -42.17 -18.54
CA ILE B 12 38.30 -41.57 -17.46
C ILE B 12 38.44 -42.55 -16.29
N LYS B 13 39.66 -42.72 -15.80
CA LYS B 13 39.91 -43.64 -14.68
C LYS B 13 39.91 -42.91 -13.34
N ILE B 14 38.91 -43.22 -12.53
CA ILE B 14 38.77 -42.60 -11.21
C ILE B 14 39.01 -43.60 -10.09
N ASP B 15 39.96 -43.27 -9.23
CA ASP B 15 40.28 -44.13 -8.10
C ASP B 15 39.98 -43.37 -6.82
N ARG B 16 39.08 -43.92 -6.01
CA ARG B 16 38.72 -43.26 -4.76
C ARG B 16 39.25 -44.10 -3.60
N PHE B 17 39.51 -43.43 -2.48
CA PHE B 17 40.04 -44.09 -1.30
C PHE B 17 39.73 -43.28 -0.06
N ASN B 18 39.70 -43.95 1.08
CA ASN B 18 39.43 -43.32 2.35
C ASN B 18 40.32 -43.98 3.39
N ASN B 19 41.58 -43.59 3.38
CA ASN B 19 42.57 -44.14 4.30
C ASN B 19 42.47 -43.59 5.71
N ILE B 20 42.18 -42.30 5.83
CA ILE B 20 42.10 -41.66 7.15
C ILE B 20 41.00 -40.60 7.17
N SER B 21 39.95 -40.82 7.95
CA SER B 21 38.86 -39.85 8.03
C SER B 21 39.10 -38.81 9.11
N ALA B 22 38.73 -37.57 8.82
CA ALA B 22 38.91 -36.48 9.79
C ALA B 22 38.09 -36.84 11.03
N VAL B 23 38.60 -36.45 12.21
CA VAL B 23 37.91 -36.74 13.45
C VAL B 23 37.40 -35.46 14.13
N ASN B 24 36.50 -35.65 15.10
CA ASN B 24 35.93 -34.55 15.86
C ASN B 24 35.19 -33.49 15.04
N GLY B 25 34.33 -33.92 14.14
CA GLY B 25 33.56 -32.99 13.34
C GLY B 25 32.37 -32.47 14.12
N PRO B 26 31.45 -31.70 13.49
CA PRO B 26 31.48 -31.28 12.08
C PRO B 26 32.22 -29.97 11.84
N GLY B 27 32.94 -29.49 12.85
CA GLY B 27 33.66 -28.24 12.72
C GLY B 27 32.78 -27.06 13.12
N GLU B 28 33.42 -25.90 13.33
CA GLU B 28 32.73 -24.68 13.74
C GLU B 28 32.11 -23.96 12.54
N GLU B 29 31.12 -23.11 12.79
CA GLU B 29 30.41 -22.37 11.78
C GLU B 29 31.24 -21.28 11.13
N ASP B 30 30.84 -21.04 9.89
CA ASP B 30 31.60 -20.18 9.01
C ASP B 30 30.83 -18.94 8.67
N THR B 31 31.62 -18.09 8.07
CA THR B 31 31.04 -16.86 7.53
C THR B 31 31.52 -16.63 6.10
N TRP B 32 30.93 -15.76 5.39
CA TRP B 32 31.41 -15.47 4.04
C TRP B 32 32.57 -14.50 4.04
N ALA B 33 33.09 -14.18 2.85
CA ALA B 33 34.22 -13.28 2.71
C ALA B 33 33.81 -11.81 2.69
N SER B 34 34.80 -10.94 2.86
CA SER B 34 34.57 -9.51 2.84
C SER B 34 33.92 -9.14 1.51
N ALA B 35 32.90 -8.28 1.57
CA ALA B 35 32.20 -7.84 0.38
C ALA B 35 32.98 -6.83 -0.46
N GLN B 36 34.10 -6.33 0.06
CA GLN B 36 34.94 -5.38 -0.69
C GLN B 36 35.77 -6.20 -1.67
N LYS B 37 35.42 -6.11 -2.95
CA LYS B 37 36.08 -6.89 -3.97
C LYS B 37 37.15 -6.17 -4.78
N GLN B 38 38.28 -6.84 -4.95
CA GLN B 38 39.40 -6.30 -5.74
C GLN B 38 39.08 -6.54 -7.21
N GLY B 39 38.19 -7.50 -7.46
CA GLY B 39 37.80 -7.80 -8.83
C GLY B 39 36.72 -8.87 -8.91
N VAL B 40 36.09 -8.93 -10.07
CA VAL B 40 35.05 -9.92 -10.34
C VAL B 40 35.20 -10.32 -11.81
N GLY B 41 34.81 -11.55 -12.14
CA GLY B 41 34.95 -11.95 -13.52
C GLY B 41 34.24 -13.23 -13.88
N THR B 42 34.21 -13.50 -15.19
CA THR B 42 33.57 -14.68 -15.76
C THR B 42 33.88 -14.61 -17.25
N ALA B 43 33.87 -15.75 -17.92
CA ALA B 43 34.14 -15.75 -19.35
C ALA B 43 33.01 -14.98 -20.02
N ASN B 44 33.32 -14.20 -21.04
CA ASN B 44 32.30 -13.44 -21.74
C ASN B 44 31.54 -14.30 -22.75
N ASN B 45 30.87 -15.34 -22.25
CA ASN B 45 30.05 -16.23 -23.06
C ASN B 45 29.11 -17.00 -22.12
N TYR B 46 28.12 -17.69 -22.70
CA TYR B 46 27.14 -18.43 -21.93
C TYR B 46 27.47 -19.89 -21.60
N VAL B 47 28.55 -20.39 -22.19
CA VAL B 47 28.98 -21.77 -21.99
C VAL B 47 29.65 -21.98 -20.64
N SER B 48 30.65 -21.15 -20.33
CA SER B 48 31.36 -21.26 -19.06
C SER B 48 30.56 -20.59 -17.96
N LYS B 49 29.85 -21.41 -17.19
CA LYS B 49 28.99 -20.93 -16.11
C LYS B 49 29.68 -20.89 -14.76
N VAL B 50 30.74 -20.10 -14.70
CA VAL B 50 31.54 -19.93 -13.49
C VAL B 50 31.89 -18.45 -13.34
N TRP B 51 31.66 -17.91 -12.15
CA TRP B 51 31.98 -16.51 -11.83
C TRP B 51 32.92 -16.54 -10.62
N PHE B 52 33.83 -15.59 -10.55
CA PHE B 52 34.73 -15.52 -9.40
C PHE B 52 34.84 -14.08 -8.91
N THR B 53 35.27 -13.94 -7.66
CA THR B 53 35.44 -12.63 -7.06
C THR B 53 36.77 -12.67 -6.31
N LEU B 54 37.39 -11.51 -6.12
CA LEU B 54 38.67 -11.41 -5.43
C LEU B 54 38.56 -10.48 -4.23
N ALA B 55 39.23 -10.82 -3.13
CA ALA B 55 39.20 -9.99 -1.93
C ALA B 55 40.40 -10.32 -1.03
N ASN B 56 40.98 -9.28 -0.45
CA ASN B 56 42.13 -9.44 0.43
C ASN B 56 43.24 -10.29 -0.20
N GLY B 57 43.49 -10.05 -1.49
CA GLY B 57 44.54 -10.75 -2.19
C GLY B 57 44.30 -12.20 -2.58
N ALA B 58 43.07 -12.67 -2.43
CA ALA B 58 42.78 -14.05 -2.78
C ALA B 58 41.37 -14.23 -3.34
N ILE B 59 41.17 -15.34 -4.02
CA ILE B 59 39.86 -15.65 -4.58
C ILE B 59 38.89 -15.76 -3.40
N SER B 60 37.75 -15.08 -3.49
CA SER B 60 36.75 -15.20 -2.43
C SER B 60 35.63 -16.08 -2.97
N GLU B 61 34.39 -15.60 -3.02
CA GLU B 61 33.31 -16.44 -3.52
C GLU B 61 33.42 -16.80 -5.01
N VAL B 62 33.06 -18.04 -5.34
CA VAL B 62 33.08 -18.50 -6.72
C VAL B 62 31.67 -19.07 -6.93
N TYR B 63 31.09 -18.77 -8.09
CA TYR B 63 29.71 -19.19 -8.41
C TYR B 63 29.58 -20.19 -9.56
N TYR B 64 28.58 -21.06 -9.44
CA TYR B 64 28.28 -22.09 -10.43
C TYR B 64 27.06 -22.87 -9.95
N PRO B 65 26.14 -23.20 -10.88
CA PRO B 65 26.17 -22.92 -12.32
C PRO B 65 25.37 -21.67 -12.69
N THR B 66 24.86 -20.98 -11.67
CA THR B 66 24.10 -19.74 -11.85
C THR B 66 24.77 -18.66 -11.03
N ILE B 67 24.55 -17.40 -11.39
CA ILE B 67 25.18 -16.28 -10.70
C ILE B 67 24.71 -16.04 -9.26
N ASP B 68 23.73 -16.83 -8.80
CA ASP B 68 23.24 -16.70 -7.43
C ASP B 68 23.52 -17.98 -6.65
N THR B 69 24.43 -18.78 -7.16
CA THR B 69 24.79 -20.04 -6.50
C THR B 69 26.27 -20.04 -6.17
N ALA B 70 26.60 -19.50 -4.99
CA ALA B 70 27.99 -19.45 -4.53
C ALA B 70 28.32 -20.85 -4.02
N ASP B 71 29.54 -21.32 -4.30
CA ASP B 71 29.95 -22.65 -3.86
C ASP B 71 31.28 -22.64 -3.12
N VAL B 72 31.93 -21.48 -3.11
CA VAL B 72 33.23 -21.35 -2.48
C VAL B 72 33.27 -20.09 -1.62
N LYS B 73 33.96 -20.17 -0.49
CA LYS B 73 34.09 -19.02 0.38
C LYS B 73 35.40 -18.32 0.04
N GLU B 74 36.46 -19.10 -0.04
CA GLU B 74 37.81 -18.60 -0.36
C GLU B 74 38.75 -19.71 -0.83
N ILE B 75 39.87 -19.27 -1.39
CA ILE B 75 40.96 -20.14 -1.84
C ILE B 75 42.17 -19.24 -1.56
N LYS B 76 42.96 -19.57 -0.55
CA LYS B 76 44.11 -18.74 -0.19
C LYS B 76 45.37 -19.52 0.16
N PHE B 77 46.51 -18.83 0.15
CA PHE B 77 47.77 -19.44 0.48
C PHE B 77 48.20 -19.13 1.90
N ILE B 78 48.86 -20.10 2.53
CA ILE B 78 49.39 -19.92 3.87
C ILE B 78 50.85 -20.31 3.76
N VAL B 79 51.74 -19.48 4.29
CA VAL B 79 53.16 -19.77 4.23
C VAL B 79 53.78 -19.82 5.62
N THR B 80 54.79 -20.66 5.77
CA THR B 80 55.49 -20.80 7.04
C THR B 80 56.95 -21.16 6.77
N ASP B 81 57.76 -21.16 7.83
CA ASP B 81 59.16 -21.51 7.71
C ASP B 81 59.34 -22.89 8.34
N GLY B 82 58.23 -23.47 8.76
CA GLY B 82 58.23 -24.78 9.38
C GLY B 82 58.81 -24.74 10.78
N LYS B 83 59.10 -23.54 11.27
CA LYS B 83 59.68 -23.37 12.59
C LYS B 83 58.87 -22.48 13.53
N SER B 84 58.59 -21.25 13.11
CA SER B 84 57.86 -20.33 13.96
C SER B 84 56.68 -19.57 13.33
N PHE B 85 56.97 -18.59 12.49
CA PHE B 85 55.91 -17.79 11.88
C PHE B 85 55.00 -18.52 10.90
N VAL B 86 53.75 -18.07 10.85
CA VAL B 86 52.74 -18.63 9.98
C VAL B 86 51.82 -17.50 9.50
N PRO B 87 52.16 -16.87 8.36
CA PRO B 87 51.34 -15.79 7.81
C PRO B 87 50.28 -16.19 6.80
N ASP B 88 49.10 -15.63 6.98
CA ASP B 88 47.96 -15.87 6.10
C ASP B 88 47.99 -14.70 5.13
N GLU B 89 48.21 -14.98 3.85
CA GLU B 89 48.29 -13.93 2.84
C GLU B 89 47.12 -12.95 2.85
N THR B 90 45.94 -13.43 3.19
CA THR B 90 44.77 -12.56 3.21
C THR B 90 44.75 -11.53 4.34
N LYS B 91 45.69 -11.63 5.27
CA LYS B 91 45.74 -10.67 6.37
C LYS B 91 47.15 -10.25 6.77
N ASP B 92 48.15 -11.01 6.32
CA ASP B 92 49.53 -10.70 6.68
C ASP B 92 50.38 -10.24 5.51
N ALA B 93 49.73 -9.87 4.41
CA ALA B 93 50.44 -9.39 3.23
C ALA B 93 49.68 -8.25 2.58
N ILE B 94 50.41 -7.38 1.90
CA ILE B 94 49.81 -6.25 1.20
C ILE B 94 49.55 -6.72 -0.22
N SER B 95 48.32 -6.53 -0.70
CA SER B 95 47.95 -6.99 -2.03
C SER B 95 47.76 -5.86 -3.02
N LYS B 96 48.29 -6.04 -4.22
CA LYS B 96 48.18 -5.06 -5.29
C LYS B 96 47.47 -5.77 -6.43
N VAL B 97 46.39 -5.19 -6.94
CA VAL B 97 45.64 -5.79 -8.04
C VAL B 97 45.74 -4.97 -9.32
N GLU B 98 45.66 -5.65 -10.45
CA GLU B 98 45.68 -5.00 -11.76
C GLU B 98 45.08 -5.99 -12.75
N LYS B 99 44.48 -5.48 -13.82
CA LYS B 99 43.88 -6.38 -14.80
C LYS B 99 44.88 -6.70 -15.90
N PHE B 100 44.65 -7.81 -16.59
CA PHE B 100 45.53 -8.22 -17.69
C PHE B 100 45.65 -7.06 -18.69
N THR B 101 44.51 -6.46 -19.02
CA THR B 101 44.44 -5.31 -19.93
C THR B 101 43.21 -4.53 -19.50
N ASP B 102 43.08 -3.31 -20.01
CA ASP B 102 41.94 -2.45 -19.69
C ASP B 102 40.65 -2.95 -20.31
N LYS B 103 40.76 -3.97 -21.16
CA LYS B 103 39.57 -4.50 -21.82
C LYS B 103 39.32 -5.98 -21.55
N SER B 104 39.64 -6.41 -20.33
CA SER B 104 39.43 -7.80 -19.93
C SER B 104 39.30 -7.91 -18.41
N LEU B 105 38.45 -8.82 -17.95
CA LEU B 105 38.25 -9.02 -16.53
C LEU B 105 39.14 -10.15 -16.02
N GLY B 106 40.41 -10.09 -16.38
CA GLY B 106 41.38 -11.08 -15.95
C GLY B 106 42.24 -10.33 -14.95
N TYR B 107 42.70 -10.98 -13.90
CA TYR B 107 43.47 -10.27 -12.89
C TYR B 107 44.80 -10.85 -12.46
N LYS B 108 45.69 -9.94 -12.11
CA LYS B 108 47.00 -10.29 -11.61
C LYS B 108 47.09 -9.71 -10.20
N LEU B 109 47.44 -10.55 -9.24
CA LEU B 109 47.58 -10.13 -7.85
C LEU B 109 49.01 -10.31 -7.38
N VAL B 110 49.51 -9.33 -6.65
CA VAL B 110 50.86 -9.41 -6.11
C VAL B 110 50.73 -9.16 -4.62
N ASN B 111 50.98 -10.20 -3.84
CA ASN B 111 50.87 -10.09 -2.40
C ASN B 111 52.25 -10.14 -1.78
N THR B 112 52.62 -9.05 -1.13
CA THR B 112 53.91 -8.94 -0.49
C THR B 112 53.81 -9.00 1.03
N ASP B 113 54.48 -10.00 1.59
CA ASP B 113 54.50 -10.21 3.04
C ASP B 113 54.76 -8.88 3.75
N LYS B 114 53.98 -8.58 4.77
CA LYS B 114 54.16 -7.33 5.52
C LYS B 114 55.56 -7.31 6.15
N LYS B 115 56.10 -8.48 6.44
CA LYS B 115 57.42 -8.58 7.04
C LYS B 115 58.51 -8.73 5.99
N GLY B 116 58.12 -8.61 4.72
CA GLY B 116 59.07 -8.70 3.62
C GLY B 116 59.84 -9.99 3.44
N ARG B 117 59.24 -11.12 3.82
CA ARG B 117 59.91 -12.40 3.69
C ARG B 117 59.56 -13.13 2.40
N TYR B 118 58.33 -12.97 1.93
CA TYR B 118 57.90 -13.65 0.72
C TYR B 118 57.00 -12.78 -0.16
N ARG B 119 56.77 -13.24 -1.39
CA ARG B 119 55.90 -12.56 -2.34
C ARG B 119 55.20 -13.60 -3.21
N ILE B 120 53.88 -13.47 -3.35
CA ILE B 120 53.10 -14.39 -4.15
C ILE B 120 52.42 -13.63 -5.28
N THR B 121 52.57 -14.12 -6.50
CA THR B 121 51.97 -13.48 -7.66
C THR B 121 50.95 -14.43 -8.29
N LYS B 122 49.77 -13.92 -8.58
CA LYS B 122 48.71 -14.76 -9.16
C LYS B 122 48.12 -14.21 -10.44
N ASP B 123 47.68 -15.12 -11.30
CA ASP B 123 47.01 -14.79 -12.57
C ASP B 123 45.72 -15.57 -12.42
N ILE B 124 44.59 -14.87 -12.45
CA ILE B 124 43.29 -15.52 -12.25
C ILE B 124 42.28 -15.20 -13.35
N PHE B 125 41.61 -16.24 -13.85
CA PHE B 125 40.60 -16.10 -14.90
C PHE B 125 39.91 -17.45 -15.10
N THR B 126 38.97 -17.54 -16.03
CA THR B 126 38.28 -18.81 -16.25
C THR B 126 38.49 -19.40 -17.65
N ASP B 127 38.19 -20.69 -17.76
CA ASP B 127 38.30 -21.42 -19.02
C ASP B 127 37.07 -21.05 -19.84
N VAL B 128 37.28 -20.34 -20.95
CA VAL B 128 36.16 -19.92 -21.79
C VAL B 128 35.31 -21.08 -22.31
N LYS B 129 35.92 -22.26 -22.43
CA LYS B 129 35.21 -23.43 -22.95
C LYS B 129 34.51 -24.33 -21.95
N ARG B 130 34.93 -24.30 -20.69
CA ARG B 130 34.33 -25.18 -19.70
C ARG B 130 34.29 -24.57 -18.30
N ASN B 131 33.59 -25.26 -17.40
CA ASN B 131 33.42 -24.77 -16.04
C ASN B 131 34.59 -24.92 -15.09
N SER B 132 35.63 -24.11 -15.27
CA SER B 132 36.77 -24.19 -14.40
C SER B 132 37.41 -22.82 -14.14
N LEU B 133 37.86 -22.62 -12.90
CA LEU B 133 38.52 -21.39 -12.50
C LEU B 133 40.01 -21.69 -12.50
N ILE B 134 40.82 -20.78 -13.04
CA ILE B 134 42.25 -20.99 -13.10
C ILE B 134 43.05 -19.96 -12.33
N MET B 135 44.05 -20.43 -11.59
CA MET B 135 44.94 -19.54 -10.85
C MET B 135 46.37 -19.99 -11.02
N LYS B 136 47.15 -19.20 -11.75
CA LYS B 136 48.56 -19.52 -11.90
C LYS B 136 49.20 -18.77 -10.75
N ALA B 137 50.10 -19.41 -10.03
CA ALA B 137 50.76 -18.75 -8.91
C ALA B 137 52.25 -19.06 -8.84
N LYS B 138 53.02 -18.11 -8.33
CA LYS B 138 54.45 -18.29 -8.18
C LYS B 138 54.87 -17.73 -6.83
N PHE B 139 55.74 -18.45 -6.14
CA PHE B 139 56.22 -18.05 -4.84
C PHE B 139 57.65 -17.54 -4.93
N GLU B 140 57.94 -16.44 -4.24
CA GLU B 140 59.28 -15.86 -4.25
C GLU B 140 59.75 -15.59 -2.83
N ALA B 141 60.97 -16.02 -2.52
CA ALA B 141 61.53 -15.79 -1.20
C ALA B 141 62.24 -14.44 -1.26
N LEU B 142 61.72 -13.45 -0.54
CA LEU B 142 62.34 -12.14 -0.55
C LEU B 142 63.59 -12.13 0.33
N GLU B 143 63.52 -12.83 1.45
CA GLU B 143 64.68 -12.93 2.33
C GLU B 143 64.96 -14.41 2.54
N GLY B 144 66.24 -14.76 2.57
CA GLY B 144 66.61 -16.15 2.74
C GLY B 144 66.41 -16.92 1.46
N SER B 145 66.23 -18.23 1.59
CA SER B 145 66.04 -19.09 0.43
C SER B 145 64.65 -19.69 0.37
N ILE B 146 64.24 -20.07 -0.82
CA ILE B 146 62.92 -20.66 -1.03
C ILE B 146 62.76 -21.97 -0.24
N HIS B 147 63.84 -22.73 -0.12
CA HIS B 147 63.80 -24.00 0.61
C HIS B 147 63.59 -23.78 2.10
N ASP B 148 63.60 -22.53 2.53
CA ASP B 148 63.40 -22.24 3.94
C ASP B 148 61.92 -22.01 4.23
N TYR B 149 61.11 -22.09 3.18
CA TYR B 149 59.68 -21.87 3.33
C TYR B 149 58.84 -23.06 2.89
N LYS B 150 57.59 -23.08 3.39
CA LYS B 150 56.62 -24.11 3.07
C LYS B 150 55.39 -23.33 2.63
N LEU B 151 54.75 -23.77 1.55
CA LEU B 151 53.57 -23.09 1.04
C LEU B 151 52.37 -24.02 1.05
N TYR B 152 51.28 -23.57 1.64
CA TYR B 152 50.06 -24.38 1.70
C TYR B 152 48.88 -23.65 1.09
N LEU B 153 47.98 -24.41 0.47
CA LEU B 153 46.78 -23.86 -0.14
C LEU B 153 45.60 -24.34 0.69
N ALA B 154 44.68 -23.43 1.00
CA ALA B 154 43.51 -23.77 1.80
C ALA B 154 42.26 -23.41 1.02
N TYR B 155 41.52 -24.45 0.63
CA TYR B 155 40.28 -24.29 -0.14
C TYR B 155 39.09 -24.46 0.78
N ASP B 156 38.20 -23.48 0.81
CA ASP B 156 37.02 -23.56 1.67
C ASP B 156 35.72 -23.62 0.89
N PRO B 157 35.21 -24.83 0.64
CA PRO B 157 33.97 -25.00 -0.11
C PRO B 157 32.70 -24.69 0.68
N HIS B 158 31.80 -23.94 0.06
CA HIS B 158 30.51 -23.59 0.66
C HIS B 158 29.48 -23.88 -0.43
N ILE B 159 29.47 -25.13 -0.88
CA ILE B 159 28.60 -25.57 -1.95
C ILE B 159 27.13 -25.25 -1.76
N LYS B 160 26.56 -24.64 -2.80
CA LYS B 160 25.16 -24.23 -2.80
C LYS B 160 24.81 -23.28 -1.68
N ASN B 161 25.58 -22.20 -1.56
CA ASN B 161 25.35 -21.16 -0.57
C ASN B 161 25.36 -21.55 0.90
N GLN B 162 26.15 -22.53 1.30
CA GLN B 162 26.23 -22.89 2.70
C GLN B 162 27.55 -23.58 3.02
N GLY B 163 28.16 -23.16 4.11
CA GLY B 163 29.45 -23.72 4.49
C GLY B 163 29.34 -25.00 5.30
N SER B 164 28.18 -25.20 5.93
CA SER B 164 27.97 -26.38 6.74
C SER B 164 27.64 -27.62 5.91
N TYR B 165 27.94 -28.77 6.48
CA TYR B 165 27.65 -30.06 5.84
C TYR B 165 28.19 -30.21 4.43
N ASN B 166 29.43 -29.78 4.21
CA ASN B 166 30.07 -29.93 2.91
C ASN B 166 30.85 -31.24 2.99
N GLU B 167 30.65 -32.11 2.00
CA GLU B 167 31.35 -33.38 2.00
C GLU B 167 32.65 -33.28 1.21
N GLY B 168 33.76 -33.61 1.87
CA GLY B 168 35.05 -33.56 1.20
C GLY B 168 35.73 -34.90 1.14
N TYR B 169 36.48 -35.14 0.08
CA TYR B 169 37.21 -36.39 -0.09
C TYR B 169 38.27 -36.25 -1.18
N VAL B 170 39.04 -37.31 -1.39
CA VAL B 170 40.09 -37.29 -2.38
C VAL B 170 39.99 -38.46 -3.33
N ILE B 171 40.24 -38.19 -4.61
CA ILE B 171 40.20 -39.23 -5.63
C ILE B 171 41.43 -39.08 -6.51
N LYS B 172 41.52 -39.92 -7.52
CA LYS B 172 42.62 -39.85 -8.45
C LYS B 172 42.00 -40.04 -9.83
N ALA B 173 42.20 -39.05 -10.69
CA ALA B 173 41.68 -39.07 -12.04
C ALA B 173 42.88 -39.11 -12.97
N ASN B 174 43.03 -40.20 -13.71
CA ASN B 174 44.16 -40.37 -14.61
C ASN B 174 45.46 -39.98 -13.92
N ASN B 175 45.72 -40.59 -12.77
CA ASN B 175 46.93 -40.31 -12.00
C ASN B 175 47.05 -38.86 -11.53
N ASN B 176 45.91 -38.18 -11.39
CA ASN B 176 45.89 -36.80 -10.92
C ASN B 176 45.14 -36.73 -9.61
N GLU B 177 45.83 -36.36 -8.52
CA GLU B 177 45.19 -36.27 -7.22
C GLU B 177 44.38 -34.99 -7.12
N MET B 178 43.07 -35.16 -6.95
CA MET B 178 42.16 -34.03 -6.85
C MET B 178 41.38 -34.05 -5.54
N LEU B 179 41.28 -32.88 -4.91
CA LEU B 179 40.52 -32.73 -3.68
C LEU B 179 39.10 -32.43 -4.14
N MET B 180 38.16 -33.29 -3.74
CA MET B 180 36.77 -33.15 -4.14
C MET B 180 35.86 -32.63 -3.03
N ALA B 181 34.76 -32.02 -3.44
CA ALA B 181 33.77 -31.49 -2.50
C ALA B 181 32.42 -31.59 -3.19
N LYS B 182 31.38 -31.88 -2.41
CA LYS B 182 30.05 -31.99 -2.97
C LYS B 182 28.96 -31.68 -1.97
N ARG B 183 27.80 -31.34 -2.51
CA ARG B 183 26.61 -31.05 -1.73
C ARG B 183 25.51 -31.10 -2.79
N ASP B 184 24.56 -32.00 -2.59
CA ASP B 184 23.47 -32.19 -3.54
C ASP B 184 24.02 -32.53 -4.92
N ASN B 185 23.59 -31.81 -5.94
CA ASN B 185 24.03 -32.08 -7.31
C ASN B 185 25.26 -31.29 -7.75
N VAL B 186 25.88 -30.55 -6.82
CA VAL B 186 27.04 -29.75 -7.18
C VAL B 186 28.36 -30.32 -6.64
N TYR B 187 29.29 -30.58 -7.57
CA TYR B 187 30.61 -31.13 -7.24
C TYR B 187 31.74 -30.19 -7.68
N THR B 188 32.83 -30.17 -6.92
CA THR B 188 33.99 -29.36 -7.27
C THR B 188 35.24 -30.22 -7.19
N ALA B 189 36.17 -29.99 -8.11
CA ALA B 189 37.44 -30.73 -8.16
C ALA B 189 38.58 -29.73 -8.15
N LEU B 190 39.47 -29.86 -7.17
CA LEU B 190 40.62 -28.98 -7.04
C LEU B 190 41.84 -29.76 -7.48
N SER B 191 42.59 -29.23 -8.46
CA SER B 191 43.76 -29.91 -8.97
C SER B 191 44.96 -28.98 -9.15
N SER B 192 46.14 -29.60 -9.29
CA SER B 192 47.40 -28.88 -9.47
C SER B 192 48.15 -29.48 -10.66
N ASN B 193 48.73 -28.63 -11.51
CA ASN B 193 49.46 -29.13 -12.67
C ASN B 193 50.71 -29.89 -12.24
N ILE B 194 51.18 -29.62 -11.03
CA ILE B 194 52.35 -30.32 -10.52
C ILE B 194 51.97 -31.25 -9.37
N GLY B 195 50.67 -31.38 -9.12
CA GLY B 195 50.20 -32.24 -8.06
C GLY B 195 50.37 -31.61 -6.68
N TRP B 196 50.21 -32.43 -5.64
CA TRP B 196 50.35 -31.95 -4.27
C TRP B 196 51.43 -32.71 -3.52
N LYS B 197 52.12 -32.02 -2.62
CA LYS B 197 53.17 -32.63 -1.82
C LYS B 197 52.49 -33.36 -0.65
N GLY B 198 51.24 -32.97 -0.40
CA GLY B 198 50.45 -33.56 0.67
C GLY B 198 49.08 -32.91 0.70
N TYR B 199 48.11 -33.59 1.29
CA TYR B 199 46.75 -33.05 1.37
C TYR B 199 46.08 -33.44 2.69
N SER B 200 44.97 -32.77 3.01
CA SER B 200 44.23 -33.03 4.22
C SER B 200 42.90 -32.29 4.22
N ILE B 201 41.83 -33.01 4.51
CA ILE B 201 40.50 -32.43 4.56
C ILE B 201 40.08 -32.45 6.03
N GLY B 202 40.14 -31.29 6.67
CA GLY B 202 39.79 -31.19 8.07
C GLY B 202 38.65 -30.26 8.39
N TYR B 203 38.23 -30.28 9.66
CA TYR B 203 37.13 -29.44 10.13
C TYR B 203 37.54 -28.06 10.60
N TYR B 204 36.82 -27.06 10.11
CA TYR B 204 37.11 -25.66 10.43
C TYR B 204 37.29 -25.41 11.92
N LYS B 205 38.43 -24.82 12.26
CA LYS B 205 38.79 -24.49 13.64
C LYS B 205 38.95 -25.69 14.58
N VAL B 206 39.10 -26.87 13.99
CA VAL B 206 39.27 -28.10 14.77
C VAL B 206 40.60 -28.76 14.39
N ASN B 207 40.67 -29.23 13.14
CA ASN B 207 41.88 -29.87 12.65
C ASN B 207 42.10 -29.54 11.17
N ASP B 208 41.68 -28.35 10.78
CA ASP B 208 41.84 -27.88 9.41
C ASP B 208 43.31 -27.50 9.20
N ILE B 209 43.70 -27.32 7.95
CA ILE B 209 45.08 -26.98 7.63
C ILE B 209 45.61 -25.77 8.40
N MET B 210 44.79 -24.74 8.56
CA MET B 210 45.20 -23.52 9.27
C MET B 210 45.51 -23.78 10.74
N THR B 211 44.67 -24.57 11.40
CA THR B 211 44.86 -24.89 12.80
C THR B 211 46.07 -25.79 12.97
N ASP B 212 46.26 -26.71 12.02
CA ASP B 212 47.38 -27.63 12.06
C ASP B 212 48.69 -26.85 12.03
N LEU B 213 48.76 -25.83 11.18
CA LEU B 213 49.97 -25.01 11.06
C LEU B 213 50.22 -24.13 12.28
N ASP B 214 49.15 -23.65 12.90
CA ASP B 214 49.28 -22.80 14.07
C ASP B 214 49.94 -23.54 15.23
N GLU B 215 49.78 -24.86 15.24
CA GLU B 215 50.32 -25.69 16.30
C GLU B 215 51.64 -26.38 15.92
N ASN B 216 51.75 -26.80 14.66
CA ASN B 216 52.94 -27.50 14.20
C ASN B 216 53.73 -26.72 13.17
N LYS B 217 53.06 -25.79 12.49
CA LYS B 217 53.69 -24.97 11.45
C LYS B 217 54.16 -25.85 10.31
N GLN B 218 53.42 -26.94 10.13
CA GLN B 218 53.67 -27.90 9.07
C GLN B 218 52.50 -28.88 9.15
N MET B 219 52.18 -29.54 8.04
CA MET B 219 51.08 -30.50 8.04
C MET B 219 51.40 -31.74 8.86
N THR B 220 50.49 -32.09 9.76
CA THR B 220 50.64 -33.26 10.62
C THR B 220 49.56 -34.27 10.26
N LYS B 221 48.37 -33.77 9.97
CA LYS B 221 47.27 -34.64 9.60
C LYS B 221 47.13 -34.67 8.08
N HIS B 222 46.61 -35.78 7.57
CA HIS B 222 46.44 -35.96 6.14
C HIS B 222 45.13 -36.69 5.89
N TYR B 223 44.04 -36.13 6.40
CA TYR B 223 42.72 -36.72 6.25
C TYR B 223 42.28 -36.66 4.79
N ASP B 224 41.58 -37.70 4.34
CA ASP B 224 41.09 -37.73 2.97
C ASP B 224 39.57 -37.81 2.93
N SER B 225 38.93 -37.47 4.05
CA SER B 225 37.48 -37.50 4.13
C SER B 225 36.93 -36.71 5.31
N ALA B 226 35.85 -35.97 5.07
CA ALA B 226 35.21 -35.17 6.12
C ALA B 226 33.88 -34.62 5.61
N ARG B 227 33.01 -34.22 6.54
CA ARG B 227 31.71 -33.65 6.20
C ARG B 227 31.23 -32.66 7.27
N GLY B 228 31.04 -31.41 6.84
CA GLY B 228 30.60 -30.36 7.73
C GLY B 228 31.26 -29.09 7.25
N ASN B 229 31.67 -28.22 8.17
CA ASN B 229 32.36 -27.01 7.77
C ASN B 229 33.79 -27.48 7.61
N ILE B 230 34.17 -27.74 6.37
CA ILE B 230 35.49 -28.26 6.09
C ILE B 230 36.41 -27.30 5.34
N ILE B 231 37.70 -27.64 5.33
CA ILE B 231 38.71 -26.88 4.64
C ILE B 231 39.61 -27.88 3.96
N GLU B 232 39.73 -27.76 2.64
CA GLU B 232 40.57 -28.67 1.89
C GLU B 232 41.94 -28.03 1.72
N GLY B 233 42.92 -28.58 2.44
CA GLY B 233 44.26 -28.04 2.38
C GLY B 233 45.25 -28.94 1.67
N ALA B 234 46.30 -28.32 1.15
CA ALA B 234 47.32 -29.06 0.44
C ALA B 234 48.62 -28.28 0.46
N GLU B 235 49.73 -29.02 0.46
CA GLU B 235 51.02 -28.38 0.47
C GLU B 235 51.56 -28.40 -0.95
N ILE B 236 52.19 -27.31 -1.34
CA ILE B 236 52.75 -27.19 -2.67
C ILE B 236 54.24 -27.56 -2.58
N ASP B 237 54.67 -28.48 -3.44
CA ASP B 237 56.08 -28.90 -3.44
C ASP B 237 56.91 -27.84 -4.15
N LEU B 238 57.40 -26.87 -3.40
CA LEU B 238 58.20 -25.78 -3.97
C LEU B 238 59.50 -26.26 -4.62
N THR B 239 60.11 -27.31 -4.07
CA THR B 239 61.35 -27.82 -4.63
C THR B 239 61.11 -28.36 -6.04
N LYS B 240 59.84 -28.63 -6.37
CA LYS B 240 59.51 -29.14 -7.70
C LYS B 240 59.32 -27.98 -8.68
N ASN B 241 58.73 -26.89 -8.18
CA ASN B 241 58.50 -25.70 -8.99
C ASN B 241 57.89 -24.62 -8.12
N SER B 242 58.46 -23.42 -8.19
CA SER B 242 57.96 -22.30 -7.40
C SER B 242 56.78 -21.66 -8.11
N GLU B 243 56.59 -22.05 -9.36
CA GLU B 243 55.49 -21.55 -10.18
C GLU B 243 54.62 -22.74 -10.57
N PHE B 244 53.30 -22.57 -10.47
CA PHE B 244 52.38 -23.67 -10.75
C PHE B 244 50.98 -23.20 -11.11
N GLU B 245 50.12 -24.14 -11.51
CA GLU B 245 48.75 -23.81 -11.90
C GLU B 245 47.72 -24.58 -11.09
N ILE B 246 46.82 -23.84 -10.45
CA ILE B 246 45.76 -24.45 -9.67
C ILE B 246 44.47 -24.33 -10.44
N VAL B 247 43.75 -25.43 -10.56
CA VAL B 247 42.49 -25.44 -11.31
C VAL B 247 41.32 -25.97 -10.47
N LEU B 248 40.24 -25.20 -10.40
CA LEU B 248 39.04 -25.60 -9.67
C LEU B 248 37.92 -25.78 -10.69
N SER B 249 37.43 -27.02 -10.79
CA SER B 249 36.38 -27.32 -11.75
C SER B 249 35.07 -27.76 -11.09
N PHE B 250 33.98 -27.56 -11.83
CA PHE B 250 32.64 -27.86 -11.35
C PHE B 250 31.90 -28.86 -12.22
N GLY B 251 31.00 -29.61 -11.61
CA GLY B 251 30.23 -30.59 -12.36
C GLY B 251 29.02 -31.05 -11.55
N GLN B 252 28.16 -31.84 -12.19
CA GLN B 252 26.98 -32.38 -11.52
C GLN B 252 27.29 -33.80 -11.08
N SER B 253 28.57 -34.15 -11.09
CA SER B 253 29.01 -35.48 -10.69
C SER B 253 30.52 -35.47 -10.54
N ASP B 254 31.04 -36.50 -9.88
CA ASP B 254 32.48 -36.64 -9.67
C ASP B 254 33.21 -36.69 -11.00
N SER B 255 32.70 -37.53 -11.90
CA SER B 255 33.30 -37.72 -13.21
C SER B 255 33.32 -36.43 -14.03
N GLU B 256 32.23 -35.67 -13.99
CA GLU B 256 32.18 -34.44 -14.76
C GLU B 256 33.20 -33.43 -14.24
N ALA B 257 33.21 -33.21 -12.93
CA ALA B 257 34.15 -32.27 -12.33
C ALA B 257 35.59 -32.64 -12.65
N ALA B 258 35.96 -33.89 -12.40
CA ALA B 258 37.32 -34.36 -12.65
C ALA B 258 37.69 -34.23 -14.11
N LYS B 259 36.82 -34.70 -14.99
CA LYS B 259 37.06 -34.63 -16.42
C LYS B 259 37.26 -33.19 -16.87
N THR B 260 36.45 -32.27 -16.34
CA THR B 260 36.56 -30.87 -16.71
C THR B 260 37.92 -30.33 -16.27
N ALA B 261 38.35 -30.70 -15.06
CA ALA B 261 39.64 -30.26 -14.55
C ALA B 261 40.77 -30.75 -15.46
N LEU B 262 40.67 -32.01 -15.88
CA LEU B 262 41.68 -32.59 -16.75
C LEU B 262 41.75 -31.89 -18.10
N GLU B 263 40.60 -31.53 -18.65
CA GLU B 263 40.56 -30.85 -19.93
C GLU B 263 41.20 -29.46 -19.84
N THR B 264 40.93 -28.74 -18.75
CA THR B 264 41.51 -27.41 -18.57
C THR B 264 43.01 -27.54 -18.40
N LEU B 265 43.44 -28.46 -17.55
CA LEU B 265 44.86 -28.69 -17.31
C LEU B 265 45.60 -29.08 -18.59
N GLY B 266 44.92 -29.85 -19.44
CA GLY B 266 45.53 -30.29 -20.68
C GLY B 266 45.70 -29.19 -21.70
N GLU B 267 45.02 -28.07 -21.49
CA GLU B 267 45.09 -26.95 -22.42
C GLU B 267 46.33 -26.10 -22.16
N ASP B 268 46.82 -25.42 -23.19
CA ASP B 268 47.98 -24.56 -23.03
C ASP B 268 47.58 -23.31 -22.26
N TYR B 269 48.29 -23.04 -21.16
CA TYR B 269 47.99 -21.89 -20.31
C TYR B 269 47.84 -20.57 -21.05
N ASN B 270 48.87 -20.17 -21.79
CA ASN B 270 48.82 -18.90 -22.51
C ASN B 270 47.64 -18.84 -23.48
N ASN B 271 47.30 -19.98 -24.07
CA ASN B 271 46.18 -20.06 -25.00
C ASN B 271 44.87 -19.78 -24.28
N LEU B 272 44.69 -20.40 -23.12
CA LEU B 272 43.47 -20.20 -22.34
C LEU B 272 43.35 -18.74 -21.94
N LYS B 273 44.45 -18.20 -21.44
CA LYS B 273 44.50 -16.82 -20.99
C LYS B 273 44.18 -15.86 -22.13
N ASN B 274 44.87 -16.01 -23.26
CA ASN B 274 44.64 -15.13 -24.39
C ASN B 274 43.20 -15.24 -24.89
N ASN B 275 42.66 -16.45 -24.92
CA ASN B 275 41.29 -16.64 -25.38
C ASN B 275 40.32 -15.90 -24.44
N TYR B 276 40.60 -15.95 -23.14
CA TYR B 276 39.74 -15.28 -22.16
C TYR B 276 39.78 -13.78 -22.41
N ILE B 277 40.98 -13.24 -22.60
CA ILE B 277 41.17 -11.81 -22.83
C ILE B 277 40.57 -11.34 -24.15
N ASP B 278 40.78 -12.10 -25.20
CA ASP B 278 40.25 -11.75 -26.52
C ASP B 278 38.75 -11.62 -26.54
N GLU B 279 38.06 -12.52 -25.84
CA GLU B 279 36.60 -12.51 -25.79
C GLU B 279 36.09 -11.22 -25.14
N TRP B 280 36.73 -10.82 -24.05
CA TRP B 280 36.35 -9.60 -23.38
C TRP B 280 36.74 -8.38 -24.20
N THR B 281 37.93 -8.43 -24.80
CA THR B 281 38.41 -7.31 -25.62
C THR B 281 37.45 -7.11 -26.79
N LYS B 282 37.00 -8.21 -27.37
CA LYS B 282 36.07 -8.16 -28.50
C LYS B 282 34.83 -7.36 -28.07
N TYR B 283 34.28 -7.70 -26.91
CA TYR B 283 33.11 -7.00 -26.41
C TYR B 283 33.36 -5.50 -26.19
N CYS B 284 34.46 -5.17 -25.53
CA CYS B 284 34.75 -3.75 -25.26
C CYS B 284 34.81 -2.93 -26.55
N ASN B 285 35.45 -3.47 -27.57
CA ASN B 285 35.59 -2.75 -28.83
C ASN B 285 34.30 -2.62 -29.64
N THR B 286 33.21 -3.12 -29.08
CA THR B 286 31.91 -3.04 -29.74
C THR B 286 31.17 -1.83 -29.15
N LEU B 287 31.71 -1.32 -28.04
CA LEU B 287 31.11 -0.18 -27.33
C LEU B 287 31.57 1.17 -27.84
N ASN B 288 30.78 2.19 -27.56
CA ASN B 288 31.11 3.53 -27.98
C ASN B 288 32.36 3.95 -27.23
N ASN B 289 33.27 4.65 -27.90
CA ASN B 289 34.50 5.09 -27.25
C ASN B 289 34.54 6.61 -27.11
N PHE B 290 33.42 7.24 -27.48
CA PHE B 290 33.26 8.69 -27.40
C PHE B 290 34.44 9.46 -27.97
N ASN B 291 34.75 9.20 -29.23
CA ASN B 291 35.86 9.86 -29.91
C ASN B 291 37.19 9.68 -29.19
N GLY B 292 37.41 8.47 -28.68
CA GLY B 292 38.64 8.17 -27.98
C GLY B 292 38.71 8.68 -26.55
N LYS B 293 37.57 9.10 -26.00
CA LYS B 293 37.56 9.59 -24.63
C LYS B 293 37.32 8.49 -23.61
N ALA B 294 36.70 7.39 -24.05
CA ALA B 294 36.43 6.26 -23.16
C ALA B 294 37.69 5.93 -22.38
N ASN B 295 37.56 5.83 -21.06
CA ASN B 295 38.72 5.54 -20.21
C ASN B 295 38.62 4.15 -19.58
N SER B 296 39.62 3.79 -18.77
CA SER B 296 39.64 2.48 -18.14
C SER B 296 38.42 2.19 -17.25
N LEU B 297 38.03 3.14 -16.41
CA LEU B 297 36.88 2.91 -15.52
C LEU B 297 35.58 2.69 -16.30
N TYR B 298 35.47 3.31 -17.47
CA TYR B 298 34.30 3.15 -18.31
C TYR B 298 34.23 1.71 -18.81
N TYR B 299 35.34 1.21 -19.33
CA TYR B 299 35.39 -0.16 -19.81
C TYR B 299 35.26 -1.16 -18.64
N ASN B 300 35.92 -0.85 -17.54
CA ASN B 300 35.87 -1.72 -16.36
C ASN B 300 34.41 -1.84 -15.90
N SER B 301 33.72 -0.70 -15.86
CA SER B 301 32.31 -0.67 -15.43
C SER B 301 31.41 -1.49 -16.37
N MET B 302 31.58 -1.29 -17.67
CA MET B 302 30.75 -2.02 -18.63
C MET B 302 30.96 -3.52 -18.56
N MET B 303 32.21 -3.95 -18.37
CA MET B 303 32.51 -5.38 -18.27
C MET B 303 31.88 -5.97 -17.03
N ILE B 304 32.00 -5.25 -15.91
CA ILE B 304 31.41 -5.72 -14.65
C ILE B 304 29.90 -5.91 -14.83
N LEU B 305 29.24 -4.95 -15.49
CA LEU B 305 27.81 -5.06 -15.70
C LEU B 305 27.53 -6.24 -16.63
N LYS B 306 28.31 -6.35 -17.67
CA LYS B 306 28.15 -7.45 -18.63
C LYS B 306 28.30 -8.80 -17.93
N ALA B 307 29.22 -8.85 -16.98
CA ALA B 307 29.50 -10.07 -16.22
C ALA B 307 28.55 -10.30 -15.06
N SER B 308 27.50 -9.47 -14.95
CA SER B 308 26.54 -9.60 -13.86
C SER B 308 25.21 -10.22 -14.28
N GLU B 309 25.16 -10.74 -15.50
CA GLU B 309 23.94 -11.38 -16.01
C GLU B 309 24.02 -12.88 -15.78
N ASP B 310 22.90 -13.51 -15.40
CA ASP B 310 22.94 -14.94 -15.23
C ASP B 310 23.05 -15.51 -16.64
N LYS B 311 23.73 -16.65 -16.79
CA LYS B 311 23.92 -17.24 -18.11
C LYS B 311 22.86 -18.22 -18.55
N THR B 312 21.88 -18.49 -17.69
CA THR B 312 20.79 -19.39 -18.02
C THR B 312 19.53 -18.55 -18.20
N ASN B 313 19.27 -17.69 -17.22
CA ASN B 313 18.12 -16.78 -17.27
C ASN B 313 18.67 -15.46 -17.80
N LYS B 314 18.76 -15.35 -19.11
CA LYS B 314 19.29 -14.13 -19.74
C LYS B 314 18.45 -12.91 -19.40
N GLY B 315 19.12 -11.76 -19.24
CA GLY B 315 18.43 -10.54 -18.89
C GLY B 315 18.35 -10.34 -17.38
N ALA B 316 18.69 -11.39 -16.63
CA ALA B 316 18.65 -11.31 -15.17
C ALA B 316 19.96 -10.71 -14.63
N TYR B 317 19.98 -9.39 -14.44
CA TYR B 317 21.16 -8.71 -13.92
C TYR B 317 20.99 -8.51 -12.42
N ILE B 318 21.97 -8.98 -11.65
CA ILE B 318 21.91 -8.86 -10.20
C ILE B 318 22.45 -7.52 -9.68
N ALA B 319 22.19 -7.23 -8.41
CA ALA B 319 22.61 -5.99 -7.80
C ALA B 319 24.12 -5.92 -7.50
N SER B 320 24.69 -7.04 -7.04
CA SER B 320 26.11 -7.08 -6.70
C SER B 320 26.56 -8.53 -6.51
N LEU B 321 27.74 -8.86 -7.03
CA LEU B 321 28.27 -10.20 -6.89
C LEU B 321 29.07 -10.29 -5.60
N SER B 322 28.42 -9.95 -4.49
CA SER B 322 29.08 -9.99 -3.19
C SER B 322 28.06 -10.25 -2.10
N ILE B 323 28.56 -10.49 -0.89
CA ILE B 323 27.72 -10.74 0.27
C ILE B 323 28.17 -9.73 1.32
N PRO B 324 27.56 -8.53 1.30
CA PRO B 324 27.89 -7.45 2.24
C PRO B 324 28.10 -7.91 3.68
N TRP B 325 29.19 -7.43 4.26
CA TRP B 325 29.56 -7.77 5.63
C TRP B 325 29.57 -9.29 5.79
N GLY B 326 29.92 -9.99 4.72
CA GLY B 326 29.98 -11.44 4.74
C GLY B 326 30.75 -12.02 5.91
N ASP B 327 31.80 -11.32 6.33
CA ASP B 327 32.62 -11.76 7.46
C ASP B 327 31.75 -12.00 8.68
N GLY B 328 30.70 -11.19 8.83
CA GLY B 328 29.81 -11.34 9.96
C GLY B 328 28.54 -12.11 9.64
N GLN B 329 28.41 -12.57 8.40
CA GLN B 329 27.23 -13.32 7.99
C GLN B 329 27.44 -14.82 8.09
N ARG B 330 26.51 -15.51 8.75
CA ARG B 330 26.61 -16.95 8.89
C ARG B 330 26.54 -17.59 7.50
N ASP B 331 27.30 -18.66 7.32
CA ASP B 331 27.41 -19.37 6.05
C ASP B 331 26.20 -20.02 5.38
N ASP B 332 25.03 -20.03 6.03
CA ASP B 332 23.87 -20.67 5.42
C ASP B 332 22.96 -19.76 4.59
N ASN B 333 22.68 -20.22 3.37
CA ASN B 333 21.84 -19.53 2.40
C ASN B 333 21.94 -18.01 2.38
N THR B 334 22.90 -17.49 1.62
CA THR B 334 23.08 -16.04 1.51
C THR B 334 23.21 -15.58 0.06
N GLY B 335 22.46 -14.54 -0.27
CA GLY B 335 22.47 -13.98 -1.61
C GLY B 335 21.47 -12.85 -1.72
N GLY B 336 21.54 -11.90 -0.79
CA GLY B 336 20.64 -10.76 -0.80
C GLY B 336 20.77 -9.92 -2.04
N TYR B 337 22.00 -9.58 -2.41
CA TYR B 337 22.24 -8.77 -3.61
C TYR B 337 22.29 -9.60 -4.88
N HIS B 338 22.08 -10.90 -4.75
CA HIS B 338 22.08 -11.80 -5.91
C HIS B 338 20.65 -11.93 -6.44
N LEU B 339 19.86 -10.89 -6.22
CA LEU B 339 18.48 -10.86 -6.67
C LEU B 339 18.37 -9.82 -7.76
N VAL B 340 17.24 -9.83 -8.47
CA VAL B 340 17.02 -8.88 -9.54
C VAL B 340 16.00 -7.83 -9.12
N TRP B 341 16.40 -6.57 -9.16
CA TRP B 341 15.52 -5.45 -8.82
C TRP B 341 15.25 -4.71 -10.12
N SER B 342 13.98 -4.43 -10.37
CA SER B 342 13.58 -3.70 -11.55
C SER B 342 14.34 -2.37 -11.62
N ARG B 343 14.48 -1.72 -10.47
CA ARG B 343 15.17 -0.44 -10.38
C ARG B 343 16.64 -0.55 -10.81
N ASP B 344 17.38 -1.43 -10.16
CA ASP B 344 18.80 -1.59 -10.50
C ASP B 344 18.96 -2.04 -11.95
N LEU B 345 18.06 -2.92 -12.40
CA LEU B 345 18.09 -3.43 -13.77
C LEU B 345 17.87 -2.29 -14.77
N TYR B 346 16.95 -1.40 -14.43
CA TYR B 346 16.63 -0.24 -15.27
C TYR B 346 17.85 0.65 -15.47
N HIS B 347 18.55 0.95 -14.38
CA HIS B 347 19.72 1.81 -14.43
C HIS B 347 20.87 1.11 -15.16
N VAL B 348 21.02 -0.19 -14.93
CA VAL B 348 22.06 -0.95 -15.62
C VAL B 348 21.74 -0.91 -17.11
N ALA B 349 20.48 -1.12 -17.46
CA ALA B 349 20.05 -1.09 -18.86
C ALA B 349 20.42 0.24 -19.52
N ASN B 350 20.23 1.33 -18.79
CA ASN B 350 20.55 2.65 -19.32
C ASN B 350 22.04 2.84 -19.59
N ALA B 351 22.88 2.13 -18.82
CA ALA B 351 24.31 2.21 -19.02
C ALA B 351 24.64 1.44 -20.32
N PHE B 352 23.98 0.31 -20.50
CA PHE B 352 24.19 -0.47 -21.72
C PHE B 352 23.77 0.37 -22.92
N ILE B 353 22.65 1.09 -22.81
CA ILE B 353 22.18 1.93 -23.90
C ILE B 353 23.23 2.98 -24.22
N ALA B 354 23.66 3.70 -23.19
CA ALA B 354 24.67 4.75 -23.33
C ALA B 354 25.97 4.23 -23.94
N ALA B 355 26.34 3.00 -23.59
CA ALA B 355 27.56 2.39 -24.09
C ALA B 355 27.39 1.84 -25.51
N GLY B 356 26.15 1.71 -25.95
CA GLY B 356 25.89 1.19 -27.28
C GLY B 356 25.52 -0.28 -27.33
N ASP B 357 25.51 -0.95 -26.18
CA ASP B 357 25.15 -2.36 -26.13
C ASP B 357 23.64 -2.48 -25.97
N VAL B 358 22.92 -2.18 -27.04
CA VAL B 358 21.47 -2.23 -27.01
C VAL B 358 20.90 -3.63 -26.79
N ASP B 359 21.59 -4.65 -27.28
CA ASP B 359 21.12 -6.03 -27.10
C ASP B 359 20.98 -6.40 -25.62
N SER B 360 21.96 -6.00 -24.82
CA SER B 360 21.90 -6.32 -23.39
C SER B 360 20.75 -5.60 -22.68
N ALA B 361 20.48 -4.37 -23.06
CA ALA B 361 19.38 -3.62 -22.45
C ALA B 361 18.05 -4.30 -22.80
N ASN B 362 17.91 -4.74 -24.05
CA ASN B 362 16.69 -5.40 -24.50
C ASN B 362 16.49 -6.74 -23.83
N ARG B 363 17.57 -7.46 -23.58
CA ARG B 363 17.44 -8.75 -22.93
C ARG B 363 16.94 -8.51 -21.51
N SER B 364 17.40 -7.43 -20.89
CA SER B 364 16.99 -7.15 -19.53
C SER B 364 15.52 -6.77 -19.55
N LEU B 365 15.11 -6.02 -20.58
CA LEU B 365 13.71 -5.63 -20.69
C LEU B 365 12.82 -6.86 -20.89
N ASP B 366 13.26 -7.77 -21.74
CA ASP B 366 12.49 -8.98 -22.00
C ASP B 366 12.41 -9.85 -20.76
N TYR B 367 13.40 -9.74 -19.88
CA TYR B 367 13.37 -10.51 -18.65
C TYR B 367 12.18 -9.97 -17.83
N LEU B 368 12.10 -8.66 -17.73
CA LEU B 368 11.01 -8.02 -16.97
C LEU B 368 9.64 -8.33 -17.57
N ALA B 369 9.56 -8.42 -18.89
CA ALA B 369 8.30 -8.74 -19.57
C ALA B 369 7.85 -10.12 -19.13
N LYS B 370 8.82 -11.01 -18.94
CA LYS B 370 8.56 -12.37 -18.51
C LYS B 370 8.03 -12.35 -17.06
N VAL B 371 8.57 -11.44 -16.26
CA VAL B 371 8.13 -11.31 -14.87
C VAL B 371 6.68 -10.81 -14.82
N VAL B 372 6.38 -9.80 -15.62
CA VAL B 372 5.03 -9.25 -15.64
C VAL B 372 4.04 -10.26 -16.18
N LYS B 373 4.47 -11.08 -17.13
CA LYS B 373 3.59 -12.08 -17.69
C LYS B 373 3.17 -13.10 -16.64
N ASP B 374 4.07 -13.43 -15.72
CA ASP B 374 3.76 -14.42 -14.69
C ASP B 374 3.19 -13.84 -13.39
N ASN B 375 3.34 -12.54 -13.19
CA ASN B 375 2.85 -11.90 -11.97
C ASN B 375 1.85 -10.77 -12.18
N GLY B 376 1.82 -10.23 -13.41
CA GLY B 376 0.92 -9.14 -13.71
C GLY B 376 1.38 -7.85 -13.04
N MET B 377 2.62 -7.86 -12.59
CA MET B 377 3.19 -6.71 -11.92
C MET B 377 4.64 -7.00 -11.57
N ILE B 378 5.35 -6.02 -11.05
CA ILE B 378 6.75 -6.20 -10.67
C ILE B 378 6.90 -6.38 -9.17
N PRO B 379 7.29 -7.58 -8.73
CA PRO B 379 7.44 -7.76 -7.27
C PRO B 379 8.66 -6.98 -6.79
N GLN B 380 8.74 -6.74 -5.47
CA GLN B 380 9.86 -5.98 -4.90
C GLN B 380 11.13 -6.37 -5.61
N ASN B 381 11.37 -7.68 -5.64
CA ASN B 381 12.53 -8.25 -6.32
C ASN B 381 12.24 -9.71 -6.59
N THR B 382 13.04 -10.31 -7.47
CA THR B 382 12.86 -11.71 -7.83
C THR B 382 14.19 -12.46 -7.89
N TRP B 383 14.12 -13.79 -7.84
CA TRP B 383 15.31 -14.60 -7.96
C TRP B 383 15.64 -14.48 -9.44
N ILE B 384 16.83 -14.88 -9.84
CA ILE B 384 17.20 -14.80 -11.26
C ILE B 384 16.28 -15.66 -12.13
N SER B 385 15.63 -16.65 -11.52
CA SER B 385 14.71 -17.53 -12.24
C SER B 385 13.46 -16.76 -12.65
N GLY B 386 13.22 -15.63 -11.99
CA GLY B 386 12.06 -14.83 -12.29
C GLY B 386 11.00 -14.96 -11.20
N LYS B 387 11.17 -15.92 -10.30
CA LYS B 387 10.23 -16.12 -9.22
C LYS B 387 10.30 -14.97 -8.20
N PRO B 388 9.14 -14.49 -7.73
CA PRO B 388 9.16 -13.40 -6.76
C PRO B 388 9.83 -13.78 -5.44
N TYR B 389 10.56 -12.84 -4.87
CA TYR B 389 11.22 -13.06 -3.59
C TYR B 389 10.48 -12.23 -2.54
N TRP B 390 10.88 -10.97 -2.35
CA TRP B 390 10.21 -10.11 -1.37
C TRP B 390 8.89 -9.62 -1.96
N THR B 391 7.98 -9.17 -1.11
CA THR B 391 6.68 -8.74 -1.58
C THR B 391 6.31 -7.28 -1.31
N GLY B 392 7.30 -6.44 -1.10
CA GLY B 392 7.03 -5.03 -0.87
C GLY B 392 6.49 -4.45 -2.17
N ILE B 393 5.72 -3.37 -2.08
CA ILE B 393 5.15 -2.74 -3.27
C ILE B 393 5.87 -1.42 -3.59
N GLN B 394 6.70 -1.44 -4.63
CA GLN B 394 7.45 -0.25 -5.04
C GLN B 394 6.94 0.30 -6.37
N LEU B 395 6.27 1.44 -6.31
CA LEU B 395 5.72 2.06 -7.52
C LEU B 395 6.78 2.42 -8.56
N ASP B 396 7.94 2.87 -8.12
CA ASP B 396 8.97 3.24 -9.07
C ASP B 396 9.39 2.00 -9.86
N GLU B 397 9.32 0.82 -9.24
CA GLU B 397 9.69 -0.41 -9.93
C GLU B 397 8.63 -0.87 -10.94
N GLN B 398 7.41 -0.33 -10.83
CA GLN B 398 6.34 -0.68 -11.78
C GLN B 398 6.50 0.25 -12.99
N ALA B 399 7.05 1.43 -12.73
CA ALA B 399 7.22 2.44 -13.76
C ALA B 399 8.45 2.31 -14.65
N ASP B 400 9.60 2.01 -14.05
CA ASP B 400 10.85 1.90 -14.79
C ASP B 400 10.83 1.01 -16.04
N PRO B 401 10.22 -0.19 -15.95
CA PRO B 401 10.20 -1.02 -17.15
C PRO B 401 9.46 -0.36 -18.31
N ILE B 402 8.47 0.45 -17.98
CA ILE B 402 7.69 1.17 -19.00
C ILE B 402 8.59 2.22 -19.65
N ILE B 403 9.32 2.94 -18.82
CA ILE B 403 10.22 3.99 -19.31
C ILE B 403 11.28 3.36 -20.23
N LEU B 404 11.84 2.22 -19.80
CA LEU B 404 12.86 1.54 -20.59
C LEU B 404 12.27 1.09 -21.93
N SER B 405 11.04 0.61 -21.88
CA SER B 405 10.34 0.16 -23.09
C SER B 405 10.25 1.29 -24.11
N TYR B 406 10.02 2.50 -23.62
CA TYR B 406 9.91 3.68 -24.45
C TYR B 406 11.25 4.04 -25.10
N ARG B 407 12.31 4.08 -24.29
CA ARG B 407 13.64 4.41 -24.80
C ARG B 407 14.18 3.37 -25.77
N LEU B 408 13.77 2.11 -25.61
CA LEU B 408 14.23 1.05 -26.50
C LEU B 408 13.25 0.92 -27.68
N LYS B 409 12.22 1.77 -27.66
CA LYS B 409 11.19 1.80 -28.67
C LYS B 409 10.58 0.43 -28.90
N ARG B 410 10.41 -0.32 -27.82
CA ARG B 410 9.83 -1.66 -27.85
C ARG B 410 8.32 -1.59 -27.71
N TYR B 411 7.66 -1.00 -28.70
CA TYR B 411 6.21 -0.85 -28.68
C TYR B 411 5.49 -2.18 -28.80
N ASP B 412 6.27 -3.21 -29.10
CA ASP B 412 5.72 -4.56 -29.22
C ASP B 412 5.40 -5.14 -27.85
N LEU B 413 5.86 -4.48 -26.79
CA LEU B 413 5.61 -4.95 -25.43
C LEU B 413 4.44 -4.23 -24.74
N TYR B 414 3.66 -3.50 -25.51
CA TYR B 414 2.53 -2.77 -24.95
C TYR B 414 1.51 -3.65 -24.22
N ASP B 415 1.07 -4.72 -24.88
CA ASP B 415 0.09 -5.62 -24.29
C ASP B 415 0.57 -6.46 -23.12
N SER B 416 1.79 -7.00 -23.23
CA SER B 416 2.31 -7.86 -22.16
C SER B 416 3.08 -7.15 -21.05
N LEU B 417 3.55 -5.93 -21.31
CA LEU B 417 4.31 -5.21 -20.30
C LEU B 417 3.74 -3.86 -19.91
N VAL B 418 3.68 -2.93 -20.87
CA VAL B 418 3.21 -1.58 -20.62
C VAL B 418 1.79 -1.42 -20.08
N LYS B 419 0.80 -1.96 -20.78
CA LYS B 419 -0.59 -1.83 -20.31
C LYS B 419 -0.80 -2.42 -18.92
N PRO B 420 -0.39 -3.67 -18.69
CA PRO B 420 -0.59 -4.22 -17.35
C PRO B 420 0.07 -3.43 -16.21
N LEU B 421 1.28 -2.93 -16.44
CA LEU B 421 1.97 -2.14 -15.41
C LEU B 421 1.35 -0.77 -15.24
N ALA B 422 0.91 -0.17 -16.34
CA ALA B 422 0.29 1.15 -16.28
C ALA B 422 -1.05 1.07 -15.54
N ASP B 423 -1.85 0.04 -15.84
CA ASP B 423 -3.14 -0.11 -15.18
C ASP B 423 -2.95 -0.42 -13.70
N PHE B 424 -1.89 -1.16 -13.38
CA PHE B 424 -1.61 -1.49 -11.99
C PHE B 424 -1.25 -0.22 -11.22
N ILE B 425 -0.43 0.62 -11.83
CA ILE B 425 -0.01 1.88 -11.21
C ILE B 425 -1.19 2.80 -10.92
N ILE B 426 -2.09 2.94 -11.90
CA ILE B 426 -3.25 3.81 -11.75
C ILE B 426 -4.19 3.30 -10.67
N LYS B 427 -4.13 1.99 -10.41
CA LYS B 427 -4.96 1.36 -9.41
C LYS B 427 -4.54 1.64 -7.97
N ILE B 428 -3.23 1.72 -7.74
CA ILE B 428 -2.72 1.94 -6.39
C ILE B 428 -1.94 3.24 -6.12
N GLY B 429 -1.48 3.90 -7.18
CA GLY B 429 -0.73 5.12 -6.99
C GLY B 429 -1.59 6.32 -6.63
N PRO B 430 -0.99 7.49 -6.39
CA PRO B 430 0.45 7.76 -6.43
C PRO B 430 1.25 7.33 -5.21
N LYS B 431 0.56 6.94 -4.13
CA LYS B 431 1.26 6.52 -2.92
C LYS B 431 1.93 5.18 -3.17
N THR B 432 3.03 4.93 -2.46
CA THR B 432 3.78 3.68 -2.64
C THR B 432 3.94 2.95 -1.31
N GLY B 433 4.08 1.63 -1.38
CA GLY B 433 4.27 0.83 -0.17
C GLY B 433 5.63 1.13 0.41
N GLN B 434 6.59 1.40 -0.48
CA GLN B 434 7.93 1.75 -0.07
C GLN B 434 8.63 2.50 -1.19
N GLU B 435 9.50 3.43 -0.81
CA GLU B 435 10.26 4.20 -1.76
C GLU B 435 11.47 3.37 -2.17
N ARG B 436 12.37 3.93 -2.97
CA ARG B 436 13.50 3.15 -3.45
C ARG B 436 14.48 2.54 -2.45
N TRP B 437 14.51 3.01 -1.22
CA TRP B 437 15.42 2.41 -0.25
C TRP B 437 14.75 1.19 0.39
N GLU B 438 13.51 0.93 -0.03
CA GLU B 438 12.72 -0.22 0.42
C GLU B 438 12.45 -0.23 1.92
N GLU B 439 12.15 0.92 2.50
CA GLU B 439 11.94 0.98 3.95
C GLU B 439 10.65 1.62 4.47
N ILE B 440 10.08 2.54 3.71
CA ILE B 440 8.88 3.24 4.18
C ILE B 440 7.94 3.63 3.05
N GLY B 441 6.65 3.73 3.37
CA GLY B 441 5.67 4.08 2.37
C GLY B 441 5.13 5.50 2.50
N GLY B 442 4.36 5.91 1.51
CA GLY B 442 3.79 7.24 1.52
C GLY B 442 4.00 7.94 0.18
N TYR B 443 4.04 9.26 0.21
CA TYR B 443 4.24 10.06 -1.00
C TYR B 443 5.70 10.47 -1.06
N SER B 444 6.41 9.91 -2.03
CA SER B 444 7.84 10.14 -2.23
C SER B 444 8.10 10.92 -3.52
N PRO B 445 8.89 11.99 -3.43
CA PRO B 445 9.15 12.72 -4.68
C PRO B 445 9.83 11.86 -5.74
N ALA B 446 10.76 11.01 -5.32
CA ALA B 446 11.46 10.13 -6.26
C ALA B 446 10.48 9.15 -6.92
N THR B 447 9.67 8.52 -6.09
CA THR B 447 8.70 7.54 -6.57
C THR B 447 7.64 8.18 -7.46
N MET B 448 7.09 9.32 -7.03
CA MET B 448 6.09 10.01 -7.83
C MET B 448 6.68 10.46 -9.16
N ALA B 449 7.95 10.85 -9.15
CA ALA B 449 8.62 11.27 -10.38
C ALA B 449 8.65 10.10 -11.38
N ALA B 450 8.92 8.90 -10.87
CA ALA B 450 8.97 7.70 -11.71
C ALA B 450 7.59 7.35 -12.25
N GLU B 451 6.57 7.52 -11.40
CA GLU B 451 5.20 7.23 -11.79
C GLU B 451 4.70 8.16 -12.90
N VAL B 452 5.04 9.44 -12.78
CA VAL B 452 4.64 10.43 -13.78
C VAL B 452 5.34 10.13 -15.10
N ALA B 453 6.65 9.89 -15.01
CA ALA B 453 7.45 9.57 -16.19
C ALA B 453 6.95 8.27 -16.83
N GLY B 454 6.68 7.27 -16.00
CA GLY B 454 6.21 5.98 -16.49
C GLY B 454 4.85 6.04 -17.17
N LEU B 455 3.91 6.80 -16.60
CA LEU B 455 2.58 6.93 -17.19
C LEU B 455 2.65 7.74 -18.48
N THR B 456 3.54 8.72 -18.50
CA THR B 456 3.70 9.56 -19.69
C THR B 456 4.23 8.66 -20.83
N CYS B 457 5.21 7.82 -20.51
CA CYS B 457 5.79 6.91 -21.48
C CYS B 457 4.77 5.85 -21.91
N ALA B 458 3.87 5.47 -21.01
CA ALA B 458 2.84 4.48 -21.31
C ALA B 458 1.83 5.07 -22.29
N ALA B 459 1.54 6.35 -22.12
CA ALA B 459 0.60 7.04 -23.00
C ALA B 459 1.19 7.08 -24.40
N TYR B 460 2.48 7.35 -24.47
CA TYR B 460 3.19 7.42 -25.75
C TYR B 460 3.14 6.08 -26.46
N ILE B 461 3.44 5.01 -25.74
CA ILE B 461 3.43 3.67 -26.30
C ILE B 461 2.00 3.24 -26.65
N ALA B 462 1.03 3.71 -25.87
CA ALA B 462 -0.37 3.38 -26.13
C ALA B 462 -0.81 4.03 -27.45
N GLU B 463 -0.32 5.22 -27.72
CA GLU B 463 -0.67 5.92 -28.96
C GLU B 463 -0.04 5.21 -30.16
N GLN B 464 1.18 4.73 -29.99
CA GLN B 464 1.86 4.02 -31.06
C GLN B 464 1.03 2.80 -31.42
N ASN B 465 0.40 2.19 -30.41
CA ASN B 465 -0.43 1.01 -30.61
C ASN B 465 -1.87 1.41 -30.94
N LYS B 466 -2.09 2.71 -31.13
CA LYS B 466 -3.40 3.24 -31.46
C LYS B 466 -4.48 2.98 -30.40
N ASP B 467 -4.07 2.90 -29.13
CA ASP B 467 -5.01 2.68 -28.04
C ASP B 467 -5.19 4.05 -27.40
N TYR B 468 -5.77 4.97 -28.17
CA TYR B 468 -5.99 6.34 -27.73
C TYR B 468 -6.76 6.48 -26.42
N GLU B 469 -7.67 5.55 -26.16
CA GLU B 469 -8.44 5.60 -24.92
C GLU B 469 -7.50 5.46 -23.72
N SER B 470 -6.62 4.46 -23.77
CA SER B 470 -5.66 4.25 -22.69
C SER B 470 -4.67 5.40 -22.63
N ALA B 471 -4.22 5.85 -23.80
CA ALA B 471 -3.28 6.94 -23.90
C ALA B 471 -3.76 8.16 -23.13
N GLN B 472 -4.99 8.59 -23.40
CA GLN B 472 -5.56 9.76 -22.74
C GLN B 472 -5.64 9.54 -21.23
N LYS B 473 -6.10 8.35 -20.84
CA LYS B 473 -6.23 7.99 -19.43
C LYS B 473 -4.88 8.07 -18.70
N TYR B 474 -3.86 7.49 -19.30
CA TYR B 474 -2.53 7.50 -18.72
C TYR B 474 -1.96 8.92 -18.55
N GLN B 475 -2.05 9.74 -19.59
CA GLN B 475 -1.53 11.11 -19.52
C GLN B 475 -2.29 11.97 -18.54
N GLU B 476 -3.59 11.80 -18.49
CA GLU B 476 -4.41 12.58 -17.56
C GLU B 476 -3.98 12.30 -16.14
N LYS B 477 -3.74 11.03 -15.83
CA LYS B 477 -3.33 10.64 -14.50
C LYS B 477 -1.93 11.21 -14.22
N ALA B 478 -1.02 11.07 -15.18
CA ALA B 478 0.33 11.57 -15.02
C ALA B 478 0.31 13.08 -14.75
N ASP B 479 -0.49 13.80 -15.54
CA ASP B 479 -0.60 15.25 -15.38
C ASP B 479 -1.15 15.62 -14.00
N ASN B 480 -2.15 14.87 -13.54
CA ASN B 480 -2.75 15.12 -12.24
C ASN B 480 -1.73 14.90 -11.12
N TRP B 481 -1.09 13.74 -11.11
CA TRP B 481 -0.09 13.42 -10.11
C TRP B 481 1.07 14.41 -10.14
N GLN B 482 1.48 14.82 -11.33
CA GLN B 482 2.59 15.76 -11.48
C GLN B 482 2.25 17.10 -10.80
N LYS B 483 0.99 17.52 -10.94
CA LYS B 483 0.55 18.77 -10.33
C LYS B 483 0.37 18.65 -8.82
N LEU B 484 0.39 17.41 -8.32
CA LEU B 484 0.21 17.19 -6.88
C LEU B 484 1.51 16.91 -6.12
N ILE B 485 2.60 16.66 -6.85
CA ILE B 485 3.89 16.39 -6.24
C ILE B 485 4.26 17.41 -5.17
N ASP B 486 4.19 18.69 -5.52
CA ASP B 486 4.52 19.76 -4.58
C ASP B 486 3.61 19.77 -3.35
N ASN B 487 2.30 19.74 -3.58
CA ASN B 487 1.34 19.77 -2.50
C ASN B 487 1.43 18.57 -1.58
N LEU B 488 1.99 17.47 -2.07
CA LEU B 488 2.10 16.25 -1.26
C LEU B 488 3.45 15.99 -0.61
N THR B 489 4.52 16.53 -1.18
CA THR B 489 5.86 16.26 -0.67
C THR B 489 6.73 17.46 -0.32
N TYR B 490 6.33 18.65 -0.73
CA TYR B 490 7.10 19.86 -0.45
C TYR B 490 6.60 20.57 0.80
N THR B 491 7.40 20.54 1.86
CA THR B 491 7.00 21.21 3.09
C THR B 491 7.42 22.67 3.07
N GLU B 492 6.71 23.48 3.86
CA GLU B 492 7.01 24.90 3.96
C GLU B 492 7.03 25.22 5.45
N ASN B 493 6.94 24.16 6.25
CA ASN B 493 6.91 24.28 7.70
C ASN B 493 7.94 23.33 8.33
N GLY B 494 9.07 23.12 7.64
CA GLY B 494 10.07 22.22 8.17
C GLY B 494 11.03 22.85 9.17
N PRO B 495 11.63 22.04 10.05
CA PRO B 495 12.57 22.54 11.06
C PRO B 495 13.98 22.82 10.55
N LEU B 496 14.28 22.35 9.33
CA LEU B 496 15.60 22.55 8.74
C LEU B 496 15.72 23.82 7.92
N GLY B 497 16.88 24.47 8.01
CA GLY B 497 17.13 25.69 7.25
C GLY B 497 15.97 26.67 7.21
N ASN B 498 15.64 27.13 6.01
CA ASN B 498 14.56 28.10 5.85
C ASN B 498 13.17 27.45 5.92
N GLY B 499 13.13 26.17 6.29
CA GLY B 499 11.88 25.46 6.42
C GLY B 499 11.14 25.08 5.15
N GLN B 500 11.74 25.37 3.99
CA GLN B 500 11.13 25.06 2.71
C GLN B 500 12.00 24.05 1.96
N TYR B 501 11.42 22.89 1.61
CA TYR B 501 12.15 21.84 0.90
C TYR B 501 11.33 20.57 0.73
N TYR B 502 11.73 19.74 -0.23
CA TYR B 502 11.06 18.45 -0.46
C TYR B 502 11.54 17.54 0.65
N ILE B 503 10.62 16.82 1.29
CA ILE B 503 11.01 15.91 2.37
C ILE B 503 11.22 14.53 1.76
N ARG B 504 11.81 13.61 2.52
CA ARG B 504 12.05 12.27 2.02
C ARG B 504 10.74 11.62 1.61
N ILE B 505 9.76 11.67 2.49
CA ILE B 505 8.47 11.06 2.20
C ILE B 505 7.39 11.54 3.18
N ALA B 506 6.22 11.82 2.63
CA ALA B 506 5.08 12.27 3.43
C ALA B 506 4.16 11.10 3.75
N GLY B 507 3.70 11.04 5.00
CA GLY B 507 2.84 9.95 5.42
C GLY B 507 1.38 10.25 5.14
N LEU B 508 1.01 11.53 5.18
CA LEU B 508 -0.36 11.96 4.93
C LEU B 508 -0.39 12.79 3.65
N SER B 509 -1.54 13.42 3.41
CA SER B 509 -1.73 14.25 2.22
C SER B 509 -1.38 15.70 2.51
N ASP B 510 -0.50 15.92 3.48
CA ASP B 510 -0.10 17.28 3.85
C ASP B 510 1.31 17.24 4.43
N PRO B 511 2.30 17.69 3.64
CA PRO B 511 3.71 17.71 4.06
C PRO B 511 4.03 18.70 5.18
N ASP B 512 3.06 19.54 5.53
CA ASP B 512 3.27 20.52 6.59
C ASP B 512 2.80 19.96 7.93
N ALA B 513 1.97 18.94 7.89
CA ALA B 513 1.46 18.33 9.11
C ALA B 513 2.51 17.54 9.86
N ASP B 514 2.23 17.29 11.14
CA ASP B 514 3.13 16.52 11.99
C ASP B 514 2.79 15.05 11.77
N PHE B 515 3.80 14.21 11.60
CA PHE B 515 3.58 12.80 11.37
C PHE B 515 4.89 12.08 11.65
N MET B 516 4.89 11.22 12.66
CA MET B 516 6.09 10.48 13.06
C MET B 516 6.34 9.25 12.21
N ILE B 517 7.58 9.08 11.77
CA ILE B 517 7.94 7.92 10.97
C ILE B 517 9.05 7.16 11.67
N ASN B 518 9.08 5.85 11.45
CA ASN B 518 10.08 5.00 12.05
C ASN B 518 11.18 4.74 11.03
N ILE B 519 12.42 5.09 11.40
CA ILE B 519 13.54 4.88 10.49
C ILE B 519 14.03 3.44 10.66
N ALA B 520 14.25 2.77 9.55
CA ALA B 520 14.70 1.38 9.57
C ALA B 520 16.11 1.24 10.11
N ASN B 521 16.53 -0.01 10.29
CA ASN B 521 17.85 -0.32 10.78
C ASN B 521 18.18 0.41 12.08
N GLY B 522 17.22 0.46 12.99
CA GLY B 522 17.39 1.11 14.28
C GLY B 522 17.61 2.62 14.24
N GLY B 523 17.30 3.24 13.12
CA GLY B 523 17.48 4.67 12.97
C GLY B 523 16.76 5.62 13.92
N GLY B 524 15.68 5.16 14.56
CA GLY B 524 14.95 6.03 15.48
C GLY B 524 13.60 6.49 14.94
N VAL B 525 12.93 7.36 15.70
CA VAL B 525 11.64 7.89 15.30
C VAL B 525 11.75 9.40 15.15
N TYR B 526 11.26 9.95 14.03
CA TYR B 526 11.33 11.40 13.81
C TYR B 526 10.11 11.89 13.04
N ASP B 527 9.89 13.20 13.06
CA ASP B 527 8.79 13.80 12.32
C ASP B 527 9.20 13.79 10.85
N GLN B 528 8.25 13.51 9.97
CA GLN B 528 8.53 13.45 8.53
C GLN B 528 9.25 14.66 7.97
N LYS B 529 9.00 15.82 8.55
CA LYS B 529 9.64 17.05 8.08
C LYS B 529 11.10 17.21 8.48
N GLU B 530 11.61 16.30 9.31
CA GLU B 530 13.01 16.36 9.75
C GLU B 530 13.92 15.58 8.80
N ILE B 531 13.31 14.74 7.98
CA ILE B 531 14.07 13.89 7.07
C ILE B 531 14.10 14.32 5.61
N VAL B 532 15.32 14.54 5.09
CA VAL B 532 15.50 14.92 3.70
C VAL B 532 16.27 13.79 3.02
N ASP B 533 16.11 13.67 1.71
CA ASP B 533 16.74 12.59 0.95
C ASP B 533 17.18 13.13 -0.41
N PRO B 534 18.42 12.87 -0.82
CA PRO B 534 18.84 13.39 -2.13
C PRO B 534 18.10 12.77 -3.32
N SER B 535 17.28 11.76 -3.05
CA SER B 535 16.52 11.09 -4.11
C SER B 535 15.54 12.04 -4.79
N PHE B 536 15.26 13.17 -4.14
CA PHE B 536 14.33 14.13 -4.72
C PHE B 536 14.85 14.63 -6.06
N LEU B 537 16.16 14.50 -6.29
CA LEU B 537 16.75 14.94 -7.54
C LEU B 537 16.22 14.10 -8.70
N GLU B 538 15.56 12.99 -8.38
CA GLU B 538 14.97 12.13 -9.40
C GLU B 538 13.93 12.94 -10.17
N LEU B 539 13.37 13.95 -9.51
CA LEU B 539 12.38 14.81 -10.15
C LEU B 539 12.96 15.48 -11.40
N VAL B 540 14.19 15.96 -11.31
CA VAL B 540 14.82 16.61 -12.45
C VAL B 540 15.43 15.58 -13.39
N ARG B 541 16.03 14.53 -12.84
CA ARG B 541 16.64 13.46 -13.62
C ARG B 541 15.66 12.90 -14.64
N LEU B 542 14.41 12.70 -14.22
CA LEU B 542 13.38 12.14 -15.10
C LEU B 542 12.63 13.18 -15.95
N GLY B 543 12.98 14.45 -15.80
CA GLY B 543 12.33 15.49 -16.59
C GLY B 543 10.95 15.88 -16.08
N VAL B 544 10.71 15.68 -14.78
CA VAL B 544 9.43 16.00 -14.17
C VAL B 544 9.45 17.43 -13.60
N LYS B 545 10.60 17.86 -13.11
CA LYS B 545 10.77 19.21 -12.57
C LYS B 545 11.99 19.84 -13.23
N SER B 546 12.02 21.16 -13.33
CA SER B 546 13.14 21.87 -13.95
C SER B 546 14.32 21.96 -12.99
N ALA B 547 15.52 21.78 -13.53
CA ALA B 547 16.72 21.84 -12.70
C ALA B 547 16.82 23.15 -11.91
N ASP B 548 16.29 24.24 -12.47
CA ASP B 548 16.37 25.53 -11.79
C ASP B 548 15.11 25.92 -11.00
N ASP B 549 14.19 24.98 -10.85
CA ASP B 549 12.96 25.26 -10.09
C ASP B 549 13.37 25.64 -8.68
N PRO B 550 12.89 26.79 -8.17
CA PRO B 550 13.23 27.26 -6.83
C PRO B 550 13.04 26.22 -5.72
N LYS B 551 12.04 25.35 -5.85
CA LYS B 551 11.81 24.32 -4.85
C LYS B 551 12.98 23.34 -4.82
N ILE B 552 13.54 23.06 -6.00
CA ILE B 552 14.69 22.17 -6.10
C ILE B 552 15.92 22.83 -5.44
N LEU B 553 16.13 24.10 -5.75
CA LEU B 553 17.25 24.83 -5.18
C LEU B 553 17.16 24.91 -3.67
N ASN B 554 15.96 25.18 -3.15
CA ASN B 554 15.75 25.24 -1.71
C ASN B 554 16.11 23.92 -1.04
N THR B 555 15.66 22.82 -1.65
CA THR B 555 15.92 21.49 -1.09
C THR B 555 17.40 21.20 -1.09
N LEU B 556 18.08 21.59 -2.16
CA LEU B 556 19.52 21.40 -2.30
C LEU B 556 20.26 22.05 -1.14
N LYS B 557 19.80 23.21 -0.69
CA LYS B 557 20.44 23.91 0.41
C LYS B 557 20.34 23.09 1.70
N VAL B 558 19.14 22.59 1.96
CA VAL B 558 18.91 21.78 3.16
C VAL B 558 19.68 20.46 3.10
N VAL B 559 19.69 19.82 1.94
CA VAL B 559 20.40 18.58 1.77
C VAL B 559 21.91 18.75 1.97
N ASP B 560 22.49 19.78 1.36
CA ASP B 560 23.92 20.00 1.51
C ASP B 560 24.32 20.44 2.90
N SER B 561 23.41 21.10 3.60
CA SER B 561 23.68 21.57 4.97
C SER B 561 23.55 20.45 5.99
N THR B 562 22.79 19.41 5.64
CA THR B 562 22.57 18.31 6.57
C THR B 562 23.23 16.96 6.25
N ILE B 563 23.23 16.54 5.00
CA ILE B 563 23.79 15.23 4.69
C ILE B 563 24.88 15.15 3.63
N LYS B 564 25.60 16.25 3.43
CA LYS B 564 26.69 16.28 2.47
C LYS B 564 27.98 16.15 3.27
N VAL B 565 28.94 15.42 2.74
CA VAL B 565 30.23 15.28 3.41
C VAL B 565 31.35 15.38 2.39
N ASP B 566 32.31 16.27 2.64
CA ASP B 566 33.45 16.42 1.75
C ASP B 566 34.54 15.49 2.23
N THR B 567 34.73 14.38 1.53
CA THR B 567 35.78 13.44 1.93
C THR B 567 37.05 13.86 1.20
N PRO B 568 38.19 13.28 1.59
CA PRO B 568 39.42 13.66 0.90
C PRO B 568 39.46 13.13 -0.54
N LYS B 569 38.42 12.38 -0.93
CA LYS B 569 38.32 11.82 -2.29
C LYS B 569 37.32 12.64 -3.10
N GLY B 570 36.61 13.53 -2.42
CA GLY B 570 35.61 14.33 -3.10
C GLY B 570 34.32 14.32 -2.31
N PRO B 571 33.27 14.99 -2.80
CA PRO B 571 32.00 15.02 -2.07
C PRO B 571 31.09 13.81 -2.30
N SER B 572 30.30 13.50 -1.28
CA SER B 572 29.33 12.42 -1.35
C SER B 572 28.22 12.74 -0.37
N TRP B 573 27.13 11.98 -0.43
CA TRP B 573 25.97 12.21 0.44
C TRP B 573 25.43 10.95 1.10
N TYR B 574 24.69 11.14 2.18
CA TYR B 574 24.03 10.04 2.88
C TYR B 574 22.70 9.88 2.16
N ARG B 575 22.02 8.74 2.34
CA ARG B 575 20.75 8.55 1.67
C ARG B 575 19.69 9.46 2.27
N TYR B 576 19.84 9.71 3.58
CA TYR B 576 18.92 10.58 4.32
C TYR B 576 19.43 10.68 5.76
N ASN B 577 18.97 11.69 6.50
CA ASN B 577 19.42 11.85 7.89
C ASN B 577 18.98 10.67 8.74
N HIS B 578 19.88 10.23 9.62
CA HIS B 578 19.63 9.13 10.54
C HIS B 578 19.59 7.74 9.91
N ASP B 579 20.12 7.63 8.68
CA ASP B 579 20.17 6.33 8.02
C ASP B 579 21.03 5.43 8.89
N GLY B 580 20.55 4.21 9.13
CA GLY B 580 21.30 3.28 9.96
C GLY B 580 21.81 2.07 9.22
N TYR B 581 21.65 2.06 7.89
CA TYR B 581 22.12 0.93 7.09
C TYR B 581 23.62 1.02 6.82
N GLY B 582 24.43 0.62 7.80
CA GLY B 582 25.87 0.67 7.64
C GLY B 582 26.61 0.29 8.92
N GLU B 583 27.93 0.24 8.87
CA GLU B 583 28.72 -0.11 10.05
C GLU B 583 28.46 0.86 11.18
N PRO B 584 28.30 0.34 12.41
CA PRO B 584 28.05 1.19 13.58
C PRO B 584 29.29 1.99 13.95
N SER B 585 30.45 1.36 13.78
CA SER B 585 31.73 2.01 14.08
C SER B 585 32.76 1.50 13.09
N LYS B 586 33.95 2.09 13.16
CA LYS B 586 35.04 1.72 12.25
C LYS B 586 35.49 0.28 12.48
N THR B 587 35.27 -0.24 13.69
CA THR B 587 35.70 -1.59 14.01
C THR B 587 34.58 -2.64 14.08
N GLU B 588 33.36 -2.25 13.72
CA GLU B 588 32.24 -3.19 13.77
C GLU B 588 31.51 -3.33 12.44
N LEU B 589 31.12 -4.56 12.12
CA LEU B 589 30.40 -4.85 10.88
C LEU B 589 28.90 -4.65 11.10
N TYR B 590 28.18 -4.42 10.01
CA TYR B 590 26.73 -4.23 10.08
C TYR B 590 26.02 -5.55 10.32
N HIS B 591 25.17 -5.60 11.33
CA HIS B 591 24.40 -6.80 11.64
C HIS B 591 22.91 -6.50 11.81
N GLY B 592 22.46 -5.36 11.30
CA GLY B 592 21.05 -5.01 11.42
C GLY B 592 20.77 -3.59 11.87
N ALA B 593 21.70 -3.00 12.61
CA ALA B 593 21.54 -1.65 13.11
C ALA B 593 22.90 -1.02 13.27
N GLY B 594 23.14 0.05 12.52
CA GLY B 594 24.42 0.71 12.60
C GLY B 594 24.29 2.16 12.18
N LYS B 595 25.17 2.57 11.29
CA LYS B 595 25.17 3.93 10.82
C LYS B 595 25.40 3.96 9.30
N GLY B 596 24.41 4.43 8.55
CA GLY B 596 24.54 4.50 7.12
C GLY B 596 25.70 5.41 6.75
N ARG B 597 26.42 5.06 5.69
CA ARG B 597 27.57 5.86 5.28
C ARG B 597 27.34 6.58 3.95
N LEU B 598 28.42 7.08 3.35
CA LEU B 598 28.31 7.82 2.08
C LEU B 598 28.19 6.92 0.88
N TRP B 599 27.33 7.32 -0.07
CA TRP B 599 27.10 6.54 -1.28
C TRP B 599 27.67 7.20 -2.53
N PRO B 600 28.71 6.60 -3.13
CA PRO B 600 29.26 7.22 -4.34
C PRO B 600 28.18 7.31 -5.43
N LEU B 601 27.19 6.43 -5.34
CA LEU B 601 26.07 6.43 -6.27
C LEU B 601 25.39 7.81 -6.24
N LEU B 602 25.24 8.36 -5.04
CA LEU B 602 24.61 9.67 -4.91
C LEU B 602 25.52 10.80 -5.38
N THR B 603 26.83 10.55 -5.41
CA THR B 603 27.78 11.55 -5.90
C THR B 603 27.56 11.62 -7.42
N GLY B 604 27.27 10.46 -8.01
CA GLY B 604 27.02 10.40 -9.43
C GLY B 604 25.69 11.06 -9.78
N GLU B 605 24.66 10.78 -8.98
CA GLU B 605 23.35 11.37 -9.22
C GLU B 605 23.41 12.89 -9.10
N ARG B 606 24.20 13.39 -8.15
CA ARG B 606 24.34 14.83 -7.99
C ARG B 606 25.01 15.41 -9.23
N GLY B 607 26.03 14.70 -9.71
CA GLY B 607 26.73 15.14 -10.91
C GLY B 607 25.76 15.22 -12.07
N MET B 608 24.85 14.24 -12.15
CA MET B 608 23.87 14.23 -13.22
C MET B 608 22.93 15.44 -13.09
N TYR B 609 22.57 15.79 -11.86
CA TYR B 609 21.71 16.95 -11.67
C TYR B 609 22.45 18.21 -12.12
N GLU B 610 23.73 18.29 -11.78
CA GLU B 610 24.53 19.45 -12.16
C GLU B 610 24.53 19.63 -13.68
N ILE B 611 24.59 18.53 -14.42
CA ILE B 611 24.57 18.62 -15.87
C ILE B 611 23.24 19.24 -16.31
N ALA B 612 22.14 18.79 -15.70
CA ALA B 612 20.81 19.31 -16.02
C ALA B 612 20.73 20.80 -15.69
N ALA B 613 21.53 21.23 -14.72
CA ALA B 613 21.56 22.64 -14.31
C ALA B 613 22.53 23.44 -15.18
N GLY B 614 23.05 22.79 -16.22
CA GLY B 614 23.98 23.44 -17.13
C GLY B 614 25.36 23.70 -16.58
N LYS B 615 25.79 22.91 -15.61
CA LYS B 615 27.11 23.10 -15.02
C LYS B 615 28.07 21.96 -15.33
N ASP B 616 29.36 22.21 -15.13
CA ASP B 616 30.38 21.19 -15.38
C ASP B 616 30.28 20.13 -14.29
N ALA B 617 30.28 18.87 -14.70
CA ALA B 617 30.16 17.77 -13.74
C ALA B 617 31.47 16.99 -13.59
N THR B 618 32.53 17.48 -14.22
CA THR B 618 33.83 16.81 -14.16
C THR B 618 34.27 16.44 -12.75
N PRO B 619 34.13 17.36 -11.78
CA PRO B 619 34.55 17.01 -10.43
C PRO B 619 33.78 15.83 -9.83
N TYR B 620 32.57 15.60 -10.32
CA TYR B 620 31.77 14.48 -9.86
C TYR B 620 32.28 13.21 -10.55
N VAL B 621 32.66 13.33 -11.81
CA VAL B 621 33.22 12.19 -12.54
C VAL B 621 34.52 11.80 -11.81
N LYS B 622 35.36 12.80 -11.54
CA LYS B 622 36.61 12.57 -10.86
C LYS B 622 36.42 11.98 -9.46
N ALA B 623 35.42 12.46 -8.74
CA ALA B 623 35.17 11.95 -7.40
C ALA B 623 34.82 10.47 -7.45
N MET B 624 33.96 10.09 -8.38
CA MET B 624 33.57 8.69 -8.51
C MET B 624 34.79 7.83 -8.85
N GLU B 625 35.68 8.36 -9.68
CA GLU B 625 36.88 7.63 -10.07
C GLU B 625 37.79 7.41 -8.86
N LYS B 626 37.85 8.40 -7.97
CA LYS B 626 38.68 8.28 -6.78
C LYS B 626 38.02 7.35 -5.77
N PHE B 627 36.70 7.31 -5.75
CA PHE B 627 35.98 6.44 -4.83
C PHE B 627 36.19 4.96 -5.20
N ALA B 628 36.45 4.70 -6.49
CA ALA B 628 36.70 3.33 -6.94
C ALA B 628 38.01 2.83 -6.31
N ASN B 629 38.09 1.54 -6.04
CA ASN B 629 39.30 0.99 -5.44
C ASN B 629 40.36 0.69 -6.48
N GLU B 630 41.42 0.01 -6.06
CA GLU B 630 42.53 -0.32 -6.94
C GLU B 630 42.14 -1.17 -8.15
N GLY B 631 41.12 -2.01 -7.98
CA GLY B 631 40.66 -2.84 -9.08
C GLY B 631 39.60 -2.15 -9.91
N GLY B 632 39.38 -0.87 -9.64
CA GLY B 632 38.40 -0.10 -10.36
C GLY B 632 36.96 -0.42 -9.98
N ILE B 633 36.77 -1.02 -8.81
CA ILE B 633 35.44 -1.40 -8.35
C ILE B 633 34.87 -0.36 -7.40
N ILE B 634 33.62 0.02 -7.65
CA ILE B 634 32.92 1.01 -6.84
C ILE B 634 31.97 0.32 -5.87
N SER B 635 32.16 0.60 -4.59
CA SER B 635 31.32 0.02 -3.54
C SER B 635 30.03 0.81 -3.35
N GLU B 636 29.10 0.20 -2.62
CA GLU B 636 27.83 0.82 -2.30
C GLU B 636 28.06 2.03 -1.38
N GLN B 637 28.97 1.90 -0.42
CA GLN B 637 29.25 2.96 0.53
C GLN B 637 30.75 3.15 0.83
N VAL B 638 31.10 4.36 1.25
CA VAL B 638 32.48 4.70 1.61
C VAL B 638 32.47 5.47 2.95
N TRP B 639 33.59 5.40 3.66
CA TRP B 639 33.73 6.08 4.93
C TRP B 639 33.83 7.60 4.77
N GLU B 640 33.32 8.34 5.75
CA GLU B 640 33.37 9.81 5.73
C GLU B 640 34.80 10.37 5.87
N ASP B 641 35.57 9.76 6.77
CA ASP B 641 36.92 10.24 7.04
C ASP B 641 37.94 10.04 5.93
N THR B 642 37.95 8.84 5.33
CA THR B 642 38.92 8.55 4.27
C THR B 642 38.34 8.47 2.87
N GLY B 643 37.04 8.20 2.76
CA GLY B 643 36.45 8.08 1.45
C GLY B 643 36.76 6.70 0.89
N LEU B 644 37.33 5.84 1.73
CA LEU B 644 37.65 4.47 1.35
C LEU B 644 36.39 3.62 1.49
N PRO B 645 36.33 2.47 0.79
CA PRO B 645 35.17 1.58 0.86
C PRO B 645 34.91 1.01 2.25
N THR B 646 33.64 0.81 2.58
CA THR B 646 33.29 0.20 3.86
C THR B 646 33.16 -1.26 3.47
N ASP B 647 32.58 -2.10 4.31
CA ASP B 647 32.44 -3.48 3.90
C ASP B 647 31.07 -3.71 3.28
N SER B 648 30.49 -2.63 2.78
CA SER B 648 29.21 -2.71 2.10
C SER B 648 29.40 -3.44 0.78
N ALA B 649 28.30 -3.72 0.10
CA ALA B 649 28.36 -4.43 -1.18
C ALA B 649 29.27 -3.75 -2.21
N SER B 650 29.96 -4.59 -2.98
CA SER B 650 30.84 -4.12 -4.05
C SER B 650 31.21 -5.32 -4.92
N PRO B 651 31.17 -5.15 -6.25
CA PRO B 651 30.82 -3.91 -6.93
C PRO B 651 29.31 -3.64 -6.89
N LEU B 652 28.90 -2.38 -6.70
CA LEU B 652 27.48 -2.06 -6.71
C LEU B 652 27.18 -1.70 -8.15
N ASN B 653 26.57 -2.64 -8.87
CA ASN B 653 26.27 -2.47 -10.28
C ASN B 653 25.57 -1.18 -10.67
N TRP B 654 24.65 -0.73 -9.82
CA TRP B 654 23.92 0.50 -10.08
C TRP B 654 24.90 1.68 -10.06
N ALA B 655 25.88 1.65 -9.14
CA ALA B 655 26.86 2.72 -9.04
C ALA B 655 27.76 2.75 -10.27
N HIS B 656 28.11 1.58 -10.78
CA HIS B 656 28.95 1.52 -11.97
C HIS B 656 28.14 2.03 -13.17
N ALA B 657 26.86 1.71 -13.21
CA ALA B 657 25.99 2.16 -14.30
C ALA B 657 25.86 3.68 -14.22
N GLU B 658 25.77 4.20 -13.00
CA GLU B 658 25.67 5.64 -12.80
C GLU B 658 26.96 6.33 -13.27
N TYR B 659 28.11 5.73 -12.99
CA TYR B 659 29.37 6.31 -13.42
C TYR B 659 29.44 6.34 -14.95
N VAL B 660 29.02 5.26 -15.59
CA VAL B 660 29.05 5.23 -17.05
C VAL B 660 28.17 6.33 -17.64
N ILE B 661 26.93 6.43 -17.17
CA ILE B 661 26.01 7.44 -17.68
C ILE B 661 26.51 8.86 -17.40
N LEU B 662 27.13 9.09 -16.24
CA LEU B 662 27.64 10.40 -15.86
C LEU B 662 28.83 10.76 -16.75
N PHE B 663 29.75 9.81 -16.87
CA PHE B 663 30.94 9.98 -17.67
C PHE B 663 30.53 10.41 -19.08
N ALA B 664 29.61 9.66 -19.67
CA ALA B 664 29.13 9.93 -21.01
C ALA B 664 28.32 11.23 -21.09
N SER B 665 27.48 11.46 -20.10
CA SER B 665 26.66 12.68 -20.08
C SER B 665 27.51 13.94 -19.93
N ASN B 666 28.61 13.85 -19.18
CA ASN B 666 29.48 15.00 -18.98
C ASN B 666 30.18 15.37 -20.28
N ILE B 667 30.45 14.36 -21.11
CA ILE B 667 31.11 14.57 -22.39
C ILE B 667 30.15 15.18 -23.40
N GLU B 668 28.92 14.68 -23.37
CA GLU B 668 27.85 15.09 -24.28
C GLU B 668 27.16 16.39 -23.82
N HIS B 669 27.39 16.77 -22.57
CA HIS B 669 26.80 17.98 -21.98
C HIS B 669 25.28 17.91 -21.84
N LYS B 670 24.77 16.72 -21.54
CA LYS B 670 23.34 16.52 -21.36
C LYS B 670 23.04 15.19 -20.65
N VAL B 671 21.86 15.10 -20.05
CA VAL B 671 21.42 13.91 -19.34
C VAL B 671 20.98 12.86 -20.35
N LEU B 672 21.90 11.95 -20.66
CA LEU B 672 21.66 10.91 -21.65
C LEU B 672 20.58 9.88 -21.36
N ASP B 673 20.15 9.74 -20.11
CA ASP B 673 19.10 8.76 -19.82
C ASP B 673 17.74 9.36 -19.46
N MET B 674 17.55 10.64 -19.75
CA MET B 674 16.27 11.28 -19.44
C MET B 674 15.28 11.10 -20.59
N PRO B 675 14.08 10.56 -20.31
CA PRO B 675 13.06 10.43 -21.39
C PRO B 675 12.58 11.79 -21.86
N ASP B 676 12.91 12.13 -23.11
CA ASP B 676 12.64 13.41 -23.73
C ASP B 676 11.19 13.82 -23.71
N ILE B 677 10.29 12.96 -24.00
CA ILE B 677 8.83 13.09 -23.94
C ILE B 677 8.39 13.66 -22.57
N VAL B 678 9.00 13.19 -21.50
CA VAL B 678 8.62 13.62 -20.17
C VAL B 678 9.18 15.03 -19.95
N TYR B 679 10.45 15.20 -20.27
CA TYR B 679 11.11 16.50 -20.13
C TYR B 679 10.39 17.58 -20.93
N LYS B 680 10.05 17.26 -22.17
CA LYS B 680 9.38 18.22 -23.03
C LYS B 680 8.01 18.65 -22.51
N ARG B 681 7.32 17.74 -21.84
CA ARG B 681 5.99 18.03 -21.32
C ARG B 681 5.96 18.76 -19.97
N TYR B 682 6.98 18.55 -19.13
CA TYR B 682 6.97 19.16 -17.80
C TYR B 682 8.11 20.12 -17.48
N VAL B 683 9.30 19.85 -18.01
CA VAL B 683 10.45 20.68 -17.72
C VAL B 683 10.92 21.58 -18.85
N ALA B 684 10.54 21.26 -20.08
CA ALA B 684 10.94 22.05 -21.24
C ALA B 684 10.50 23.51 -21.08
#